data_2RJL
# 
_entry.id   2RJL 
# 
_audit_conform.dict_name       mmcif_pdbx.dic 
_audit_conform.dict_version    5.377 
_audit_conform.dict_location   http://mmcif.pdb.org/dictionaries/ascii/mmcif_pdbx.dic 
# 
loop_
_database_2.database_id 
_database_2.database_code 
_database_2.pdbx_database_accession 
_database_2.pdbx_DOI 
PDB   2RJL         pdb_00002rjl 10.2210/pdb2rjl/pdb 
RCSB  RCSB044937   ?            ?                   
WWPDB D_1000044937 ?            ?                   
# 
loop_
_pdbx_database_related.db_name 
_pdbx_database_related.db_id 
_pdbx_database_related.details 
_pdbx_database_related.content_type 
PDB 2QE3 'This is the C95S/C135S mutant of the wild type protein (2QE3)'          unspecified 
PDB 2RJK 'Crystal structure of human TL1A extracellular domain C95S/C135S mutant' unspecified 
# 
_pdbx_database_status.status_code                     REL 
_pdbx_database_status.entry_id                        2RJL 
_pdbx_database_status.recvd_initial_deposition_date   2007-10-15 
_pdbx_database_status.deposit_site                    RCSB 
_pdbx_database_status.process_site                    RCSB 
_pdbx_database_status.status_code_sf                  REL 
_pdbx_database_status.status_code_mr                  ? 
_pdbx_database_status.SG_entry                        ? 
_pdbx_database_status.pdb_format_compatible           Y 
_pdbx_database_status.status_code_cs                  ? 
_pdbx_database_status.status_code_nmr_data            ? 
_pdbx_database_status.methods_development_category    ? 
# 
loop_
_audit_author.name 
_audit_author.pdbx_ordinal 
'Zhan, C.'        1 
'Patskovsky, Y.'  2 
'Yan, Q.'         3 
'Shi, W.'         4 
'Toro, R.'        5 
'Bonanno, J.'     6 
'Nathenson, S.G.' 7 
'Almo, S.C.'      8 
# 
_citation.id                        primary 
_citation.title                     'Biochemical and structural characterization of the human TL1A ectodomain.' 
_citation.journal_abbrev            Biochemistry 
_citation.journal_volume            48 
_citation.page_first                7636 
_citation.page_last                 7645 
_citation.year                      2009 
_citation.journal_id_ASTM           BICHAW 
_citation.country                   US 
_citation.journal_id_ISSN           0006-2960 
_citation.journal_id_CSD            0033 
_citation.book_publisher            ? 
_citation.pdbx_database_id_PubMed   19522538 
_citation.pdbx_database_id_DOI      10.1021/bi900031w 
# 
loop_
_citation_author.citation_id 
_citation_author.name 
_citation_author.ordinal 
_citation_author.identifier_ORCID 
primary 'Zhan, C.'        1  ? 
primary 'Yan, Q.'         2  ? 
primary 'Patskovsky, Y.'  3  ? 
primary 'Li, Z.'          4  ? 
primary 'Toro, R.'        5  ? 
primary 'Meyer, A.'       6  ? 
primary 'Cheng, H.'       7  ? 
primary 'Brenowitz, M.'   8  ? 
primary 'Nathenson, S.G.' 9  ? 
primary 'Almo, S.C.'      10 ? 
# 
_cell.entry_id           2RJL 
_cell.length_a           117.584 
_cell.length_b           117.584 
_cell.length_c           117.584 
_cell.angle_alpha        90.00 
_cell.angle_beta         90.00 
_cell.angle_gamma        90.00 
_cell.Z_PDB              24 
_cell.pdbx_unique_axis   ? 
_cell.length_a_esd       ? 
_cell.length_b_esd       ? 
_cell.length_c_esd       ? 
_cell.angle_alpha_esd    ? 
_cell.angle_beta_esd     ? 
_cell.angle_gamma_esd    ? 
# 
_symmetry.entry_id                         2RJL 
_symmetry.space_group_name_H-M             'P 41 3 2' 
_symmetry.pdbx_full_space_group_name_H-M   ? 
_symmetry.cell_setting                     ? 
_symmetry.Int_Tables_number                213 
_symmetry.space_group_name_Hall            ? 
# 
loop_
_entity.id 
_entity.type 
_entity.src_method 
_entity.pdbx_description 
_entity.formula_weight 
_entity.pdbx_number_of_molecules 
_entity.pdbx_ec 
_entity.pdbx_mutation 
_entity.pdbx_fragment 
_entity.details 
1 polymer man 'TNF superfamily ligand TL1A' 20877.619 1  ? C95S/C135S 'Human TL1A Extracellular Domain' ? 
2 water   nat water                         18.015    72 ? ?          ?                                 ? 
# 
_entity_name_com.entity_id   1 
_entity_name_com.name        'Tumor necrosis factor Ligand, superfamily, member 15' 
# 
_entity_poly.entity_id                      1 
_entity_poly.type                           'polypeptide(L)' 
_entity_poly.nstd_linkage                   no 
_entity_poly.nstd_monomer                   no 
_entity_poly.pdbx_seq_one_letter_code       
;GSHMLKGQEFAPSHQQVYAPLRADGDKPRAHLTVVRQTPTQHFKNQFPALHWEHELGLAFTKNRMNYTNKFLLIPESGDY
FIYSQVTFRGMTSESSEIRQAGRPNKPDSITVVITKVTDSYPEPTQLLMGTKSVSEVGSNWFQPIYLGAMFSLQEGDKLM
VNVSDISLVDYTKEDKTFFGAFLL
;
_entity_poly.pdbx_seq_one_letter_code_can   
;GSHMLKGQEFAPSHQQVYAPLRADGDKPRAHLTVVRQTPTQHFKNQFPALHWEHELGLAFTKNRMNYTNKFLLIPESGDY
FIYSQVTFRGMTSESSEIRQAGRPNKPDSITVVITKVTDSYPEPTQLLMGTKSVSEVGSNWFQPIYLGAMFSLQEGDKLM
VNVSDISLVDYTKEDKTFFGAFLL
;
_entity_poly.pdbx_strand_id                 A 
_entity_poly.pdbx_target_identifier         ? 
# 
loop_
_entity_poly_seq.entity_id 
_entity_poly_seq.num 
_entity_poly_seq.mon_id 
_entity_poly_seq.hetero 
1 1   GLY n 
1 2   SER n 
1 3   HIS n 
1 4   MET n 
1 5   LEU n 
1 6   LYS n 
1 7   GLY n 
1 8   GLN n 
1 9   GLU n 
1 10  PHE n 
1 11  ALA n 
1 12  PRO n 
1 13  SER n 
1 14  HIS n 
1 15  GLN n 
1 16  GLN n 
1 17  VAL n 
1 18  TYR n 
1 19  ALA n 
1 20  PRO n 
1 21  LEU n 
1 22  ARG n 
1 23  ALA n 
1 24  ASP n 
1 25  GLY n 
1 26  ASP n 
1 27  LYS n 
1 28  PRO n 
1 29  ARG n 
1 30  ALA n 
1 31  HIS n 
1 32  LEU n 
1 33  THR n 
1 34  VAL n 
1 35  VAL n 
1 36  ARG n 
1 37  GLN n 
1 38  THR n 
1 39  PRO n 
1 40  THR n 
1 41  GLN n 
1 42  HIS n 
1 43  PHE n 
1 44  LYS n 
1 45  ASN n 
1 46  GLN n 
1 47  PHE n 
1 48  PRO n 
1 49  ALA n 
1 50  LEU n 
1 51  HIS n 
1 52  TRP n 
1 53  GLU n 
1 54  HIS n 
1 55  GLU n 
1 56  LEU n 
1 57  GLY n 
1 58  LEU n 
1 59  ALA n 
1 60  PHE n 
1 61  THR n 
1 62  LYS n 
1 63  ASN n 
1 64  ARG n 
1 65  MET n 
1 66  ASN n 
1 67  TYR n 
1 68  THR n 
1 69  ASN n 
1 70  LYS n 
1 71  PHE n 
1 72  LEU n 
1 73  LEU n 
1 74  ILE n 
1 75  PRO n 
1 76  GLU n 
1 77  SER n 
1 78  GLY n 
1 79  ASP n 
1 80  TYR n 
1 81  PHE n 
1 82  ILE n 
1 83  TYR n 
1 84  SER n 
1 85  GLN n 
1 86  VAL n 
1 87  THR n 
1 88  PHE n 
1 89  ARG n 
1 90  GLY n 
1 91  MET n 
1 92  THR n 
1 93  SER n 
1 94  GLU n 
1 95  SER n 
1 96  SER n 
1 97  GLU n 
1 98  ILE n 
1 99  ARG n 
1 100 GLN n 
1 101 ALA n 
1 102 GLY n 
1 103 ARG n 
1 104 PRO n 
1 105 ASN n 
1 106 LYS n 
1 107 PRO n 
1 108 ASP n 
1 109 SER n 
1 110 ILE n 
1 111 THR n 
1 112 VAL n 
1 113 VAL n 
1 114 ILE n 
1 115 THR n 
1 116 LYS n 
1 117 VAL n 
1 118 THR n 
1 119 ASP n 
1 120 SER n 
1 121 TYR n 
1 122 PRO n 
1 123 GLU n 
1 124 PRO n 
1 125 THR n 
1 126 GLN n 
1 127 LEU n 
1 128 LEU n 
1 129 MET n 
1 130 GLY n 
1 131 THR n 
1 132 LYS n 
1 133 SER n 
1 134 VAL n 
1 135 SER n 
1 136 GLU n 
1 137 VAL n 
1 138 GLY n 
1 139 SER n 
1 140 ASN n 
1 141 TRP n 
1 142 PHE n 
1 143 GLN n 
1 144 PRO n 
1 145 ILE n 
1 146 TYR n 
1 147 LEU n 
1 148 GLY n 
1 149 ALA n 
1 150 MET n 
1 151 PHE n 
1 152 SER n 
1 153 LEU n 
1 154 GLN n 
1 155 GLU n 
1 156 GLY n 
1 157 ASP n 
1 158 LYS n 
1 159 LEU n 
1 160 MET n 
1 161 VAL n 
1 162 ASN n 
1 163 VAL n 
1 164 SER n 
1 165 ASP n 
1 166 ILE n 
1 167 SER n 
1 168 LEU n 
1 169 VAL n 
1 170 ASP n 
1 171 TYR n 
1 172 THR n 
1 173 LYS n 
1 174 GLU n 
1 175 ASP n 
1 176 LYS n 
1 177 THR n 
1 178 PHE n 
1 179 PHE n 
1 180 GLY n 
1 181 ALA n 
1 182 PHE n 
1 183 LEU n 
1 184 LEU n 
# 
_entity_src_gen.entity_id                          1 
_entity_src_gen.pdbx_src_id                        1 
_entity_src_gen.pdbx_alt_source_flag               sample 
_entity_src_gen.pdbx_seq_type                      ? 
_entity_src_gen.pdbx_beg_seq_num                   ? 
_entity_src_gen.pdbx_end_seq_num                   ? 
_entity_src_gen.gene_src_common_name               Human 
_entity_src_gen.gene_src_genus                     ? 
_entity_src_gen.pdbx_gene_src_gene                 TNFSF15 
_entity_src_gen.gene_src_species                   ? 
_entity_src_gen.gene_src_strain                    ? 
_entity_src_gen.gene_src_tissue                    ? 
_entity_src_gen.gene_src_tissue_fraction           ? 
_entity_src_gen.gene_src_details                   ? 
_entity_src_gen.pdbx_gene_src_fragment             ? 
_entity_src_gen.pdbx_gene_src_scientific_name      'Homo sapiens' 
_entity_src_gen.pdbx_gene_src_ncbi_taxonomy_id     ? 
_entity_src_gen.pdbx_gene_src_variant              ? 
_entity_src_gen.pdbx_gene_src_cell_line            ? 
_entity_src_gen.pdbx_gene_src_atcc                 ? 
_entity_src_gen.pdbx_gene_src_organ                ? 
_entity_src_gen.pdbx_gene_src_organelle            ? 
_entity_src_gen.pdbx_gene_src_cell                 ? 
_entity_src_gen.pdbx_gene_src_cellular_location    ? 
_entity_src_gen.host_org_common_name               ? 
_entity_src_gen.pdbx_host_org_scientific_name      'Escherichia coli' 
_entity_src_gen.pdbx_host_org_ncbi_taxonomy_id     ? 
_entity_src_gen.host_org_genus                     ? 
_entity_src_gen.pdbx_host_org_gene                 ? 
_entity_src_gen.pdbx_host_org_organ                ? 
_entity_src_gen.host_org_species                   ? 
_entity_src_gen.pdbx_host_org_tissue               ? 
_entity_src_gen.pdbx_host_org_tissue_fraction      ? 
_entity_src_gen.pdbx_host_org_strain               BL21-AI 
_entity_src_gen.pdbx_host_org_variant              ? 
_entity_src_gen.pdbx_host_org_cell_line            ? 
_entity_src_gen.pdbx_host_org_atcc                 ? 
_entity_src_gen.pdbx_host_org_culture_collection   ? 
_entity_src_gen.pdbx_host_org_cell                 ? 
_entity_src_gen.pdbx_host_org_organelle            ? 
_entity_src_gen.pdbx_host_org_cellular_location    ? 
_entity_src_gen.pdbx_host_org_vector_type          plasmid 
_entity_src_gen.pdbx_host_org_vector               ? 
_entity_src_gen.host_org_details                   ? 
_entity_src_gen.expression_system_id               ? 
_entity_src_gen.plasmid_name                       pET-28a 
_entity_src_gen.plasmid_details                    ? 
_entity_src_gen.pdbx_description                   ? 
# 
_struct_ref.id                         1 
_struct_ref.db_name                    UNP 
_struct_ref.db_code                    Q8NFE9_HUMAN 
_struct_ref.pdbx_db_accession          Q8NFE9 
_struct_ref.entity_id                  1 
_struct_ref.pdbx_seq_one_letter_code   
;LKGQEFAPSHQQVYAPLRADGDKPRAHLTVVRQTPTQHFKNQFPALHWEHELGLAFTKNRMNYTNKFLLIPESGDYFIYS
QVTFRGMTSECSEIRQAGRPNKPDSITVVITKVTDSYPEPTQLLMGTKSVCEVGSNWFQPIYLGAMFSLQEGDKLMVNVS
DISLVDYTKEDKTFFGAFLL
;
_struct_ref.pdbx_align_begin           72 
_struct_ref.pdbx_db_isoform            ? 
# 
_struct_ref_seq.align_id                      1 
_struct_ref_seq.ref_id                        1 
_struct_ref_seq.pdbx_PDB_id_code              2RJL 
_struct_ref_seq.pdbx_strand_id                A 
_struct_ref_seq.seq_align_beg                 5 
_struct_ref_seq.pdbx_seq_align_beg_ins_code   ? 
_struct_ref_seq.seq_align_end                 184 
_struct_ref_seq.pdbx_seq_align_end_ins_code   ? 
_struct_ref_seq.pdbx_db_accession             Q8NFE9 
_struct_ref_seq.db_align_beg                  72 
_struct_ref_seq.pdbx_db_align_beg_ins_code    ? 
_struct_ref_seq.db_align_end                  251 
_struct_ref_seq.pdbx_db_align_end_ins_code    ? 
_struct_ref_seq.pdbx_auth_seq_align_beg       5 
_struct_ref_seq.pdbx_auth_seq_align_end       184 
# 
loop_
_struct_ref_seq_dif.align_id 
_struct_ref_seq_dif.pdbx_pdb_id_code 
_struct_ref_seq_dif.mon_id 
_struct_ref_seq_dif.pdbx_pdb_strand_id 
_struct_ref_seq_dif.seq_num 
_struct_ref_seq_dif.pdbx_pdb_ins_code 
_struct_ref_seq_dif.pdbx_seq_db_name 
_struct_ref_seq_dif.pdbx_seq_db_accession_code 
_struct_ref_seq_dif.db_mon_id 
_struct_ref_seq_dif.pdbx_seq_db_seq_num 
_struct_ref_seq_dif.details 
_struct_ref_seq_dif.pdbx_auth_seq_num 
_struct_ref_seq_dif.pdbx_ordinal 
1 2RJL GLY A 1   ? UNP Q8NFE9 ?   ?   'expression tag'      1   1 
1 2RJL SER A 2   ? UNP Q8NFE9 ?   ?   'expression tag'      2   2 
1 2RJL HIS A 3   ? UNP Q8NFE9 ?   ?   'expression tag'      3   3 
1 2RJL MET A 4   ? UNP Q8NFE9 ?   ?   'expression tag'      4   4 
1 2RJL SER A 95  ? UNP Q8NFE9 CYS 162 'engineered mutation' 95  5 
1 2RJL SER A 135 ? UNP Q8NFE9 CYS 202 'engineered mutation' 135 6 
# 
loop_
_chem_comp.id 
_chem_comp.type 
_chem_comp.mon_nstd_flag 
_chem_comp.name 
_chem_comp.pdbx_synonyms 
_chem_comp.formula 
_chem_comp.formula_weight 
ALA 'L-peptide linking' y ALANINE         ? 'C3 H7 N O2'     89.093  
ARG 'L-peptide linking' y ARGININE        ? 'C6 H15 N4 O2 1' 175.209 
ASN 'L-peptide linking' y ASPARAGINE      ? 'C4 H8 N2 O3'    132.118 
ASP 'L-peptide linking' y 'ASPARTIC ACID' ? 'C4 H7 N O4'     133.103 
CYS 'L-peptide linking' y CYSTEINE        ? 'C3 H7 N O2 S'   121.158 
GLN 'L-peptide linking' y GLUTAMINE       ? 'C5 H10 N2 O3'   146.144 
GLU 'L-peptide linking' y 'GLUTAMIC ACID' ? 'C5 H9 N O4'     147.129 
GLY 'peptide linking'   y GLYCINE         ? 'C2 H5 N O2'     75.067  
HIS 'L-peptide linking' y HISTIDINE       ? 'C6 H10 N3 O2 1' 156.162 
HOH non-polymer         . WATER           ? 'H2 O'           18.015  
ILE 'L-peptide linking' y ISOLEUCINE      ? 'C6 H13 N O2'    131.173 
LEU 'L-peptide linking' y LEUCINE         ? 'C6 H13 N O2'    131.173 
LYS 'L-peptide linking' y LYSINE          ? 'C6 H15 N2 O2 1' 147.195 
MET 'L-peptide linking' y METHIONINE      ? 'C5 H11 N O2 S'  149.211 
PHE 'L-peptide linking' y PHENYLALANINE   ? 'C9 H11 N O2'    165.189 
PRO 'L-peptide linking' y PROLINE         ? 'C5 H9 N O2'     115.130 
SER 'L-peptide linking' y SERINE          ? 'C3 H7 N O3'     105.093 
THR 'L-peptide linking' y THREONINE       ? 'C4 H9 N O3'     119.119 
TRP 'L-peptide linking' y TRYPTOPHAN      ? 'C11 H12 N2 O2'  204.225 
TYR 'L-peptide linking' y TYROSINE        ? 'C9 H11 N O3'    181.189 
VAL 'L-peptide linking' y VALINE          ? 'C5 H11 N O2'    117.146 
# 
_exptl.entry_id          2RJL 
_exptl.method            'X-RAY DIFFRACTION' 
_exptl.crystals_number   1 
# 
_exptl_crystal.id                    1 
_exptl_crystal.density_meas          ? 
_exptl_crystal.density_Matthews      3.39 
_exptl_crystal.density_percent_sol   63.71 
_exptl_crystal.description           ? 
_exptl_crystal.F_000                 ? 
_exptl_crystal.preparation           ? 
# 
_exptl_crystal_grow.crystal_id      1 
_exptl_crystal_grow.method          ? 
_exptl_crystal_grow.temp            298.0 
_exptl_crystal_grow.temp_details    ? 
_exptl_crystal_grow.pH              8.50 
_exptl_crystal_grow.pdbx_details    
'10 MM CACL2, 100 MM TRIS, PH 8.50, 20% METHONAL, VAPOR DIFFUSION, SITTING DROP, TEMPERATURE 290K, temperature 298.0K' 
_exptl_crystal_grow.pdbx_pH_range   . 
# 
_diffrn.id                     1 
_diffrn.ambient_temp           100.0 
_diffrn.ambient_temp_details   ? 
_diffrn.crystal_id             1 
# 
_diffrn_detector.diffrn_id              1 
_diffrn_detector.detector               CCD 
_diffrn_detector.type                   'ADSC QUANTUM 315' 
_diffrn_detector.pdbx_collection_date   2007-06-29 
_diffrn_detector.details                MIRRORS 
# 
_diffrn_radiation.diffrn_id                        1 
_diffrn_radiation.wavelength_id                    1 
_diffrn_radiation.pdbx_monochromatic_or_laue_m_l   M 
_diffrn_radiation.monochromator                    MIRRORS 
_diffrn_radiation.pdbx_diffrn_protocol             'SINGLE WAVELENGTH' 
_diffrn_radiation.pdbx_scattering_type             x-ray 
# 
_diffrn_radiation_wavelength.id           1 
_diffrn_radiation_wavelength.wavelength   0.97910 
_diffrn_radiation_wavelength.wt           1.0 
# 
_diffrn_source.diffrn_id                   1 
_diffrn_source.source                      SYNCHROTRON 
_diffrn_source.type                        'NSLS BEAMLINE X29A' 
_diffrn_source.pdbx_synchrotron_site       NSLS 
_diffrn_source.pdbx_synchrotron_beamline   X29A 
_diffrn_source.pdbx_wavelength             0.97910 
_diffrn_source.pdbx_wavelength_list        ? 
# 
_reflns.entry_id                     2RJL 
_reflns.observed_criterion_sigma_I   0.000 
_reflns.observed_criterion_sigma_F   ? 
_reflns.d_resolution_low             50.000 
_reflns.d_resolution_high            2.050 
_reflns.number_obs                   17934 
_reflns.number_all                   ? 
_reflns.percent_possible_obs         99.3 
_reflns.pdbx_Rmerge_I_obs            0.10100 
_reflns.pdbx_Rsym_value              0.10200 
_reflns.pdbx_netI_over_sigmaI        30.6250 
_reflns.B_iso_Wilson_estimate        ? 
_reflns.pdbx_redundancy              21.000 
_reflns.R_free_details               ? 
_reflns.limit_h_max                  ? 
_reflns.limit_h_min                  ? 
_reflns.limit_k_max                  ? 
_reflns.limit_k_min                  ? 
_reflns.limit_l_max                  ? 
_reflns.limit_l_min                  ? 
_reflns.observed_criterion_F_max     ? 
_reflns.observed_criterion_F_min     ? 
_reflns.pdbx_chi_squared             ? 
_reflns.pdbx_scaling_rejects         ? 
_reflns.pdbx_diffrn_id               1 
_reflns.pdbx_ordinal                 1 
# 
_reflns_shell.d_res_high             2.05 
_reflns_shell.d_res_low              2.12 
_reflns_shell.percent_possible_all   93.1 
_reflns_shell.Rmerge_I_obs           0.83000 
_reflns_shell.pdbx_Rsym_value        0.86100 
_reflns_shell.meanI_over_sigI_obs    2.200 
_reflns_shell.pdbx_redundancy        8.60 
_reflns_shell.percent_possible_obs   ? 
_reflns_shell.number_unique_all      ? 
_reflns_shell.number_measured_all    ? 
_reflns_shell.number_measured_obs    ? 
_reflns_shell.number_unique_obs      ? 
_reflns_shell.pdbx_chi_squared       ? 
_reflns_shell.pdbx_diffrn_id         ? 
_reflns_shell.pdbx_ordinal           1 
# 
_refine.entry_id                                 2RJL 
_refine.ls_number_reflns_obs                     17323 
_refine.ls_number_reflns_all                     ? 
_refine.pdbx_ls_sigma_I                          ? 
_refine.pdbx_ls_sigma_F                          ? 
_refine.pdbx_data_cutoff_high_absF               ? 
_refine.pdbx_data_cutoff_low_absF                ? 
_refine.pdbx_data_cutoff_high_rms_absF           ? 
_refine.ls_d_res_low                             27.71 
_refine.ls_d_res_high                            2.05 
_refine.ls_percent_reflns_obs                    99.3 
_refine.ls_R_factor_obs                          0.210 
_refine.ls_R_factor_all                          ? 
_refine.ls_R_factor_R_work                       0.209 
_refine.ls_R_factor_R_free                       0.244 
_refine.ls_R_factor_R_free_error                 ? 
_refine.ls_R_factor_R_free_error_details         ? 
_refine.ls_percent_reflns_R_free                 3.100 
_refine.ls_number_reflns_R_free                  553 
_refine.ls_number_parameters                     ? 
_refine.ls_number_restraints                     ? 
_refine.occupancy_min                            ? 
_refine.occupancy_max                            ? 
_refine.correlation_coeff_Fo_to_Fc               0.941 
_refine.correlation_coeff_Fo_to_Fc_free          0.923 
_refine.B_iso_mean                               40.365 
_refine.aniso_B[1][1]                            ? 
_refine.aniso_B[2][2]                            ? 
_refine.aniso_B[3][3]                            ? 
_refine.aniso_B[1][2]                            ? 
_refine.aniso_B[1][3]                            ? 
_refine.aniso_B[2][3]                            ? 
_refine.solvent_model_details                    'BABINET MODEL WITH MASK' 
_refine.solvent_model_param_ksol                 ? 
_refine.solvent_model_param_bsol                 ? 
_refine.pdbx_solvent_vdw_probe_radii             1.40 
_refine.pdbx_solvent_ion_probe_radii             0.80 
_refine.pdbx_solvent_shrinkage_radii             0.80 
_refine.pdbx_ls_cross_valid_method               THROUGHOUT 
_refine.details                                  'HYDROGENS HAVE BEEN ADDED IN THE RIDING POSITIONS' 
_refine.pdbx_starting_model                      'PDB ENTRY 2QE3' 
_refine.pdbx_method_to_determine_struct          'MOLECULAR REPLACEMENT' 
_refine.pdbx_isotropic_thermal_model             ? 
_refine.pdbx_stereochemistry_target_values       'MAXIMUM LIKELIHOOD' 
_refine.pdbx_stereochem_target_val_spec_case     ? 
_refine.pdbx_R_Free_selection_details            RANDOM 
_refine.pdbx_overall_ESU_R                       0.136 
_refine.pdbx_overall_ESU_R_Free                  0.135 
_refine.overall_SU_ML                            0.082 
_refine.overall_SU_B                             2.880 
_refine.ls_redundancy_reflns_obs                 ? 
_refine.B_iso_min                                ? 
_refine.B_iso_max                                ? 
_refine.overall_SU_R_Cruickshank_DPI             ? 
_refine.overall_SU_R_free                        ? 
_refine.ls_wR_factor_R_free                      ? 
_refine.ls_wR_factor_R_work                      ? 
_refine.overall_FOM_free_R_set                   ? 
_refine.overall_FOM_work_R_set                   ? 
_refine.pdbx_refine_id                           'X-RAY DIFFRACTION' 
_refine.pdbx_diffrn_id                           1 
_refine.pdbx_TLS_residual_ADP_flag               ? 
_refine.pdbx_overall_phase_error                 ? 
_refine.pdbx_overall_SU_R_free_Cruickshank_DPI   ? 
_refine.pdbx_overall_SU_R_Blow_DPI               ? 
_refine.pdbx_overall_SU_R_free_Blow_DPI          ? 
# 
_refine_hist.pdbx_refine_id                   'X-RAY DIFFRACTION' 
_refine_hist.cycle_id                         LAST 
_refine_hist.pdbx_number_atoms_protein        1148 
_refine_hist.pdbx_number_atoms_nucleic_acid   0 
_refine_hist.pdbx_number_atoms_ligand         0 
_refine_hist.number_atoms_solvent             72 
_refine_hist.number_atoms_total               1220 
_refine_hist.d_res_high                       2.05 
_refine_hist.d_res_low                        27.71 
# 
loop_
_refine_ls_restr.type 
_refine_ls_restr.dev_ideal 
_refine_ls_restr.dev_ideal_target 
_refine_ls_restr.weight 
_refine_ls_restr.number 
_refine_ls_restr.pdbx_refine_id 
_refine_ls_restr.pdbx_restraint_function 
r_bond_refined_d             0.011  0.022  ? 1178 'X-RAY DIFFRACTION' ? 
r_bond_other_d               ?      ?      ? ?    'X-RAY DIFFRACTION' ? 
r_angle_refined_deg          1.281  1.961  ? 1599 'X-RAY DIFFRACTION' ? 
r_angle_other_deg            ?      ?      ? ?    'X-RAY DIFFRACTION' ? 
r_dihedral_angle_1_deg       9.366  5.000  ? 142  'X-RAY DIFFRACTION' ? 
r_dihedral_angle_2_deg       40.640 24.038 ? 52   'X-RAY DIFFRACTION' ? 
r_dihedral_angle_3_deg       15.045 15.000 ? 202  'X-RAY DIFFRACTION' ? 
r_dihedral_angle_4_deg       24.581 15.000 ? 5    'X-RAY DIFFRACTION' ? 
r_chiral_restr               0.119  0.200  ? 179  'X-RAY DIFFRACTION' ? 
r_gen_planes_refined         0.005  0.020  ? 885  'X-RAY DIFFRACTION' ? 
r_gen_planes_other           ?      ?      ? ?    'X-RAY DIFFRACTION' ? 
r_nbd_refined                0.194  0.300  ? 505  'X-RAY DIFFRACTION' ? 
r_nbd_other                  ?      ?      ? ?    'X-RAY DIFFRACTION' ? 
r_nbtor_refined              0.317  0.500  ? 829  'X-RAY DIFFRACTION' ? 
r_nbtor_other                ?      ?      ? ?    'X-RAY DIFFRACTION' ? 
r_xyhbond_nbd_refined        0.172  0.500  ? 145  'X-RAY DIFFRACTION' ? 
r_xyhbond_nbd_other          ?      ?      ? ?    'X-RAY DIFFRACTION' ? 
r_metal_ion_refined          ?      ?      ? ?    'X-RAY DIFFRACTION' ? 
r_metal_ion_other            ?      ?      ? ?    'X-RAY DIFFRACTION' ? 
r_symmetry_vdw_refined       0.169  0.300  ? 32   'X-RAY DIFFRACTION' ? 
r_symmetry_vdw_other         ?      ?      ? ?    'X-RAY DIFFRACTION' ? 
r_symmetry_hbond_refined     0.169  0.500  ? 21   'X-RAY DIFFRACTION' ? 
r_symmetry_hbond_other       ?      ?      ? ?    'X-RAY DIFFRACTION' ? 
r_symmetry_metal_ion_refined ?      ?      ? ?    'X-RAY DIFFRACTION' ? 
r_symmetry_metal_ion_other   ?      ?      ? ?    'X-RAY DIFFRACTION' ? 
r_mcbond_it                  6.612  1.500  ? 730  'X-RAY DIFFRACTION' ? 
r_mcbond_other               ?      ?      ? ?    'X-RAY DIFFRACTION' ? 
r_mcangle_it                 8.870  2.000  ? 1161 'X-RAY DIFFRACTION' ? 
r_scbond_it                  9.621  3.000  ? 511  'X-RAY DIFFRACTION' ? 
r_scangle_it                 11.415 4.500  ? 437  'X-RAY DIFFRACTION' ? 
r_rigid_bond_restr           ?      ?      ? ?    'X-RAY DIFFRACTION' ? 
r_sphericity_free            ?      ?      ? ?    'X-RAY DIFFRACTION' ? 
r_sphericity_bonded          ?      ?      ? ?    'X-RAY DIFFRACTION' ? 
# 
_refine_ls_shell.pdbx_total_number_of_bins_used   20 
_refine_ls_shell.d_res_high                       2.05 
_refine_ls_shell.d_res_low                        2.10 
_refine_ls_shell.number_reflns_R_work             1132 
_refine_ls_shell.R_factor_R_work                  0.2130 
_refine_ls_shell.percent_reflns_obs               90.87 
_refine_ls_shell.R_factor_R_free                  0.2940 
_refine_ls_shell.R_factor_R_free_error            ? 
_refine_ls_shell.percent_reflns_R_free            ? 
_refine_ls_shell.number_reflns_R_free             43 
_refine_ls_shell.number_reflns_all                ? 
_refine_ls_shell.R_factor_all                     ? 
_refine_ls_shell.redundancy_reflns_obs            ? 
_refine_ls_shell.number_reflns_obs                ? 
_refine_ls_shell.pdbx_refine_id                   'X-RAY DIFFRACTION' 
# 
_struct.entry_id                  2RJL 
_struct.title                     'Crystal structure of human TL1A extracellular domain C95S/C135S mutant' 
_struct.pdbx_model_details        ? 
_struct.pdbx_CASP_flag            ? 
_struct.pdbx_model_type_details   ? 
# 
_struct_keywords.entry_id        2RJL 
_struct_keywords.pdbx_keywords   CYTOKINE 
_struct_keywords.text            'TL1A, TNFSF, CYTOKINE, MUTANT, Membrane, Transmembrane' 
# 
loop_
_struct_asym.id 
_struct_asym.pdbx_blank_PDB_chainid_flag 
_struct_asym.pdbx_modified 
_struct_asym.entity_id 
_struct_asym.details 
A N N 1 ? 
B N N 2 ? 
# 
_struct_biol.id        1 
_struct_biol.details   ? 
# 
_struct_conf.conf_type_id            HELX_P 
_struct_conf.id                      HELX_P1 
_struct_conf.pdbx_PDB_helix_id       1 
_struct_conf.beg_label_comp_id       ASP 
_struct_conf.beg_label_asym_id       A 
_struct_conf.beg_label_seq_id        165 
_struct_conf.pdbx_beg_PDB_ins_code   ? 
_struct_conf.end_label_comp_id       VAL 
_struct_conf.end_label_asym_id       A 
_struct_conf.end_label_seq_id        169 
_struct_conf.pdbx_end_PDB_ins_code   ? 
_struct_conf.beg_auth_comp_id        ASP 
_struct_conf.beg_auth_asym_id        A 
_struct_conf.beg_auth_seq_id         165 
_struct_conf.end_auth_comp_id        VAL 
_struct_conf.end_auth_asym_id        A 
_struct_conf.end_auth_seq_id         169 
_struct_conf.pdbx_PDB_helix_class    5 
_struct_conf.details                 ? 
_struct_conf.pdbx_PDB_helix_length   5 
# 
_struct_conf_type.id          HELX_P 
_struct_conf_type.criteria    ? 
_struct_conf_type.reference   ? 
# 
loop_
_struct_sheet.id 
_struct_sheet.type 
_struct_sheet.number_strands 
_struct_sheet.details 
A ? 3 ? 
B ? 5 ? 
C ? 5 ? 
# 
loop_
_struct_sheet_order.sheet_id 
_struct_sheet_order.range_id_1 
_struct_sheet_order.range_id_2 
_struct_sheet_order.offset 
_struct_sheet_order.sense 
A 1 2 ? anti-parallel 
A 2 3 ? anti-parallel 
B 1 2 ? anti-parallel 
B 2 3 ? anti-parallel 
B 3 4 ? anti-parallel 
B 4 5 ? anti-parallel 
C 1 2 ? anti-parallel 
C 2 3 ? anti-parallel 
C 3 4 ? anti-parallel 
C 4 5 ? anti-parallel 
# 
loop_
_struct_sheet_range.sheet_id 
_struct_sheet_range.id 
_struct_sheet_range.beg_label_comp_id 
_struct_sheet_range.beg_label_asym_id 
_struct_sheet_range.beg_label_seq_id 
_struct_sheet_range.pdbx_beg_PDB_ins_code 
_struct_sheet_range.end_label_comp_id 
_struct_sheet_range.end_label_asym_id 
_struct_sheet_range.end_label_seq_id 
_struct_sheet_range.pdbx_end_PDB_ins_code 
_struct_sheet_range.beg_auth_comp_id 
_struct_sheet_range.beg_auth_asym_id 
_struct_sheet_range.beg_auth_seq_id 
_struct_sheet_range.end_auth_comp_id 
_struct_sheet_range.end_auth_asym_id 
_struct_sheet_range.end_auth_seq_id 
A 1 TRP A 52  ? GLU A 53  ? TRP A 52  GLU A 53  
A 2 ARG A 29  ? VAL A 34  ? ARG A 29  VAL A 34  
A 3 PHE A 60  ? LYS A 62  ? PHE A 60  LYS A 62  
B 1 TRP A 52  ? GLU A 53  ? TRP A 52  GLU A 53  
B 2 ARG A 29  ? VAL A 34  ? ARG A 29  VAL A 34  
B 3 PHE A 178 ? LEU A 183 ? PHE A 178 LEU A 183 
B 4 GLY A 78  ? ARG A 89  ? GLY A 78  ARG A 89  
B 5 PHE A 142 ? LEU A 153 ? PHE A 142 LEU A 153 
C 1 ASN A 66  ? THR A 68  ? ASN A 66  THR A 68  
C 2 PHE A 71  ? LEU A 73  ? PHE A 71  LEU A 73  
C 3 LYS A 158 ? VAL A 163 ? LYS A 158 VAL A 163 
C 4 SER A 109 ? VAL A 117 ? SER A 109 VAL A 117 
C 5 THR A 125 ? SER A 133 ? THR A 125 SER A 133 
# 
loop_
_pdbx_struct_sheet_hbond.sheet_id 
_pdbx_struct_sheet_hbond.range_id_1 
_pdbx_struct_sheet_hbond.range_id_2 
_pdbx_struct_sheet_hbond.range_1_label_atom_id 
_pdbx_struct_sheet_hbond.range_1_label_comp_id 
_pdbx_struct_sheet_hbond.range_1_label_asym_id 
_pdbx_struct_sheet_hbond.range_1_label_seq_id 
_pdbx_struct_sheet_hbond.range_1_PDB_ins_code 
_pdbx_struct_sheet_hbond.range_1_auth_atom_id 
_pdbx_struct_sheet_hbond.range_1_auth_comp_id 
_pdbx_struct_sheet_hbond.range_1_auth_asym_id 
_pdbx_struct_sheet_hbond.range_1_auth_seq_id 
_pdbx_struct_sheet_hbond.range_2_label_atom_id 
_pdbx_struct_sheet_hbond.range_2_label_comp_id 
_pdbx_struct_sheet_hbond.range_2_label_asym_id 
_pdbx_struct_sheet_hbond.range_2_label_seq_id 
_pdbx_struct_sheet_hbond.range_2_PDB_ins_code 
_pdbx_struct_sheet_hbond.range_2_auth_atom_id 
_pdbx_struct_sheet_hbond.range_2_auth_comp_id 
_pdbx_struct_sheet_hbond.range_2_auth_asym_id 
_pdbx_struct_sheet_hbond.range_2_auth_seq_id 
A 1 2 O GLU A 53  ? O GLU A 53  N THR A 33  ? N THR A 33  
A 2 3 N HIS A 31  ? N HIS A 31  O PHE A 60  ? O PHE A 60  
B 1 2 O GLU A 53  ? O GLU A 53  N THR A 33  ? N THR A 33  
B 2 3 N LEU A 32  ? N LEU A 32  O PHE A 179 ? O PHE A 179 
B 3 4 O GLY A 180 ? O GLY A 180 N TYR A 83  ? N TYR A 83  
B 4 5 N PHE A 88  ? N PHE A 88  O GLN A 143 ? O GLN A 143 
C 1 2 N ASN A 66  ? N ASN A 66  O LEU A 73  ? O LEU A 73  
C 2 3 N LEU A 72  ? N LEU A 72  O LEU A 159 ? O LEU A 159 
C 3 4 O ASN A 162 ? O ASN A 162 N VAL A 113 ? N VAL A 113 
C 4 5 N VAL A 112 ? N VAL A 112 O GLY A 130 ? O GLY A 130 
# 
_atom_sites.entry_id                    2RJL 
_atom_sites.fract_transf_matrix[1][1]   0.00296383 
_atom_sites.fract_transf_matrix[1][2]   0.00604040 
_atom_sites.fract_transf_matrix[1][3]   0.00520234 
_atom_sites.fract_transf_matrix[2][1]   -0.00699855 
_atom_sites.fract_transf_matrix[2][2]   0.00462919 
_atom_sites.fract_transf_matrix[2][3]   -0.00138776 
_atom_sites.fract_transf_matrix[3][1]   -0.00381720 
_atom_sites.fract_transf_matrix[3][2]   -0.00379727 
_atom_sites.fract_transf_matrix[3][3]   0.00658368 
_atom_sites.fract_transf_vector[1]      0.269729 
_atom_sites.fract_transf_vector[2]      -0.172827 
_atom_sites.fract_transf_vector[3]      -0.169924 
# 
loop_
_atom_type.symbol 
C 
N 
O 
S 
# 
loop_
_atom_site.group_PDB 
_atom_site.id 
_atom_site.type_symbol 
_atom_site.label_atom_id 
_atom_site.label_alt_id 
_atom_site.label_comp_id 
_atom_site.label_asym_id 
_atom_site.label_entity_id 
_atom_site.label_seq_id 
_atom_site.pdbx_PDB_ins_code 
_atom_site.Cartn_x 
_atom_site.Cartn_y 
_atom_site.Cartn_z 
_atom_site.occupancy 
_atom_site.B_iso_or_equiv 
_atom_site.pdbx_formal_charge 
_atom_site.auth_seq_id 
_atom_site.auth_comp_id 
_atom_site.auth_asym_id 
_atom_site.auth_atom_id 
_atom_site.pdbx_PDB_model_num 
ATOM   1    N N   . GLY A 1 25  ? 8.886   21.937  -6.086  1.00 66.83  ? 25  GLY A N   1 
ATOM   2    C CA  . GLY A 1 25  ? 9.083   22.118  -4.618  1.00 75.46  ? 25  GLY A CA  1 
ATOM   3    C C   . GLY A 1 25  ? 7.931   21.552  -3.805  1.00 79.36  ? 25  GLY A C   1 
ATOM   4    O O   . GLY A 1 25  ? 8.063   20.487  -3.182  1.00 66.55  ? 25  GLY A O   1 
ATOM   5    N N   . ASP A 1 26  ? 6.796   22.261  -3.818  1.00 53.26  ? 26  ASP A N   1 
ATOM   6    C CA  . ASP A 1 26  ? 5.621   21.858  -3.040  1.00 65.85  ? 26  ASP A CA  1 
ATOM   7    C C   . ASP A 1 26  ? 4.695   20.874  -3.776  1.00 45.28  ? 26  ASP A C   1 
ATOM   8    O O   . ASP A 1 26  ? 3.497   21.107  -3.915  1.00 59.43  ? 26  ASP A O   1 
ATOM   9    C CB  . ASP A 1 26  ? 4.849   23.081  -2.526  1.00 71.52  ? 26  ASP A CB  1 
ATOM   10   C CG  . ASP A 1 26  ? 4.298   23.950  -3.649  1.00 101.62 ? 26  ASP A CG  1 
ATOM   11   O OD1 . ASP A 1 26  ? 3.504   24.869  -3.348  1.00 116.15 ? 26  ASP A OD1 1 
ATOM   12   O OD2 . ASP A 1 26  ? 4.651   23.719  -4.828  1.00 109.52 ? 26  ASP A OD2 1 
ATOM   13   N N   . LYS A 1 27  ? 5.261   19.769  -4.246  1.00 39.28  ? 27  LYS A N   1 
ATOM   14   C CA  . LYS A 1 27  ? 4.453   18.690  -4.805  1.00 31.14  ? 27  LYS A CA  1 
ATOM   15   C C   . LYS A 1 27  ? 3.944   17.793  -3.680  1.00 21.62  ? 27  LYS A C   1 
ATOM   16   O O   . LYS A 1 27  ? 4.678   17.535  -2.720  1.00 30.39  ? 27  LYS A O   1 
ATOM   17   C CB  . LYS A 1 27  ? 5.278   17.906  -5.810  1.00 34.07  ? 27  LYS A CB  1 
ATOM   18   C CG  . LYS A 1 27  ? 6.042   18.814  -6.729  1.00 38.58  ? 27  LYS A CG  1 
ATOM   19   C CD  . LYS A 1 27  ? 6.462   18.135  -7.996  1.00 36.33  ? 27  LYS A CD  1 
ATOM   20   C CE  . LYS A 1 27  ? 6.872   19.163  -9.039  1.00 44.14  ? 27  LYS A CE  1 
ATOM   21   N NZ  . LYS A 1 27  ? 7.341   18.470  -10.259 1.00 47.90  ? 27  LYS A NZ  1 
ATOM   22   N N   . PRO A 1 28  ? 2.686   17.341  -3.789  1.00 26.59  ? 28  PRO A N   1 
ATOM   23   C CA  . PRO A 1 28  ? 2.093   16.360  -2.875  1.00 30.66  ? 28  PRO A CA  1 
ATOM   24   C C   . PRO A 1 28  ? 3.020   15.138  -2.756  1.00 32.46  ? 28  PRO A C   1 
ATOM   25   O O   . PRO A 1 28  ? 3.495   14.627  -3.770  1.00 29.43  ? 28  PRO A O   1 
ATOM   26   C CB  . PRO A 1 28  ? 0.791   15.975  -3.583  1.00 30.80  ? 28  PRO A CB  1 
ATOM   27   C CG  . PRO A 1 28  ? 0.437   17.195  -4.396  1.00 30.20  ? 28  PRO A CG  1 
ATOM   28   C CD  . PRO A 1 28  ? 1.753   17.745  -4.859  1.00 32.19  ? 28  PRO A CD  1 
ATOM   29   N N   . ARG A 1 29  ? 3.305   14.709  -1.533  1.00 27.11  ? 29  ARG A N   1 
ATOM   30   C CA  . ARG A 1 29  ? 4.245   13.603  -1.299  1.00 29.97  ? 29  ARG A CA  1 
ATOM   31   C C   . ARG A 1 29  ? 3.846   12.907  -0.008  1.00 31.02  ? 29  ARG A C   1 
ATOM   32   O O   . ARG A 1 29  ? 3.510   13.577  0.968   1.00 24.06  ? 29  ARG A O   1 
ATOM   33   C CB  . ARG A 1 29  ? 5.668   14.132  -1.140  1.00 31.57  ? 29  ARG A CB  1 
ATOM   34   C CG  . ARG A 1 29  ? 6.335   14.517  -2.418  1.00 22.50  ? 29  ARG A CG  1 
ATOM   35   C CD  . ARG A 1 29  ? 7.679   15.145  -2.173  1.00 24.23  ? 29  ARG A CD  1 
ATOM   36   N NE  . ARG A 1 29  ? 8.185   15.705  -3.425  1.00 27.82  ? 29  ARG A NE  1 
ATOM   37   C CZ  . ARG A 1 29  ? 9.012   16.738  -3.489  1.00 29.71  ? 29  ARG A CZ  1 
ATOM   38   N NH1 . ARG A 1 29  ? 9.468   17.284  -2.367  1.00 32.46  ? 29  ARG A NH1 1 
ATOM   39   N NH2 . ARG A 1 29  ? 9.415   17.187  -4.675  1.00 31.64  ? 29  ARG A NH2 1 
ATOM   40   N N   . ALA A 1 30  ? 3.876   11.575  0.005   1.00 24.02  ? 30  ALA A N   1 
ATOM   41   C CA  . ALA A 1 30  ? 3.761   10.829  1.266   1.00 24.76  ? 30  ALA A CA  1 
ATOM   42   C C   . ALA A 1 30  ? 4.587   9.541   1.215   1.00 21.60  ? 30  ALA A C   1 
ATOM   43   O O   . ALA A 1 30  ? 4.661   8.891   0.179   1.00 25.01  ? 30  ALA A O   1 
ATOM   44   C CB  . ALA A 1 30  ? 2.276   10.496  1.559   1.00 23.22  ? 30  ALA A CB  1 
ATOM   45   N N   . HIS A 1 31  ? 5.197   9.191   2.340   1.00 24.43  ? 31  HIS A N   1 
ATOM   46   C CA  . HIS A 1 31  ? 5.740   7.864   2.548   1.00 23.61  ? 31  HIS A CA  1 
ATOM   47   C C   . HIS A 1 31  ? 5.103   7.299   3.792   1.00 27.81  ? 31  HIS A C   1 
ATOM   48   O O   . HIS A 1 31  ? 5.254   7.870   4.870   1.00 23.89  ? 31  HIS A O   1 
ATOM   49   C CB  . HIS A 1 31  ? 7.252   7.940   2.785   1.00 16.21  ? 31  HIS A CB  1 
ATOM   50   C CG  . HIS A 1 31  ? 7.896   6.609   3.012   1.00 21.73  ? 31  HIS A CG  1 
ATOM   51   N ND1 . HIS A 1 31  ? 7.980   5.650   2.025   1.00 20.81  ? 31  HIS A ND1 1 
ATOM   52   C CD2 . HIS A 1 31  ? 8.486   6.074   4.110   1.00 16.79  ? 31  HIS A CD2 1 
ATOM   53   C CE1 . HIS A 1 31  ? 8.620   4.590   2.495   1.00 23.05  ? 31  HIS A CE1 1 
ATOM   54   N NE2 . HIS A 1 31  ? 8.930   4.818   3.760   1.00 22.56  ? 31  HIS A NE2 1 
ATOM   55   N N   . LEU A 1 32  ? 4.392   6.185   3.663   1.00 24.24  ? 32  LEU A N   1 
ATOM   56   C CA  . LEU A 1 32  ? 3.665   5.635   4.835   1.00 21.53  ? 32  LEU A CA  1 
ATOM   57   C C   . LEU A 1 32  ? 4.286   4.303   5.233   1.00 27.48  ? 32  LEU A C   1 
ATOM   58   O O   . LEU A 1 32  ? 4.819   3.599   4.382   1.00 26.40  ? 32  LEU A O   1 
ATOM   59   C CB  . LEU A 1 32  ? 2.172   5.454   4.508   1.00 20.74  ? 32  LEU A CB  1 
ATOM   60   C CG  . LEU A 1 32  ? 1.479   6.637   3.830   1.00 28.77  ? 32  LEU A CG  1 
ATOM   61   C CD1 . LEU A 1 32  ? 0.037   6.237   3.434   1.00 21.35  ? 32  LEU A CD1 1 
ATOM   62   C CD2 . LEU A 1 32  ? 1.475   7.814   4.791   1.00 22.07  ? 32  LEU A CD2 1 
ATOM   63   N N   . THR A 1 33  ? 4.266   3.990   6.527   1.00 22.94  ? 33  THR A N   1 
ATOM   64   C CA  . THR A 1 33  ? 4.954   2.808   7.031   1.00 21.22  ? 33  THR A CA  1 
ATOM   65   C C   . THR A 1 33  ? 4.011   1.901   7.818   1.00 25.71  ? 33  THR A C   1 
ATOM   66   O O   . THR A 1 33  ? 2.967   2.337   8.318   1.00 25.92  ? 33  THR A O   1 
ATOM   67   C CB  . THR A 1 33  ? 6.204   3.171   7.889   1.00 23.26  ? 33  THR A CB  1 
ATOM   68   O OG1 . THR A 1 33  ? 5.791   3.892   9.055   1.00 28.20  ? 33  THR A OG1 1 
ATOM   69   C CG2 . THR A 1 33  ? 7.171   4.046   7.095   1.00 22.95  ? 33  THR A CG2 1 
ATOM   70   N N   . VAL A 1 34  ? 4.361   0.623   7.900   1.00 24.85  ? 34  VAL A N   1 
ATOM   71   C CA  . VAL A 1 34  ? 3.430   -0.369  8.415   1.00 27.48  ? 34  VAL A CA  1 
ATOM   72   C C   . VAL A 1 34  ? 3.201   -0.168  9.917   1.00 27.01  ? 34  VAL A C   1 
ATOM   73   O O   . VAL A 1 34  ? 4.064   0.359   10.624  1.00 25.57  ? 34  VAL A O   1 
ATOM   74   C CB  . VAL A 1 34  ? 3.957   -1.777  8.150   1.00 20.05  ? 34  VAL A CB  1 
ATOM   75   C CG1 . VAL A 1 34  ? 5.164   -2.056  9.036   1.00 27.70  ? 34  VAL A CG1 1 
ATOM   76   C CG2 . VAL A 1 34  ? 2.850   -2.836  8.306   1.00 24.98  ? 34  VAL A CG2 1 
ATOM   77   N N   . VAL A 1 35  ? 2.032   -0.590  10.390  1.00 22.51  ? 35  VAL A N   1 
ATOM   78   C CA  . VAL A 1 35  ? 1.794   -0.751  11.846  1.00 26.77  ? 35  VAL A CA  1 
ATOM   79   C C   . VAL A 1 35  ? 1.065   -2.071  12.078  1.00 30.00  ? 35  VAL A C   1 
ATOM   80   O O   . VAL A 1 35  ? 0.539   -2.656  11.142  1.00 25.26  ? 35  VAL A O   1 
ATOM   81   C CB  . VAL A 1 35  ? 0.909   0.406   12.425  1.00 29.81  ? 35  VAL A CB  1 
ATOM   82   C CG1 . VAL A 1 35  ? 1.674   1.716   12.436  1.00 31.36  ? 35  VAL A CG1 1 
ATOM   83   C CG2 . VAL A 1 35  ? -0.378  0.557   11.623  1.00 26.38  ? 35  VAL A CG2 1 
ATOM   84   N N   . ARG A 1 36  ? 1.004   -2.535  13.328  1.00 35.28  ? 36  ARG A N   1 
ATOM   85   C CA  . ARG A 1 36  ? 0.220   -3.736  13.606  1.00 32.19  ? 36  ARG A CA  1 
ATOM   86   C C   . ARG A 1 36  ? -1.203  -3.454  13.153  1.00 31.70  ? 36  ARG A C   1 
ATOM   87   O O   . ARG A 1 36  ? -1.729  -2.375  13.398  1.00 35.11  ? 36  ARG A O   1 
ATOM   88   C CB  . ARG A 1 36  ? 0.241   -4.070  15.108  1.00 40.32  ? 36  ARG A CB  1 
ATOM   89   C CG  . ARG A 1 36  ? -0.562  -5.317  15.467  1.00 37.66  ? 36  ARG A CG  1 
ATOM   90   C CD  . ARG A 1 36  ? -0.846  -5.373  16.958  1.00 73.18  ? 36  ARG A CD  1 
ATOM   91   N NE  . ARG A 1 36  ? 0.105   -6.234  17.653  1.00 98.59  ? 36  ARG A NE  1 
ATOM   92   C CZ  . ARG A 1 36  ? -0.158  -7.478  18.042  1.00 106.76 ? 36  ARG A CZ  1 
ATOM   93   N NH1 . ARG A 1 36  ? -1.350  -8.011  17.810  1.00 105.82 ? 36  ARG A NH1 1 
ATOM   94   N NH2 . ARG A 1 36  ? 0.772   -8.188  18.667  1.00 93.89  ? 36  ARG A NH2 1 
ATOM   95   N N   . GLN A 1 37  ? -1.810  -4.408  12.462  1.00 31.21  ? 37  GLN A N   1 
ATOM   96   C CA  . GLN A 1 37  ? -3.106  -4.180  11.858  1.00 27.78  ? 37  GLN A CA  1 
ATOM   97   C C   . GLN A 1 37  ? -4.190  -4.480  12.884  1.00 49.07  ? 37  GLN A C   1 
ATOM   98   O O   . GLN A 1 37  ? -4.094  -5.464  13.611  1.00 36.48  ? 37  GLN A O   1 
ATOM   99   C CB  . GLN A 1 37  ? -3.272  -5.046  10.612  1.00 34.53  ? 37  GLN A CB  1 
ATOM   100  C CG  . GLN A 1 37  ? -2.324  -4.676  9.466   1.00 28.86  ? 37  GLN A CG  1 
ATOM   101  C CD  . GLN A 1 37  ? -2.511  -3.239  8.987   1.00 24.99  ? 37  GLN A CD  1 
ATOM   102  O OE1 . GLN A 1 37  ? -3.530  -2.907  8.401   1.00 27.65  ? 37  GLN A OE1 1 
ATOM   103  N NE2 . GLN A 1 37  ? -1.499  -2.390  9.218   1.00 27.35  ? 37  GLN A NE2 1 
ATOM   104  N N   . THR A 1 38  ? -5.199  -3.620  12.970  1.00 42.24  ? 38  THR A N   1 
ATOM   105  C CA  . THR A 1 38  ? -6.301  -3.861  13.899  1.00 51.49  ? 38  THR A CA  1 
ATOM   106  C C   . THR A 1 38  ? -7.340  -4.713  13.200  1.00 61.30  ? 38  THR A C   1 
ATOM   107  O O   . THR A 1 38  ? -7.762  -4.373  12.097  1.00 51.70  ? 38  THR A O   1 
ATOM   108  C CB  . THR A 1 38  ? -6.983  -2.558  14.346  1.00 40.89  ? 38  THR A CB  1 
ATOM   109  O OG1 . THR A 1 38  ? -7.521  -1.904  13.190  1.00 52.30  ? 38  THR A OG1 1 
ATOM   110  C CG2 . THR A 1 38  ? -5.996  -1.652  15.060  1.00 45.22  ? 38  THR A CG2 1 
ATOM   111  N N   . PRO A 1 39  ? -7.758  -5.817  13.846  1.00 83.19  ? 39  PRO A N   1 
ATOM   112  C CA  . PRO A 1 39  ? -8.548  -6.883  13.226  1.00 87.93  ? 39  PRO A CA  1 
ATOM   113  C C   . PRO A 1 39  ? -9.822  -6.379  12.555  1.00 85.66  ? 39  PRO A C   1 
ATOM   114  O O   . PRO A 1 39  ? -10.462 -5.453  13.054  1.00 70.31  ? 39  PRO A O   1 
ATOM   115  C CB  . PRO A 1 39  ? -8.897  -7.790  14.411  1.00 95.16  ? 39  PRO A CB  1 
ATOM   116  C CG  . PRO A 1 39  ? -7.802  -7.556  15.399  1.00 91.42  ? 39  PRO A CG  1 
ATOM   117  C CD  . PRO A 1 39  ? -7.471  -6.102  15.264  1.00 88.77  ? 39  PRO A CD  1 
ATOM   118  N N   . THR A 1 40  ? -10.171 -6.993  11.425  1.00 95.54  ? 40  THR A N   1 
ATOM   119  C CA  . THR A 1 40  ? -11.381 -6.648  10.681  1.00 107.58 ? 40  THR A CA  1 
ATOM   120  C C   . THR A 1 40  ? -12.009 -7.891  10.055  1.00 110.49 ? 40  THR A C   1 
ATOM   121  O O   . THR A 1 40  ? -13.064 -7.820  9.422   1.00 116.09 ? 40  THR A O   1 
ATOM   122  C CB  . THR A 1 40  ? -11.098 -5.596  9.578   1.00 112.46 ? 40  THR A CB  1 
ATOM   123  O OG1 . THR A 1 40  ? -12.336 -5.042  9.112   1.00 109.18 ? 40  THR A OG1 1 
ATOM   124  C CG2 . THR A 1 40  ? -10.344 -6.221  8.397   1.00 105.47 ? 40  THR A CG2 1 
ATOM   125  N N   . GLN A 1 46  ? -12.964 -10.290 -0.599  1.00 98.01  ? 46  GLN A N   1 
ATOM   126  C CA  . GLN A 1 46  ? -12.341 -9.152  0.071   1.00 99.57  ? 46  GLN A CA  1 
ATOM   127  C C   . GLN A 1 46  ? -10.853 -9.393  0.297   1.00 87.02  ? 46  GLN A C   1 
ATOM   128  O O   . GLN A 1 46  ? -10.467 -10.218 1.131   1.00 85.92  ? 46  GLN A O   1 
ATOM   129  C CB  . GLN A 1 46  ? -13.032 -8.868  1.410   1.00 107.66 ? 46  GLN A CB  1 
ATOM   130  C CG  . GLN A 1 46  ? -12.480 -7.656  2.168   1.00 109.78 ? 46  GLN A CG  1 
ATOM   131  C CD  . GLN A 1 46  ? -12.978 -7.577  3.605   1.00 107.88 ? 46  GLN A CD  1 
ATOM   132  O OE1 . GLN A 1 46  ? -12.185 -7.537  4.546   1.00 99.79  ? 46  GLN A OE1 1 
ATOM   133  N NE2 . GLN A 1 46  ? -14.297 -7.557  3.778   1.00 112.50 ? 46  GLN A NE2 1 
ATOM   134  N N   . PHE A 1 47  ? -10.023 -8.678  -0.457  1.00 66.48  ? 47  PHE A N   1 
ATOM   135  C CA  . PHE A 1 47  ? -8.655  -8.404  -0.029  1.00 48.85  ? 47  PHE A CA  1 
ATOM   136  C C   . PHE A 1 47  ? -8.712  -7.215  0.907   1.00 42.76  ? 47  PHE A C   1 
ATOM   137  O O   . PHE A 1 47  ? -9.000  -6.093  0.484   1.00 36.74  ? 47  PHE A O   1 
ATOM   138  C CB  . PHE A 1 47  ? -7.756  -8.068  -1.223  1.00 50.14  ? 47  PHE A CB  1 
ATOM   139  C CG  . PHE A 1 47  ? -7.192  -9.272  -1.929  1.00 59.22  ? 47  PHE A CG  1 
ATOM   140  C CD1 . PHE A 1 47  ? -7.713  -10.540 -1.712  1.00 52.28  ? 47  PHE A CD1 1 
ATOM   141  C CD2 . PHE A 1 47  ? -6.143  -9.131  -2.821  1.00 51.29  ? 47  PHE A CD2 1 
ATOM   142  C CE1 . PHE A 1 47  ? -7.188  -11.649 -2.370  1.00 62.73  ? 47  PHE A CE1 1 
ATOM   143  C CE2 . PHE A 1 47  ? -5.624  -10.233 -3.486  1.00 54.68  ? 47  PHE A CE2 1 
ATOM   144  C CZ  . PHE A 1 47  ? -6.143  -11.491 -3.261  1.00 45.95  ? 47  PHE A CZ  1 
ATOM   145  N N   . PRO A 1 48  ? -8.450  -7.449  2.194   1.00 38.22  ? 48  PRO A N   1 
ATOM   146  C CA  . PRO A 1 48  ? -8.603  -6.336  3.120   1.00 33.43  ? 48  PRO A CA  1 
ATOM   147  C C   . PRO A 1 48  ? -7.536  -5.259  2.863   1.00 46.20  ? 48  PRO A C   1 
ATOM   148  O O   . PRO A 1 48  ? -6.434  -5.566  2.386   1.00 36.28  ? 48  PRO A O   1 
ATOM   149  C CB  . PRO A 1 48  ? -8.404  -6.993  4.489   1.00 41.14  ? 48  PRO A CB  1 
ATOM   150  C CG  . PRO A 1 48  ? -7.556  -8.197  4.205   1.00 39.78  ? 48  PRO A CG  1 
ATOM   151  C CD  . PRO A 1 48  ? -8.003  -8.683  2.860   1.00 34.44  ? 48  PRO A CD  1 
ATOM   152  N N   . ALA A 1 49  ? -7.879  -4.014  3.164   1.00 36.68  ? 49  ALA A N   1 
ATOM   153  C CA  . ALA A 1 49  ? -6.950  -2.893  3.036   1.00 41.07  ? 49  ALA A CA  1 
ATOM   154  C C   . ALA A 1 49  ? -6.060  -2.778  4.265   1.00 39.95  ? 49  ALA A C   1 
ATOM   155  O O   . ALA A 1 49  ? -6.511  -2.985  5.386   1.00 31.27  ? 49  ALA A O   1 
ATOM   156  C CB  . ALA A 1 49  ? -7.727  -1.606  2.830   1.00 39.46  ? 49  ALA A CB  1 
ATOM   157  N N   . LEU A 1 50  ? -4.793  -2.454  4.054   1.00 25.25  ? 50  LEU A N   1 
ATOM   158  C CA  . LEU A 1 50  ? -3.905  -2.088  5.147   1.00 21.51  ? 50  LEU A CA  1 
ATOM   159  C C   . LEU A 1 50  ? -4.150  -0.665  5.670   1.00 25.75  ? 50  LEU A C   1 
ATOM   160  O O   . LEU A 1 50  ? -4.583  0.209   4.926   1.00 26.21  ? 50  LEU A O   1 
ATOM   161  C CB  . LEU A 1 50  ? -2.446  -2.215  4.690   1.00 23.32  ? 50  LEU A CB  1 
ATOM   162  C CG  . LEU A 1 50  ? -1.952  -3.650  4.412   1.00 38.64  ? 50  LEU A CG  1 
ATOM   163  C CD1 . LEU A 1 50  ? -0.544  -3.626  3.868   1.00 21.51  ? 50  LEU A CD1 1 
ATOM   164  C CD2 . LEU A 1 50  ? -1.955  -4.473  5.675   1.00 33.66  ? 50  LEU A CD2 1 
ATOM   165  N N   . HIS A 1 51  ? -3.841  -0.436  6.947   1.00 28.00  ? 51  HIS A N   1 
ATOM   166  C CA  . HIS A 1 51  ? -3.728  0.921   7.452   1.00 27.71  ? 51  HIS A CA  1 
ATOM   167  C C   . HIS A 1 51  ? -2.311  1.193   7.945   1.00 25.70  ? 51  HIS A C   1 
ATOM   168  O O   . HIS A 1 51  ? -1.549  0.264   8.239   1.00 29.28  ? 51  HIS A O   1 
ATOM   169  C CB  . HIS A 1 51  ? -4.806  1.240   8.513   1.00 33.87  ? 51  HIS A CB  1 
ATOM   170  C CG  . HIS A 1 51  ? -4.701  0.422   9.765   1.00 25.46  ? 51  HIS A CG  1 
ATOM   171  N ND1 . HIS A 1 51  ? -3.925  0.805   10.836  1.00 32.12  ? 51  HIS A ND1 1 
ATOM   172  C CD2 . HIS A 1 51  ? -5.279  -0.751  10.122  1.00 34.41  ? 51  HIS A CD2 1 
ATOM   173  C CE1 . HIS A 1 51  ? -4.033  -0.091  11.803  1.00 27.96  ? 51  HIS A CE1 1 
ATOM   174  N NE2 . HIS A 1 51  ? -4.844  -1.048  11.393  1.00 27.22  ? 51  HIS A NE2 1 
ATOM   175  N N   . TRP A 1 52  ? -1.944  2.465   7.984   1.00 20.36  ? 52  TRP A N   1 
ATOM   176  C CA  . TRP A 1 52  ? -0.529  2.863   7.960   1.00 23.19  ? 52  TRP A CA  1 
ATOM   177  C C   . TRP A 1 52  ? -0.210  3.895   9.029   1.00 27.95  ? 52  TRP A C   1 
ATOM   178  O O   . TRP A 1 52  ? -1.092  4.633   9.447   1.00 27.02  ? 52  TRP A O   1 
ATOM   179  C CB  . TRP A 1 52  ? -0.216  3.495   6.609   1.00 19.82  ? 52  TRP A CB  1 
ATOM   180  C CG  . TRP A 1 52  ? -0.495  2.565   5.465   1.00 22.30  ? 52  TRP A CG  1 
ATOM   181  C CD1 . TRP A 1 52  ? -1.620  2.496   4.703   1.00 22.42  ? 52  TRP A CD1 1 
ATOM   182  C CD2 . TRP A 1 52  ? 0.390   1.555   4.976   1.00 22.00  ? 52  TRP A CD2 1 
ATOM   183  N NE1 . TRP A 1 52  ? -1.495  1.477   3.756   1.00 21.50  ? 52  TRP A NE1 1 
ATOM   184  C CE2 . TRP A 1 52  ? -0.265  0.890   3.916   1.00 20.71  ? 52  TRP A CE2 1 
ATOM   185  C CE3 . TRP A 1 52  ? 1.676   1.151   5.328   1.00 22.34  ? 52  TRP A CE3 1 
ATOM   186  C CZ2 . TRP A 1 52  ? 0.339   -0.155  3.204   1.00 22.50  ? 52  TRP A CZ2 1 
ATOM   187  C CZ3 . TRP A 1 52  ? 2.268   0.103   4.624   1.00 24.96  ? 52  TRP A CZ3 1 
ATOM   188  C CH2 . TRP A 1 52  ? 1.608   -0.523  3.571   1.00 22.63  ? 52  TRP A CH2 1 
ATOM   189  N N   . GLU A 1 53  ? 1.062   3.939   9.435   1.00 22.03  ? 53  GLU A N   1 
ATOM   190  C CA  . GLU A 1 53  ? 1.699   5.121   10.024  1.00 21.33  ? 53  GLU A CA  1 
ATOM   191  C C   . GLU A 1 53  ? 1.983   6.209   8.989   1.00 34.61  ? 53  GLU A C   1 
ATOM   192  O O   . GLU A 1 53  ? 2.499   5.934   7.886   1.00 25.32  ? 53  GLU A O   1 
ATOM   193  C CB  . GLU A 1 53  ? 2.978   4.694   10.758  1.00 23.63  ? 53  GLU A CB  1 
ATOM   194  C CG  . GLU A 1 53  ? 3.741   5.828   11.443  1.00 23.92  ? 53  GLU A CG  1 
ATOM   195  C CD  . GLU A 1 53  ? 2.885   6.491   12.496  1.00 34.15  ? 53  GLU A CD  1 
ATOM   196  O OE1 . GLU A 1 53  ? 2.527   5.801   13.459  1.00 35.19  ? 53  GLU A OE1 1 
ATOM   197  O OE2 . GLU A 1 53  ? 2.531   7.679   12.329  1.00 29.91  ? 53  GLU A OE2 1 
ATOM   198  N N   . HIS A 1 54  ? 1.651   7.450   9.339   1.00 22.98  ? 54  HIS A N   1 
ATOM   199  C CA  . HIS A 1 54  ? 1.784   8.572   8.407   1.00 24.25  ? 54  HIS A CA  1 
ATOM   200  C C   . HIS A 1 54  ? 2.572   9.740   8.969   1.00 23.44  ? 54  HIS A C   1 
ATOM   201  O O   . HIS A 1 54  ? 2.787   10.726  8.264   1.00 26.30  ? 54  HIS A O   1 
ATOM   202  C CB  . HIS A 1 54  ? 0.407   9.071   7.972   1.00 25.99  ? 54  HIS A CB  1 
ATOM   203  C CG  . HIS A 1 54  ? -0.260  9.924   9.005   1.00 30.82  ? 54  HIS A CG  1 
ATOM   204  N ND1 . HIS A 1 54  ? -0.582  9.447   10.257  1.00 30.69  ? 54  HIS A ND1 1 
ATOM   205  C CD2 . HIS A 1 54  ? -0.643  11.226  8.988   1.00 33.21  ? 54  HIS A CD2 1 
ATOM   206  C CE1 . HIS A 1 54  ? -1.132  10.417  10.969  1.00 34.71  ? 54  HIS A CE1 1 
ATOM   207  N NE2 . HIS A 1 54  ? -1.193  11.502  10.219  1.00 27.85  ? 54  HIS A NE2 1 
ATOM   208  N N   . GLU A 1 55  ? 3.012   9.656   10.219  1.00 26.79  ? 55  GLU A N   1 
ATOM   209  C CA  . GLU A 1 55  ? 3.782   10.772  10.781  1.00 26.89  ? 55  GLU A CA  1 
ATOM   210  C C   . GLU A 1 55  ? 4.971   10.402  11.659  1.00 25.87  ? 55  GLU A C   1 
ATOM   211  O O   . GLU A 1 55  ? 5.906   11.177  11.770  1.00 31.52  ? 55  GLU A O   1 
ATOM   212  C CB  . GLU A 1 55  ? 2.871   11.775  11.515  1.00 24.17  ? 55  GLU A CB  1 
ATOM   213  C CG  . GLU A 1 55  ? 2.252   11.209  12.777  1.00 25.47  ? 55  GLU A CG  1 
ATOM   214  C CD  . GLU A 1 55  ? 1.297   12.181  13.453  1.00 32.20  ? 55  GLU A CD  1 
ATOM   215  O OE1 . GLU A 1 55  ? 0.994   13.240  12.852  1.00 29.43  ? 55  GLU A OE1 1 
ATOM   216  O OE2 . GLU A 1 55  ? 0.840   11.865  14.573  1.00 32.44  ? 55  GLU A OE2 1 
ATOM   217  N N   . LEU A 1 56  ? 4.960   9.235   12.283  1.00 26.50  ? 56  LEU A N   1 
ATOM   218  C CA  . LEU A 1 56  ? 6.090   8.884   13.174  1.00 26.46  ? 56  LEU A CA  1 
ATOM   219  C C   . LEU A 1 56  ? 7.226   8.210   12.417  1.00 34.54  ? 56  LEU A C   1 
ATOM   220  O O   . LEU A 1 56  ? 6.986   7.552   11.413  1.00 28.22  ? 56  LEU A O   1 
ATOM   221  C CB  . LEU A 1 56  ? 5.617   7.935   14.274  1.00 32.90  ? 56  LEU A CB  1 
ATOM   222  C CG  . LEU A 1 56  ? 4.425   8.437   15.099  1.00 44.12  ? 56  LEU A CG  1 
ATOM   223  C CD1 . LEU A 1 56  ? 4.052   7.394   16.120  1.00 36.82  ? 56  LEU A CD1 1 
ATOM   224  C CD2 . LEU A 1 56  ? 4.798   9.754   15.765  1.00 32.16  ? 56  LEU A CD2 1 
ATOM   225  N N   . GLY A 1 57  ? 8.444   8.345   12.932  1.00 29.86  ? 57  GLY A N   1 
ATOM   226  C CA  . GLY A 1 57  ? 9.636   7.752   12.324  1.00 27.17  ? 57  GLY A CA  1 
ATOM   227  C C   . GLY A 1 57  ? 9.806   8.298   10.925  1.00 28.48  ? 57  GLY A C   1 
ATOM   228  O O   . GLY A 1 57  ? 9.755   9.507   10.717  1.00 35.11  ? 57  GLY A O   1 
ATOM   229  N N   . LEU A 1 58  ? 9.979   7.401   9.955   1.00 29.78  ? 58  LEU A N   1 
ATOM   230  C CA  . LEU A 1 58  ? 10.236  7.797   8.568   1.00 24.22  ? 58  LEU A CA  1 
ATOM   231  C C   . LEU A 1 58  ? 8.993   8.211   7.787   1.00 25.08  ? 58  LEU A C   1 
ATOM   232  O O   . LEU A 1 58  ? 9.113   8.682   6.662   1.00 29.76  ? 58  LEU A O   1 
ATOM   233  C CB  . LEU A 1 58  ? 10.955  6.678   7.804   1.00 25.47  ? 58  LEU A CB  1 
ATOM   234  C CG  . LEU A 1 58  ? 12.343  6.297   8.351   1.00 35.92  ? 58  LEU A CG  1 
ATOM   235  C CD1 . LEU A 1 58  ? 12.858  5.033   7.662   1.00 29.79  ? 58  LEU A CD1 1 
ATOM   236  C CD2 . LEU A 1 58  ? 13.322  7.484   8.172   1.00 27.39  ? 58  LEU A CD2 1 
ATOM   237  N N   . ALA A 1 59  ? 7.811   8.033   8.377   1.00 21.64  ? 59  ALA A N   1 
ATOM   238  C CA  . ALA A 1 59  ? 6.544   8.237   7.656   1.00 23.53  ? 59  ALA A CA  1 
ATOM   239  C C   . ALA A 1 59  ? 6.227   9.725   7.594   1.00 26.17  ? 59  ALA A C   1 
ATOM   240  O O   . ALA A 1 59  ? 6.519   10.433  8.531   1.00 25.91  ? 59  ALA A O   1 
ATOM   241  C CB  . ALA A 1 59  ? 5.414   7.475   8.347   1.00 28.55  ? 59  ALA A CB  1 
ATOM   242  N N   . PHE A 1 60  ? 5.650   10.211  6.494   1.00 24.20  ? 60  PHE A N   1 
ATOM   243  C CA  . PHE A 1 60  ? 5.227   11.630  6.438   1.00 24.37  ? 60  PHE A CA  1 
ATOM   244  C C   . PHE A 1 60  ? 4.146   11.850  5.406   1.00 31.65  ? 60  PHE A C   1 
ATOM   245  O O   . PHE A 1 60  ? 3.988   11.043  4.495   1.00 23.52  ? 60  PHE A O   1 
ATOM   246  C CB  . PHE A 1 60  ? 6.408   12.572  6.134   1.00 30.15  ? 60  PHE A CB  1 
ATOM   247  C CG  . PHE A 1 60  ? 6.991   12.410  4.741   1.00 28.34  ? 60  PHE A CG  1 
ATOM   248  C CD1 . PHE A 1 60  ? 6.508   13.162  3.677   1.00 25.46  ? 60  PHE A CD1 1 
ATOM   249  C CD2 . PHE A 1 60  ? 8.046   11.533  4.511   1.00 30.69  ? 60  PHE A CD2 1 
ATOM   250  C CE1 . PHE A 1 60  ? 7.045   13.023  2.384   1.00 30.46  ? 60  PHE A CE1 1 
ATOM   251  C CE2 . PHE A 1 60  ? 8.594   11.398  3.234   1.00 25.66  ? 60  PHE A CE2 1 
ATOM   252  C CZ  . PHE A 1 60  ? 8.091   12.149  2.168   1.00 29.04  ? 60  PHE A CZ  1 
ATOM   253  N N   . THR A 1 61  ? 3.424   12.960  5.528   1.00 23.00  ? 61  THR A N   1 
ATOM   254  C CA  . THR A 1 61  ? 2.581   13.461  4.429   1.00 24.83  ? 61  THR A CA  1 
ATOM   255  C C   . THR A 1 61  ? 2.878   14.951  4.310   1.00 29.69  ? 61  THR A C   1 
ATOM   256  O O   . THR A 1 61  ? 3.217   15.582  5.291   1.00 28.42  ? 61  THR A O   1 
ATOM   257  C CB  . THR A 1 61  ? 1.052   13.200  4.688   1.00 29.54  ? 61  THR A CB  1 
ATOM   258  O OG1 . THR A 1 61  ? 0.600   13.917  5.849   1.00 31.79  ? 61  THR A OG1 1 
ATOM   259  C CG2 . THR A 1 61  ? 0.793   11.726  4.911   1.00 29.81  ? 61  THR A CG2 1 
ATOM   260  N N   . LYS A 1 62  ? 2.820   15.511  3.109   1.00 25.51  ? 62  LYS A N   1 
ATOM   261  C CA  . LYS A 1 62  ? 3.123   16.926  2.953   1.00 30.37  ? 62  LYS A CA  1 
ATOM   262  C C   . LYS A 1 62  ? 2.526   17.431  1.687   1.00 31.87  ? 62  LYS A C   1 
ATOM   263  O O   . LYS A 1 62  ? 2.069   16.642  0.835   1.00 24.30  ? 62  LYS A O   1 
ATOM   264  C CB  . LYS A 1 62  ? 4.636   17.233  2.997   1.00 30.16  ? 62  LYS A CB  1 
ATOM   265  C CG  . LYS A 1 62  ? 5.441   16.667  1.808   1.00 28.97  ? 62  LYS A CG  1 
ATOM   266  C CD  . LYS A 1 62  ? 6.943   16.599  2.160   1.00 35.82  ? 62  LYS A CD  1 
ATOM   267  C CE  . LYS A 1 62  ? 7.657   17.897  1.861   1.00 45.31  ? 62  LYS A CE  1 
ATOM   268  N NZ  . LYS A 1 62  ? 9.142   17.779  2.055   1.00 39.36  ? 62  LYS A NZ  1 
ATOM   269  N N   . ASN A 1 63  ? 2.514   18.756  1.581   1.00 32.95  ? 63  ASN A N   1 
ATOM   270  C CA  . ASN A 1 63  ? 2.034   19.455  0.396   1.00 33.53  ? 63  ASN A CA  1 
ATOM   271  C C   . ASN A 1 63  ? 0.656   18.993  -0.059  1.00 23.86  ? 63  ASN A C   1 
ATOM   272  O O   . ASN A 1 63  ? 0.422   18.767  -1.246  1.00 27.12  ? 63  ASN A O   1 
ATOM   273  C CB  . ASN A 1 63  ? 3.067   19.353  -0.714  1.00 29.34  ? 63  ASN A CB  1 
ATOM   274  C CG  . ASN A 1 63  ? 4.418   19.893  -0.293  1.00 34.80  ? 63  ASN A CG  1 
ATOM   275  O OD1 . ASN A 1 63  ? 4.501   20.810  0.516   1.00 37.16  ? 63  ASN A OD1 1 
ATOM   276  N ND2 . ASN A 1 63  ? 5.489   19.326  -0.844  1.00 33.76  ? 63  ASN A ND2 1 
ATOM   277  N N   . ARG A 1 64  ? -0.245  18.852  0.912   1.00 32.40  ? 64  ARG A N   1 
ATOM   278  C CA  . ARG A 1 64  ? -1.685  18.648  0.682   1.00 30.06  ? 64  ARG A CA  1 
ATOM   279  C C   . ARG A 1 64  ? -2.052  17.161  0.504   1.00 37.48  ? 64  ARG A C   1 
ATOM   280  O O   . ARG A 1 64  ? -3.229  16.810  0.402   1.00 29.18  ? 64  ARG A O   1 
ATOM   281  C CB  . ARG A 1 64  ? -2.186  19.490  -0.503  1.00 42.61  ? 64  ARG A CB  1 
ATOM   282  C CG  . ARG A 1 64  ? -2.236  20.990  -0.233  1.00 54.80  ? 64  ARG A CG  1 
ATOM   283  C CD  . ARG A 1 64  ? -1.508  21.808  -1.303  1.00 66.90  ? 64  ARG A CD  1 
ATOM   284  N NE  . ARG A 1 64  ? -1.697  21.299  -2.662  1.00 67.20  ? 64  ARG A NE  1 
ATOM   285  C CZ  . ARG A 1 64  ? -0.709  21.085  -3.530  1.00 74.50  ? 64  ARG A CZ  1 
ATOM   286  N NH1 . ARG A 1 64  ? -0.975  20.621  -4.748  1.00 58.68  ? 64  ARG A NH1 1 
ATOM   287  N NH2 . ARG A 1 64  ? 0.549   21.336  -3.187  1.00 56.78  ? 64  ARG A NH2 1 
ATOM   288  N N   . MET A 1 65  ? -1.047  16.288  0.450   1.00 29.01  ? 65  MET A N   1 
ATOM   289  C CA  . MET A 1 65  ? -1.311  14.852  0.575   1.00 28.00  ? 65  MET A CA  1 
ATOM   290  C C   . MET A 1 65  ? -1.990  14.619  1.932   1.00 31.63  ? 65  MET A C   1 
ATOM   291  O O   . MET A 1 65  ? -1.532  15.129  2.956   1.00 30.10  ? 65  MET A O   1 
ATOM   292  C CB  . MET A 1 65  ? 0.009   14.073  0.449   1.00 29.65  ? 65  MET A CB  1 
ATOM   293  C CG  . MET A 1 65  ? -0.163  12.622  0.003   1.00 37.61  ? 65  MET A CG  1 
ATOM   294  S SD  . MET A 1 65  ? -0.894  12.390  -1.631  1.00 32.61  ? 65  MET A SD  1 
ATOM   295  C CE  . MET A 1 65  ? 0.530   12.282  -2.720  1.00 27.41  ? 65  MET A CE  1 
ATOM   296  N N   . ASN A 1 66  ? -3.100  13.885  1.921   1.00 24.03  ? 66  ASN A N   1 
ATOM   297  C CA  . ASN A 1 66  ? -3.892  13.633  3.116   1.00 26.23  ? 66  ASN A CA  1 
ATOM   298  C C   . ASN A 1 66  ? -4.081  12.118  3.318   1.00 29.82  ? 66  ASN A C   1 
ATOM   299  O O   . ASN A 1 66  ? -4.726  11.451  2.513   1.00 31.61  ? 66  ASN A O   1 
ATOM   300  C CB  . ASN A 1 66  ? -5.247  14.358  2.998   1.00 23.76  ? 66  ASN A CB  1 
ATOM   301  C CG  . ASN A 1 66  ? -6.064  14.295  4.268   1.00 32.67  ? 66  ASN A CG  1 
ATOM   302  O OD1 . ASN A 1 66  ? -5.773  13.507  5.157   1.00 26.66  ? 66  ASN A OD1 1 
ATOM   303  N ND2 . ASN A 1 66  ? -7.095  15.134  4.363   1.00 30.14  ? 66  ASN A ND2 1 
ATOM   304  N N   . TYR A 1 67  ? -3.506  11.578  4.384   1.00 29.35  ? 67  TYR A N   1 
ATOM   305  C CA  . TYR A 1 67  ? -3.767  10.189  4.739   1.00 22.37  ? 67  TYR A CA  1 
ATOM   306  C C   . TYR A 1 67  ? -4.987  10.088  5.668   1.00 34.49  ? 67  TYR A C   1 
ATOM   307  O O   . TYR A 1 67  ? -4.931  10.481  6.840   1.00 29.82  ? 67  TYR A O   1 
ATOM   308  C CB  . TYR A 1 67  ? -2.521  9.520   5.355   1.00 19.05  ? 67  TYR A CB  1 
ATOM   309  C CG  . TYR A 1 67  ? -2.849  8.117   5.804   1.00 24.42  ? 67  TYR A CG  1 
ATOM   310  C CD1 . TYR A 1 67  ? -3.180  7.129   4.866   1.00 25.02  ? 67  TYR A CD1 1 
ATOM   311  C CD2 . TYR A 1 67  ? -2.926  7.800   7.149   1.00 23.88  ? 67  TYR A CD2 1 
ATOM   312  C CE1 . TYR A 1 67  ? -3.545  5.853   5.270   1.00 22.90  ? 67  TYR A CE1 1 
ATOM   313  C CE2 . TYR A 1 67  ? -3.274  6.535   7.558   1.00 27.27  ? 67  TYR A CE2 1 
ATOM   314  C CZ  . TYR A 1 67  ? -3.596  5.574   6.612   1.00 23.95  ? 67  TYR A CZ  1 
ATOM   315  O OH  . TYR A 1 67  ? -3.964  4.323   7.013   1.00 26.91  ? 67  TYR A OH  1 
ATOM   316  N N   . THR A 1 68  ? -6.091  9.570   5.144   1.00 30.53  ? 68  THR A N   1 
ATOM   317  C CA  . THR A 1 68  ? -7.366  9.645   5.854   1.00 40.20  ? 68  THR A CA  1 
ATOM   318  C C   . THR A 1 68  ? -8.176  8.355   5.645   1.00 46.25  ? 68  THR A C   1 
ATOM   319  O O   . THR A 1 68  ? -8.351  7.908   4.516   1.00 28.94  ? 68  THR A O   1 
ATOM   320  C CB  . THR A 1 68  ? -8.160  10.966  5.480   1.00 40.08  ? 68  THR A CB  1 
ATOM   321  O OG1 . THR A 1 68  ? -9.402  11.007  6.175   1.00 47.67  ? 68  THR A OG1 1 
ATOM   322  C CG2 . THR A 1 68  ? -8.416  11.085  3.976   1.00 45.00  ? 68  THR A CG2 1 
ATOM   323  N N   . ASN A 1 69  ? -8.615  7.719   6.734   1.00 39.72  ? 69  ASN A N   1 
ATOM   324  C CA  . ASN A 1 69  ? -9.520  6.575   6.624   1.00 33.77  ? 69  ASN A CA  1 
ATOM   325  C C   . ASN A 1 69  ? -8.916  5.471   5.747   1.00 37.30  ? 69  ASN A C   1 
ATOM   326  O O   . ASN A 1 69  ? -9.597  4.857   4.925   1.00 39.12  ? 69  ASN A O   1 
ATOM   327  C CB  . ASN A 1 69  ? -10.882 7.047   6.084   1.00 38.25  ? 69  ASN A CB  1 
ATOM   328  C CG  . ASN A 1 69  ? -11.990 6.027   6.282   1.00 60.97  ? 69  ASN A CG  1 
ATOM   329  O OD1 . ASN A 1 69  ? -11.890 5.131   7.123   1.00 57.00  ? 69  ASN A OD1 1 
ATOM   330  N ND2 . ASN A 1 69  ? -13.058 6.160   5.500   1.00 55.37  ? 69  ASN A ND2 1 
ATOM   331  N N   . LYS A 1 70  ? -7.614  5.251   5.918   1.00 28.21  ? 70  LYS A N   1 
ATOM   332  C CA  . LYS A 1 70  ? -6.873  4.168   5.261   1.00 30.29  ? 70  LYS A CA  1 
ATOM   333  C C   . LYS A 1 70  ? -6.549  4.467   3.796   1.00 28.99  ? 70  LYS A C   1 
ATOM   334  O O   . LYS A 1 70  ? -5.899  3.665   3.122   1.00 38.32  ? 70  LYS A O   1 
ATOM   335  C CB  . LYS A 1 70  ? -7.555  2.812   5.426   1.00 42.86  ? 70  LYS A CB  1 
ATOM   336  C CG  . LYS A 1 70  ? -8.005  2.507   6.857   1.00 48.17  ? 70  LYS A CG  1 
ATOM   337  C CD  . LYS A 1 70  ? -8.457  1.052   6.985   1.00 63.75  ? 70  LYS A CD  1 
ATOM   338  C CE  . LYS A 1 70  ? -8.710  0.652   8.437   1.00 59.75  ? 70  LYS A CE  1 
ATOM   339  N NZ  . LYS A 1 70  ? -9.598  1.618   9.161   1.00 72.25  ? 70  LYS A NZ  1 
ATOM   340  N N   . PHE A 1 71  ? -6.960  5.655   3.333   1.00 31.32  ? 71  PHE A N   1 
ATOM   341  C CA  . PHE A 1 71  ? -6.654  6.116   1.968   1.00 31.93  ? 71  PHE A CA  1 
ATOM   342  C C   . PHE A 1 71  ? -5.613  7.193   1.969   1.00 30.81  ? 71  PHE A C   1 
ATOM   343  O O   . PHE A 1 71  ? -5.642  8.093   2.815   1.00 31.83  ? 71  PHE A O   1 
ATOM   344  C CB  . PHE A 1 71  ? -7.897  6.748   1.326   1.00 27.73  ? 71  PHE A CB  1 
ATOM   345  C CG  . PHE A 1 71  ? -9.011  5.798   1.134   1.00 38.39  ? 71  PHE A CG  1 
ATOM   346  C CD1 . PHE A 1 71  ? -8.943  4.835   0.153   1.00 40.31  ? 71  PHE A CD1 1 
ATOM   347  C CD2 . PHE A 1 71  ? -10.141 5.864   1.941   1.00 33.32  ? 71  PHE A CD2 1 
ATOM   348  C CE1 . PHE A 1 71  ? -9.987  3.950   -0.047  1.00 45.20  ? 71  PHE A CE1 1 
ATOM   349  C CE2 . PHE A 1 71  ? -11.180 4.978   1.753   1.00 44.04  ? 71  PHE A CE2 1 
ATOM   350  C CZ  . PHE A 1 71  ? -11.099 4.018   0.752   1.00 38.57  ? 71  PHE A CZ  1 
ATOM   351  N N   . LEU A 1 72  ? -4.748  7.160   0.964   1.00 25.87  ? 72  LEU A N   1 
ATOM   352  C CA  . LEU A 1 72  ? -4.055  8.365   0.551   1.00 26.22  ? 72  LEU A CA  1 
ATOM   353  C C   . LEU A 1 72  ? -4.942  9.156   -0.408  1.00 30.28  ? 72  LEU A C   1 
ATOM   354  O O   . LEU A 1 72  ? -5.282  8.679   -1.497  1.00 25.87  ? 72  LEU A O   1 
ATOM   355  C CB  . LEU A 1 72  ? -2.753  7.994   -0.154  1.00 26.04  ? 72  LEU A CB  1 
ATOM   356  C CG  . LEU A 1 72  ? -1.466  8.770   0.019   1.00 50.93  ? 72  LEU A CG  1 
ATOM   357  C CD1 . LEU A 1 72  ? -1.325  9.355   1.439   1.00 34.63  ? 72  LEU A CD1 1 
ATOM   358  C CD2 . LEU A 1 72  ? -0.338  7.770   -0.307  1.00 36.71  ? 72  LEU A CD2 1 
ATOM   359  N N   . LEU A 1 73  ? -5.280  10.376  -0.010  1.00 33.14  ? 73  LEU A N   1 
ATOM   360  C CA  . LEU A 1 73  ? -6.185  11.221  -0.784  1.00 28.04  ? 73  LEU A CA  1 
ATOM   361  C C   . LEU A 1 73  ? -5.407  12.206  -1.656  1.00 23.94  ? 73  LEU A C   1 
ATOM   362  O O   . LEU A 1 73  ? -4.626  13.013  -1.153  1.00 27.82  ? 73  LEU A O   1 
ATOM   363  C CB  . LEU A 1 73  ? -7.161  11.946  0.164   1.00 32.97  ? 73  LEU A CB  1 
ATOM   364  C CG  . LEU A 1 73  ? -8.244  12.897  -0.369  1.00 46.38  ? 73  LEU A CG  1 
ATOM   365  C CD1 . LEU A 1 73  ? -9.179  12.232  -1.345  1.00 39.64  ? 73  LEU A CD1 1 
ATOM   366  C CD2 . LEU A 1 73  ? -9.035  13.464  0.804   1.00 45.53  ? 73  LEU A CD2 1 
ATOM   367  N N   . ILE A 1 74  ? -5.608  12.102  -2.976  1.00 23.35  ? 74  ILE A N   1 
ATOM   368  C CA  . ILE A 1 74  ? -4.842  12.879  -3.958  1.00 25.88  ? 74  ILE A CA  1 
ATOM   369  C C   . ILE A 1 74  ? -5.411  14.311  -4.088  1.00 36.89  ? 74  ILE A C   1 
ATOM   370  O O   . ILE A 1 74  ? -6.577  14.481  -4.478  1.00 33.37  ? 74  ILE A O   1 
ATOM   371  C CB  . ILE A 1 74  ? -4.920  12.184  -5.336  1.00 28.66  ? 74  ILE A CB  1 
ATOM   372  C CG1 . ILE A 1 74  ? -4.317  10.762  -5.271  1.00 25.34  ? 74  ILE A CG1 1 
ATOM   373  C CG2 . ILE A 1 74  ? -4.272  13.040  -6.436  1.00 33.11  ? 74  ILE A CG2 1 
ATOM   374  C CD1 . ILE A 1 74  ? -2.855  10.735  -4.770  1.00 28.77  ? 74  ILE A CD1 1 
ATOM   375  N N   . PRO A 1 75  ? -4.593  15.337  -3.767  1.00 31.54  ? 75  PRO A N   1 
ATOM   376  C CA  . PRO A 1 75  ? -5.043  16.737  -3.758  1.00 32.63  ? 75  PRO A CA  1 
ATOM   377  C C   . PRO A 1 75  ? -4.959  17.491  -5.081  1.00 40.07  ? 75  PRO A C   1 
ATOM   378  O O   . PRO A 1 75  ? -5.424  18.612  -5.161  1.00 37.12  ? 75  PRO A O   1 
ATOM   379  C CB  . PRO A 1 75  ? -4.092  17.394  -2.769  1.00 32.13  ? 75  PRO A CB  1 
ATOM   380  C CG  . PRO A 1 75  ? -2.795  16.641  -2.954  1.00 28.75  ? 75  PRO A CG  1 
ATOM   381  C CD  . PRO A 1 75  ? -3.191  15.209  -3.326  1.00 28.50  ? 75  PRO A CD  1 
ATOM   382  N N   . GLU A 1 76  ? -4.350  16.903  -6.099  1.00 45.00  ? 76  GLU A N   1 
ATOM   383  C CA  . GLU A 1 76  ? -4.019  17.643  -7.306  1.00 35.08  ? 76  GLU A CA  1 
ATOM   384  C C   . GLU A 1 76  ? -3.965  16.634  -8.430  1.00 45.70  ? 76  GLU A C   1 
ATOM   385  O O   . GLU A 1 76  ? -3.350  15.585  -8.280  1.00 32.04  ? 76  GLU A O   1 
ATOM   386  C CB  . GLU A 1 76  ? -2.665  18.345  -7.129  1.00 36.99  ? 76  GLU A CB  1 
ATOM   387  C CG  . GLU A 1 76  ? -2.213  19.139  -8.327  1.00 47.79  ? 76  GLU A CG  1 
ATOM   388  C CD  . GLU A 1 76  ? -0.841  19.750  -8.158  1.00 50.23  ? 76  GLU A CD  1 
ATOM   389  O OE1 . GLU A 1 76  ? -0.370  19.914  -6.998  1.00 44.51  ? 76  GLU A OE1 1 
ATOM   390  O OE2 . GLU A 1 76  ? -0.229  20.070  -9.203  1.00 45.39  ? 76  GLU A OE2 1 
ATOM   391  N N   . SER A 1 77  ? -4.631  16.932  -9.542  1.00 24.91  ? 77  SER A N   1 
ATOM   392  C CA  . SER A 1 77  ? -4.586  16.064  -10.709 1.00 34.22  ? 77  SER A CA  1 
ATOM   393  C C   . SER A 1 77  ? -3.208  16.113  -11.341 1.00 33.45  ? 77  SER A C   1 
ATOM   394  O O   . SER A 1 77  ? -2.617  17.179  -11.477 1.00 31.97  ? 77  SER A O   1 
ATOM   395  C CB  . SER A 1 77  ? -5.646  16.482  -11.731 1.00 38.54  ? 77  SER A CB  1 
ATOM   396  O OG  . SER A 1 77  ? -6.936  16.392  -11.148 1.00 38.10  ? 77  SER A OG  1 
ATOM   397  N N   . GLY A 1 78  ? -2.685  14.963  -11.733 1.00 30.05  ? 78  GLY A N   1 
ATOM   398  C CA  . GLY A 1 78  ? -1.325  14.959  -12.258 1.00 30.77  ? 78  GLY A CA  1 
ATOM   399  C C   . GLY A 1 78  ? -0.836  13.539  -12.360 1.00 30.63  ? 78  GLY A C   1 
ATOM   400  O O   . GLY A 1 78  ? -1.576  12.614  -12.055 1.00 27.49  ? 78  GLY A O   1 
ATOM   401  N N   . ASP A 1 79  ? 0.409   13.370  -12.795 1.00 25.03  ? 79  ASP A N   1 
ATOM   402  C CA  . ASP A 1 79  ? 1.017   12.051  -12.879 1.00 30.34  ? 79  ASP A CA  1 
ATOM   403  C C   . ASP A 1 79  ? 1.828   11.814  -11.608 1.00 21.59  ? 79  ASP A C   1 
ATOM   404  O O   . ASP A 1 79  ? 2.666   12.644  -11.244 1.00 25.71  ? 79  ASP A O   1 
ATOM   405  C CB  . ASP A 1 79  ? 1.928   12.004  -14.101 1.00 24.32  ? 79  ASP A CB  1 
ATOM   406  C CG  . ASP A 1 79  ? 1.165   12.252  -15.412 1.00 30.20  ? 79  ASP A CG  1 
ATOM   407  O OD1 . ASP A 1 79  ? 0.058   11.718  -15.569 1.00 33.24  ? 79  ASP A OD1 1 
ATOM   408  O OD2 . ASP A 1 79  ? 1.686   12.973  -16.285 1.00 27.97  ? 79  ASP A OD2 1 
ATOM   409  N N   . TYR A 1 80  ? 1.558   10.693  -10.945 1.00 27.97  ? 80  TYR A N   1 
ATOM   410  C CA  . TYR A 1 80  ? 2.194   10.336  -9.674  1.00 24.73  ? 80  TYR A CA  1 
ATOM   411  C C   . TYR A 1 80  ? 2.987   9.039   -9.836  1.00 28.63  ? 80  TYR A C   1 
ATOM   412  O O   . TYR A 1 80  ? 2.533   8.109   -10.489 1.00 25.38  ? 80  TYR A O   1 
ATOM   413  C CB  . TYR A 1 80  ? 1.145   10.101  -8.577  1.00 22.35  ? 80  TYR A CB  1 
ATOM   414  C CG  . TYR A 1 80  ? 0.460   11.367  -8.100  1.00 23.31  ? 80  TYR A CG  1 
ATOM   415  C CD1 . TYR A 1 80  ? 0.763   11.914  -6.854  1.00 27.21  ? 80  TYR A CD1 1 
ATOM   416  C CD2 . TYR A 1 80  ? -0.493  12.017  -8.905  1.00 28.60  ? 80  TYR A CD2 1 
ATOM   417  C CE1 . TYR A 1 80  ? 0.135   13.083  -6.409  1.00 31.26  ? 80  TYR A CE1 1 
ATOM   418  C CE2 . TYR A 1 80  ? -1.129  13.184  -8.473  1.00 25.83  ? 80  TYR A CE2 1 
ATOM   419  C CZ  . TYR A 1 80  ? -0.813  13.708  -7.230  1.00 22.27  ? 80  TYR A CZ  1 
ATOM   420  O OH  . TYR A 1 80  ? -1.407  14.864  -6.781  1.00 28.20  ? 80  TYR A OH  1 
ATOM   421  N N   . PHE A 1 81  ? 4.148   8.958   -9.199  1.00 23.91  ? 81  PHE A N   1 
ATOM   422  C CA  . PHE A 1 81  ? 4.771   7.659   -9.005  1.00 19.41  ? 81  PHE A CA  1 
ATOM   423  C C   . PHE A 1 81  ? 4.259   7.094   -7.687  1.00 29.20  ? 81  PHE A C   1 
ATOM   424  O O   . PHE A 1 81  ? 4.300   7.767   -6.653  1.00 24.81  ? 81  PHE A O   1 
ATOM   425  C CB  . PHE A 1 81  ? 6.298   7.762   -8.989  1.00 21.14  ? 81  PHE A CB  1 
ATOM   426  C CG  . PHE A 1 81  ? 7.001   6.404   -9.013  1.00 25.94  ? 81  PHE A CG  1 
ATOM   427  C CD1 . PHE A 1 81  ? 7.190   5.727   -10.214 1.00 22.38  ? 81  PHE A CD1 1 
ATOM   428  C CD2 . PHE A 1 81  ? 7.441   5.811   -7.831  1.00 20.28  ? 81  PHE A CD2 1 
ATOM   429  C CE1 . PHE A 1 81  ? 7.827   4.466   -10.260 1.00 29.15  ? 81  PHE A CE1 1 
ATOM   430  C CE2 . PHE A 1 81  ? 8.087   4.543   -7.849  1.00 25.91  ? 81  PHE A CE2 1 
ATOM   431  C CZ  . PHE A 1 81  ? 8.277   3.873   -9.071  1.00 22.04  ? 81  PHE A CZ  1 
ATOM   432  N N   A ILE A 1 82  ? 3.777   5.857   -7.741  0.50 25.64  ? 82  ILE A N   1 
ATOM   433  N N   B ILE A 1 82  ? 3.773   5.858   -7.714  0.50 21.30  ? 82  ILE A N   1 
ATOM   434  C CA  A ILE A 1 82  ? 3.192   5.181   -6.579  0.50 28.99  ? 82  ILE A CA  1 
ATOM   435  C CA  B ILE A 1 82  ? 3.241   5.237   -6.492  0.50 19.77  ? 82  ILE A CA  1 
ATOM   436  C C   A ILE A 1 82  ? 4.096   3.988   -6.272  0.50 31.14  ? 82  ILE A C   1 
ATOM   437  C C   B ILE A 1 82  ? 3.840   3.853   -6.281  0.50 21.76  ? 82  ILE A C   1 
ATOM   438  O O   A ILE A 1 82  ? 4.780   3.497   -7.167  0.50 38.03  ? 82  ILE A O   1 
ATOM   439  O O   B ILE A 1 82  ? 4.040   3.094   -7.240  0.50 12.91  ? 82  ILE A O   1 
ATOM   440  C CB  A ILE A 1 82  ? 1.759   4.696   -6.913  0.50 29.18  ? 82  ILE A CB  1 
ATOM   441  C CB  B ILE A 1 82  ? 1.701   5.147   -6.510  0.50 16.04  ? 82  ILE A CB  1 
ATOM   442  C CG1 A ILE A 1 82  ? 0.990   5.798   -7.668  0.50 24.33  ? 82  ILE A CG1 1 
ATOM   443  C CG1 B ILE A 1 82  ? 1.254   3.973   -7.381  0.50 20.89  ? 82  ILE A CG1 1 
ATOM   444  C CG2 A ILE A 1 82  ? 1.013   4.244   -5.659  0.50 17.22  ? 82  ILE A CG2 1 
ATOM   445  C CG2 B ILE A 1 82  ? 1.076   6.469   -7.035  0.50 7.80   ? 82  ILE A CG2 1 
ATOM   446  C CD1 A ILE A 1 82  ? -0.510  5.631   -7.629  0.50 19.31  ? 82  ILE A CD1 1 
ATOM   447  C CD1 B ILE A 1 82  ? -0.237  3.742   -7.367  0.50 19.02  ? 82  ILE A CD1 1 
ATOM   448  N N   . TYR A 1 83  ? 4.128   3.534   -5.023  1.00 19.75  ? 83  TYR A N   1 
ATOM   449  C CA  . TYR A 1 83  ? 4.929   2.358   -4.686  1.00 23.14  ? 83  TYR A CA  1 
ATOM   450  C C   . TYR A 1 83  ? 4.523   1.724   -3.373  1.00 21.95  ? 83  TYR A C   1 
ATOM   451  O O   . TYR A 1 83  ? 3.982   2.399   -2.492  1.00 23.18  ? 83  TYR A O   1 
ATOM   452  C CB  . TYR A 1 83  ? 6.435   2.677   -4.651  1.00 18.23  ? 83  TYR A CB  1 
ATOM   453  C CG  . TYR A 1 83  ? 6.843   3.681   -3.571  1.00 25.53  ? 83  TYR A CG  1 
ATOM   454  C CD1 . TYR A 1 83  ? 7.089   3.272   -2.257  1.00 21.53  ? 83  TYR A CD1 1 
ATOM   455  C CD2 . TYR A 1 83  ? 6.979   5.029   -3.867  1.00 24.10  ? 83  TYR A CD2 1 
ATOM   456  C CE1 . TYR A 1 83  ? 7.461   4.184   -1.268  1.00 22.88  ? 83  TYR A CE1 1 
ATOM   457  C CE2 . TYR A 1 83  ? 7.347   5.953   -2.876  1.00 19.27  ? 83  TYR A CE2 1 
ATOM   458  C CZ  . TYR A 1 83  ? 7.594   5.515   -1.590  1.00 19.75  ? 83  TYR A CZ  1 
ATOM   459  O OH  . TYR A 1 83  ? 7.991   6.405   -0.627  1.00 19.77  ? 83  TYR A OH  1 
ATOM   460  N N   . SER A 1 84  ? 4.806   0.427   -3.235  1.00 23.67  ? 84  SER A N   1 
ATOM   461  C CA  . SER A 1 84  ? 4.612   -0.258  -1.955  1.00 21.63  ? 84  SER A CA  1 
ATOM   462  C C   . SER A 1 84  ? 5.504   -1.488  -1.916  1.00 24.96  ? 84  SER A C   1 
ATOM   463  O O   . SER A 1 84  ? 5.730   -2.146  -2.944  1.00 22.53  ? 84  SER A O   1 
ATOM   464  C CB  . SER A 1 84  ? 3.136   -0.677  -1.782  1.00 27.96  ? 84  SER A CB  1 
ATOM   465  O OG  . SER A 1 84  ? 2.898   -1.270  -0.508  1.00 22.50  ? 84  SER A OG  1 
ATOM   466  N N   . GLN A 1 85  ? 6.017   -1.788  -0.728  1.00 23.92  ? 85  GLN A N   1 
ATOM   467  C CA  . GLN A 1 85  ? 6.468   -3.133  -0.415  1.00 25.71  ? 85  GLN A CA  1 
ATOM   468  C C   . GLN A 1 85  ? 5.684   -3.673  0.752   1.00 27.12  ? 85  GLN A C   1 
ATOM   469  O O   . GLN A 1 85  ? 5.452   -2.971  1.734   1.00 22.06  ? 85  GLN A O   1 
ATOM   470  C CB  . GLN A 1 85  ? 7.948   -3.142  -0.064  1.00 25.04  ? 85  GLN A CB  1 
ATOM   471  C CG  . GLN A 1 85  ? 8.445   -4.520  0.326   1.00 21.99  ? 85  GLN A CG  1 
ATOM   472  C CD  . GLN A 1 85  ? 9.921   -4.547  0.478   1.00 25.77  ? 85  GLN A CD  1 
ATOM   473  O OE1 . GLN A 1 85  ? 10.633  -4.801  -0.495  1.00 28.87  ? 85  GLN A OE1 1 
ATOM   474  N NE2 . GLN A 1 85  ? 10.415  -4.270  1.705   1.00 22.87  ? 85  GLN A NE2 1 
ATOM   475  N N   . VAL A 1 86  ? 5.259   -4.921  0.626   1.00 25.31  ? 86  VAL A N   1 
ATOM   476  C CA  . VAL A 1 86  ? 4.742   -5.673  1.748   1.00 24.96  ? 86  VAL A CA  1 
ATOM   477  C C   . VAL A 1 86  ? 5.632   -6.886  1.932   1.00 23.95  ? 86  VAL A C   1 
ATOM   478  O O   . VAL A 1 86  ? 5.823   -7.684  1.012   1.00 25.68  ? 86  VAL A O   1 
ATOM   479  C CB  . VAL A 1 86  ? 3.295   -6.103  1.498   1.00 21.56  ? 86  VAL A CB  1 
ATOM   480  C CG1 . VAL A 1 86  ? 2.756   -6.920  2.691   1.00 22.78  ? 86  VAL A CG1 1 
ATOM   481  C CG2 . VAL A 1 86  ? 2.440   -4.869  1.277   1.00 20.78  ? 86  VAL A CG2 1 
ATOM   482  N N   . THR A 1 87  ? 6.230   -6.981  3.110   1.00 23.28  ? 87  THR A N   1 
ATOM   483  C CA  . THR A 1 87  ? 6.959   -8.175  3.508   1.00 22.08  ? 87  THR A CA  1 
ATOM   484  C C   . THR A 1 87  ? 5.960   -9.141  4.141   1.00 27.25  ? 87  THR A C   1 
ATOM   485  O O   . THR A 1 87  ? 5.238   -8.787  5.064   1.00 26.40  ? 87  THR A O   1 
ATOM   486  C CB  . THR A 1 87  ? 8.124   -7.825  4.467   1.00 20.91  ? 87  THR A CB  1 
ATOM   487  O OG1 . THR A 1 87  ? 9.058   -7.014  3.746   1.00 25.28  ? 87  THR A OG1 1 
ATOM   488  C CG2 . THR A 1 87  ? 8.872   -9.128  4.923   1.00 24.74  ? 87  THR A CG2 1 
ATOM   489  N N   . PHE A 1 88  ? 5.875   -10.335 3.576   1.00 24.86  ? 88  PHE A N   1 
ATOM   490  C CA  . PHE A 1 88  ? 5.007   -11.373 4.102   1.00 24.03  ? 88  PHE A CA  1 
ATOM   491  C C   . PHE A 1 88  ? 5.900   -12.344 4.866   1.00 31.44  ? 88  PHE A C   1 
ATOM   492  O O   . PHE A 1 88  ? 7.063   -12.536 4.513   1.00 31.67  ? 88  PHE A O   1 
ATOM   493  C CB  . PHE A 1 88  ? 4.288   -12.110 2.956   1.00 23.41  ? 88  PHE A CB  1 
ATOM   494  C CG  . PHE A 1 88  ? 3.272   -11.268 2.216   1.00 33.48  ? 88  PHE A CG  1 
ATOM   495  C CD1 . PHE A 1 88  ? 1.924   -11.346 2.533   1.00 27.25  ? 88  PHE A CD1 1 
ATOM   496  C CD2 . PHE A 1 88  ? 3.662   -10.434 1.167   1.00 25.56  ? 88  PHE A CD2 1 
ATOM   497  C CE1 . PHE A 1 88  ? 0.970   -10.587 1.839   1.00 34.52  ? 88  PHE A CE1 1 
ATOM   498  C CE2 . PHE A 1 88  ? 2.724   -9.677  0.460   1.00 26.38  ? 88  PHE A CE2 1 
ATOM   499  C CZ  . PHE A 1 88  ? 1.372   -9.745  0.801   1.00 25.21  ? 88  PHE A CZ  1 
ATOM   500  N N   . ARG A 1 89  ? 5.367   -12.937 5.928   1.00 27.72  ? 89  ARG A N   1 
ATOM   501  C CA  A ARG A 1 89  ? 6.073   -13.978 6.667   0.38 31.11  ? 89  ARG A CA  1 
ATOM   502  C CA  C ARG A 1 89  ? 6.073   -14.000 6.621   0.62 24.42  ? 89  ARG A CA  1 
ATOM   503  C C   . ARG A 1 89  ? 5.084   -15.046 7.144   1.00 34.73  ? 89  ARG A C   1 
ATOM   504  O O   . ARG A 1 89  ? 3.935   -14.727 7.480   1.00 31.57  ? 89  ARG A O   1 
ATOM   505  C CB  A ARG A 1 89  ? 6.820   -13.370 7.860   0.38 30.47  ? 89  ARG A CB  1 
ATOM   506  C CB  C ARG A 1 89  ? 6.960   -13.445 7.747   0.62 28.79  ? 89  ARG A CB  1 
ATOM   507  C CG  A ARG A 1 89  ? 5.994   -12.374 8.653   0.38 46.61  ? 89  ARG A CG  1 
ATOM   508  C CG  C ARG A 1 89  ? 6.274   -12.482 8.693   0.62 47.08  ? 89  ARG A CG  1 
ATOM   509  C CD  A ARG A 1 89  ? 6.541   -12.151 10.050  0.38 31.74  ? 89  ARG A CD  1 
ATOM   510  C CD  C ARG A 1 89  ? 5.782   -13.180 9.950   0.62 63.61  ? 89  ARG A CD  1 
ATOM   511  N NE  A ARG A 1 89  ? 5.471   -11.801 10.983  0.38 34.08  ? 89  ARG A NE  1 
ATOM   512  N NE  C ARG A 1 89  ? 4.870   -12.328 10.706  0.62 69.67  ? 89  ARG A NE  1 
ATOM   513  C CZ  A ARG A 1 89  ? 5.655   -11.191 12.147  0.38 36.92  ? 89  ARG A CZ  1 
ATOM   514  C CZ  C ARG A 1 89  ? 3.545   -12.365 10.601  0.62 44.46  ? 89  ARG A CZ  1 
ATOM   515  N NH1 A ARG A 1 89  ? 6.876   -10.848 12.537  0.38 39.76  ? 89  ARG A NH1 1 
ATOM   516  N NH1 C ARG A 1 89  ? 2.808   -11.545 11.332  0.62 50.47  ? 89  ARG A NH1 1 
ATOM   517  N NH2 A ARG A 1 89  ? 4.615   -10.918 12.921  0.38 54.14  ? 89  ARG A NH2 1 
ATOM   518  N NH2 C ARG A 1 89  ? 2.960   -13.223 9.775   0.62 54.49  ? 89  ARG A NH2 1 
ATOM   519  N N   . GLY A 1 90  ? 5.533   -16.294 7.189   1.00 41.01  ? 90  GLY A N   1 
ATOM   520  C CA  . GLY A 1 90  ? 4.654   -17.427 7.462   1.00 44.70  ? 90  GLY A CA  1 
ATOM   521  C C   . GLY A 1 90  ? 4.311   -17.558 8.932   1.00 64.08  ? 90  GLY A C   1 
ATOM   522  O O   . GLY A 1 90  ? 4.978   -16.966 9.785   1.00 58.38  ? 90  GLY A O   1 
ATOM   523  N N   . MET A 1 91  ? 3.274   -18.346 9.218   1.00 82.02  ? 91  MET A N   1 
ATOM   524  C CA  . MET A 1 91  ? 2.592   -18.354 10.518  1.00 103.36 ? 91  MET A CA  1 
ATOM   525  C C   . MET A 1 91  ? 1.888   -17.031 10.806  1.00 101.80 ? 91  MET A C   1 
ATOM   526  O O   . MET A 1 91  ? 0.699   -16.876 10.521  1.00 100.45 ? 91  MET A O   1 
ATOM   527  C CB  . MET A 1 91  ? 3.550   -18.718 11.663  1.00 106.18 ? 91  MET A CB  1 
ATOM   528  C CG  . MET A 1 91  ? 4.225   -20.075 11.517  1.00 110.73 ? 91  MET A CG  1 
ATOM   529  S SD  . MET A 1 91  ? 5.957   -20.037 12.025  1.00 129.80 ? 91  MET A SD  1 
ATOM   530  C CE  . MET A 1 91  ? 6.334   -21.792 12.057  1.00 126.08 ? 91  MET A CE  1 
ATOM   531  N N   . LYS A 1 106 ? 0.079   -23.199 4.757   1.00 71.90  ? 106 LYS A N   1 
ATOM   532  C CA  . LYS A 1 106 ? -1.341  -22.960 4.509   1.00 74.27  ? 106 LYS A CA  1 
ATOM   533  C C   . LYS A 1 106 ? -1.685  -22.094 3.276   1.00 65.52  ? 106 LYS A C   1 
ATOM   534  O O   . LYS A 1 106 ? -2.504  -22.503 2.453   1.00 63.90  ? 106 LYS A O   1 
ATOM   535  C CB  . LYS A 1 106 ? -2.054  -22.464 5.773   1.00 62.15  ? 106 LYS A CB  1 
ATOM   536  C CG  . LYS A 1 106 ? -3.513  -22.903 5.865   1.00 85.48  ? 106 LYS A CG  1 
ATOM   537  C CD  . LYS A 1 106 ? -4.334  -21.969 6.743   1.00 102.20 ? 106 LYS A CD  1 
ATOM   538  C CE  . LYS A 1 106 ? -4.215  -22.335 8.215   1.00 106.27 ? 106 LYS A CE  1 
ATOM   539  N NZ  . LYS A 1 106 ? -2.991  -21.757 8.837   1.00 85.37  ? 106 LYS A NZ  1 
ATOM   540  N N   . PRO A 1 107 ? -1.072  -20.899 3.132   1.00 65.62  ? 107 PRO A N   1 
ATOM   541  C CA  . PRO A 1 107 ? -1.391  -20.138 1.908   1.00 50.84  ? 107 PRO A CA  1 
ATOM   542  C C   . PRO A 1 107 ? -0.803  -20.795 0.652   1.00 41.89  ? 107 PRO A C   1 
ATOM   543  O O   . PRO A 1 107 ? 0.318   -21.298 0.694   1.00 44.58  ? 107 PRO A O   1 
ATOM   544  C CB  . PRO A 1 107 ? -0.714  -18.784 2.154   1.00 51.97  ? 107 PRO A CB  1 
ATOM   545  C CG  . PRO A 1 107 ? 0.411   -19.089 3.100   1.00 68.18  ? 107 PRO A CG  1 
ATOM   546  C CD  . PRO A 1 107 ? -0.109  -20.185 3.995   1.00 60.72  ? 107 PRO A CD  1 
ATOM   547  N N   . ASP A 1 108 ? -1.545  -20.782 -0.456  1.00 36.59  ? 108 ASP A N   1 
ATOM   548  C CA  . ASP A 1 108 ? -0.978  -21.164 -1.749  1.00 43.30  ? 108 ASP A CA  1 
ATOM   549  C C   . ASP A 1 108 ? -0.231  -20.017 -2.454  1.00 39.81  ? 108 ASP A C   1 
ATOM   550  O O   . ASP A 1 108 ? 0.605   -20.254 -3.337  1.00 36.76  ? 108 ASP A O   1 
ATOM   551  C CB  . ASP A 1 108 ? -2.070  -21.701 -2.674  1.00 47.87  ? 108 ASP A CB  1 
ATOM   552  C CG  . ASP A 1 108 ? -2.619  -23.042 -2.214  1.00 76.72  ? 108 ASP A CG  1 
ATOM   553  O OD1 . ASP A 1 108 ? -1.817  -23.920 -1.826  1.00 74.08  ? 108 ASP A OD1 1 
ATOM   554  O OD2 . ASP A 1 108 ? -3.855  -23.218 -2.241  1.00 96.47  ? 108 ASP A OD2 1 
ATOM   555  N N   . SER A 1 109 ? -0.550  -18.783 -2.073  1.00 40.49  ? 109 SER A N   1 
ATOM   556  C CA  . SER A 1 109 ? 0.032   -17.604 -2.702  1.00 37.18  ? 109 SER A CA  1 
ATOM   557  C C   . SER A 1 109 ? -0.142  -16.397 -1.792  1.00 41.09  ? 109 SER A C   1 
ATOM   558  O O   . SER A 1 109 ? -0.935  -16.429 -0.829  1.00 33.23  ? 109 SER A O   1 
ATOM   559  C CB  . SER A 1 109 ? -0.637  -17.345 -4.055  1.00 34.90  ? 109 SER A CB  1 
ATOM   560  O OG  . SER A 1 109 ? -1.979  -16.950 -3.847  1.00 32.03  ? 109 SER A OG  1 
ATOM   561  N N   . ILE A 1 110 ? 0.612   -15.340 -2.093  1.00 35.47  ? 110 ILE A N   1 
ATOM   562  C CA  . ILE A 1 110 ? 0.495   -14.049 -1.390  1.00 22.69  ? 110 ILE A CA  1 
ATOM   563  C C   . ILE A 1 110 ? 0.354   -12.949 -2.475  1.00 24.97  ? 110 ILE A C   1 
ATOM   564  O O   . ILE A 1 110 ? 0.985   -13.036 -3.532  1.00 30.12  ? 110 ILE A O   1 
ATOM   565  C CB  . ILE A 1 110 ? 1.770   -13.776 -0.520  1.00 29.54  ? 110 ILE A CB  1 
ATOM   566  C CG1 . ILE A 1 110 ? 3.036   -14.136 -1.302  1.00 32.70  ? 110 ILE A CG1 1 
ATOM   567  C CG2 . ILE A 1 110 ? 1.724   -14.596 0.772   1.00 34.38  ? 110 ILE A CG2 1 
ATOM   568  C CD1 . ILE A 1 110 ? 4.360   -13.594 -0.695  1.00 30.24  ? 110 ILE A CD1 1 
ATOM   569  N N   . THR A 1 111 ? -0.476  -11.943 -2.214  1.00 25.04  ? 111 THR A N   1 
ATOM   570  C CA  . THR A 1 111 ? -0.755  -10.885 -3.197  1.00 30.46  ? 111 THR A CA  1 
ATOM   571  C C   . THR A 1 111 ? -0.787  -9.516  -2.534  1.00 30.29  ? 111 THR A C   1 
ATOM   572  O O   . THR A 1 111 ? -1.386  -9.365  -1.463  1.00 25.77  ? 111 THR A O   1 
ATOM   573  C CB  . THR A 1 111 ? -2.103  -11.129 -3.900  1.00 31.60  ? 111 THR A CB  1 
ATOM   574  O OG1 . THR A 1 111 ? -2.101  -12.434 -4.487  1.00 29.84  ? 111 THR A OG1 1 
ATOM   575  C CG2 . THR A 1 111 ? -2.323  -10.119 -5.018  1.00 31.03  ? 111 THR A CG2 1 
ATOM   576  N N   . VAL A 1 112 ? -0.126  -8.537  -3.160  1.00 27.80  ? 112 VAL A N   1 
ATOM   577  C CA  . VAL A 1 112 ? -0.345  -7.120  -2.880  1.00 21.80  ? 112 VAL A CA  1 
ATOM   578  C C   . VAL A 1 112 ? -0.975  -6.446  -4.104  1.00 28.11  ? 112 VAL A C   1 
ATOM   579  O O   . VAL A 1 112 ? -0.534  -6.656  -5.227  1.00 26.15  ? 112 VAL A O   1 
ATOM   580  C CB  . VAL A 1 112 ? 1.007   -6.356  -2.693  1.00 29.39  ? 112 VAL A CB  1 
ATOM   581  C CG1 . VAL A 1 112 ? 0.741   -4.934  -2.142  1.00 23.82  ? 112 VAL A CG1 1 
ATOM   582  C CG2 . VAL A 1 112 ? 1.929   -7.089  -1.796  1.00 28.20  ? 112 VAL A CG2 1 
ATOM   583  N N   . VAL A 1 113 ? -1.980  -5.607  -3.878  1.00 22.91  ? 113 VAL A N   1 
ATOM   584  C CA  . VAL A 1 113 ? -2.648  -4.892  -4.950  1.00 26.51  ? 113 VAL A CA  1 
ATOM   585  C C   . VAL A 1 113 ? -2.709  -3.453  -4.481  1.00 24.24  ? 113 VAL A C   1 
ATOM   586  O O   . VAL A 1 113 ? -3.051  -3.179  -3.327  1.00 26.14  ? 113 VAL A O   1 
ATOM   587  C CB  . VAL A 1 113 ? -4.095  -5.374  -5.143  1.00 31.12  ? 113 VAL A CB  1 
ATOM   588  C CG1 . VAL A 1 113 ? -4.698  -4.685  -6.360  1.00 38.48  ? 113 VAL A CG1 1 
ATOM   589  C CG2 . VAL A 1 113 ? -4.131  -6.866  -5.315  1.00 40.17  ? 113 VAL A CG2 1 
ATOM   590  N N   . ILE A 1 114 ? -2.322  -2.530  -5.345  1.00 27.28  ? 114 ILE A N   1 
ATOM   591  C CA  . ILE A 1 114 ? -2.562  -1.122  -5.058  1.00 24.80  ? 114 ILE A CA  1 
ATOM   592  C C   . ILE A 1 114 ? -3.742  -0.671  -5.910  1.00 26.25  ? 114 ILE A C   1 
ATOM   593  O O   . ILE A 1 114 ? -3.772  -0.911  -7.116  1.00 24.99  ? 114 ILE A O   1 
ATOM   594  C CB  . ILE A 1 114 ? -1.316  -0.254  -5.370  1.00 23.28  ? 114 ILE A CB  1 
ATOM   595  C CG1 . ILE A 1 114 ? -0.129  -0.669  -4.486  1.00 24.86  ? 114 ILE A CG1 1 
ATOM   596  C CG2 . ILE A 1 114 ? -1.623  1.236   -5.120  1.00 26.09  ? 114 ILE A CG2 1 
ATOM   597  C CD1 . ILE A 1 114 ? 1.149   0.105   -4.824  1.00 27.26  ? 114 ILE A CD1 1 
ATOM   598  N N   . THR A 1 115 ? -4.712  -0.043  -5.262  1.00 22.30  ? 115 THR A N   1 
ATOM   599  C CA  . THR A 1 115 ? -6.034  0.196   -5.858  1.00 28.42  ? 115 THR A CA  1 
ATOM   600  C C   . THR A 1 115 ? -6.364  1.692   -5.796  1.00 33.00  ? 115 THR A C   1 
ATOM   601  O O   . THR A 1 115 ? -6.002  2.371   -4.829  1.00 28.00  ? 115 THR A O   1 
ATOM   602  C CB  . THR A 1 115 ? -7.096  -0.579  -5.041  1.00 35.57  ? 115 THR A CB  1 
ATOM   603  O OG1 . THR A 1 115 ? -6.880  -1.988  -5.218  1.00 43.19  ? 115 THR A OG1 1 
ATOM   604  C CG2 . THR A 1 115 ? -8.486  -0.235  -5.474  1.00 42.98  ? 115 THR A CG2 1 
ATOM   605  N N   . LYS A 1 116 ? -7.066  2.184   -6.817  1.00 26.44  ? 116 LYS A N   1 
ATOM   606  C CA  . LYS A 1 116 ? -7.557  3.556   -6.883  1.00 30.54  ? 116 LYS A CA  1 
ATOM   607  C C   . LYS A 1 116 ? -9.080  3.516   -6.757  1.00 35.36  ? 116 LYS A C   1 
ATOM   608  O O   . LYS A 1 116 ? -9.747  2.739   -7.436  1.00 31.07  ? 116 LYS A O   1 
ATOM   609  C CB  . LYS A 1 116 ? -7.195  4.144   -8.259  1.00 26.36  ? 116 LYS A CB  1 
ATOM   610  C CG  . LYS A 1 116 ? -7.745  5.506   -8.586  1.00 42.70  ? 116 LYS A CG  1 
ATOM   611  C CD  . LYS A 1 116 ? -7.300  5.970   -9.996  1.00 36.32  ? 116 LYS A CD  1 
ATOM   612  C CE  . LYS A 1 116 ? -7.848  5.131   -11.144 1.00 46.58  ? 116 LYS A CE  1 
ATOM   613  N NZ  . LYS A 1 116 ? -7.403  5.662   -12.487 1.00 31.00  ? 116 LYS A NZ  1 
ATOM   614  N N   . VAL A 1 117 ? -9.627  4.355   -5.892  1.00 29.69  ? 117 VAL A N   1 
ATOM   615  C CA  . VAL A 1 117 ? -11.074 4.591   -5.868  1.00 31.14  ? 117 VAL A CA  1 
ATOM   616  C C   . VAL A 1 117 ? -11.301 6.024   -6.319  1.00 34.80  ? 117 VAL A C   1 
ATOM   617  O O   . VAL A 1 117 ? -10.651 6.945   -5.810  1.00 34.94  ? 117 VAL A O   1 
ATOM   618  C CB  . VAL A 1 117 ? -11.648 4.421   -4.448  1.00 46.54  ? 117 VAL A CB  1 
ATOM   619  C CG1 . VAL A 1 117 ? -13.139 4.728   -4.447  1.00 53.03  ? 117 VAL A CG1 1 
ATOM   620  C CG2 . VAL A 1 117 ? -11.390 2.996   -3.945  1.00 50.54  ? 117 VAL A CG2 1 
ATOM   621  N N   . THR A 1 118 ? -12.186 6.189   -7.302  1.00 40.32  ? 118 THR A N   1 
ATOM   622  C CA  . THR A 1 118 ? -12.524 7.492   -7.888  1.00 53.62  ? 118 THR A CA  1 
ATOM   623  C C   . THR A 1 118 ? -13.975 7.799   -7.519  1.00 65.40  ? 118 THR A C   1 
ATOM   624  O O   . THR A 1 118 ? -14.790 6.880   -7.395  1.00 58.12  ? 118 THR A O   1 
ATOM   625  C CB  . THR A 1 118 ? -12.401 7.456   -9.440  1.00 61.82  ? 118 THR A CB  1 
ATOM   626  O OG1 . THR A 1 118 ? -11.128 6.912   -9.819  1.00 74.29  ? 118 THR A OG1 1 
ATOM   627  C CG2 . THR A 1 118 ? -12.537 8.849   -10.038 1.00 84.49  ? 118 THR A CG2 1 
ATOM   628  N N   . ASP A 1 119 ? -14.294 9.080   -7.344  1.00 72.04  ? 119 ASP A N   1 
ATOM   629  C CA  . ASP A 1 119 ? -15.635 9.490   -6.905  1.00 92.93  ? 119 ASP A CA  1 
ATOM   630  C C   . ASP A 1 119 ? -16.732 9.128   -7.912  1.00 88.71  ? 119 ASP A C   1 
ATOM   631  O O   . ASP A 1 119 ? -17.809 8.665   -7.533  1.00 85.55  ? 119 ASP A O   1 
ATOM   632  C CB  . ASP A 1 119 ? -15.669 10.992  -6.591  1.00 96.77  ? 119 ASP A CB  1 
ATOM   633  C CG  . ASP A 1 119 ? -15.278 11.297  -5.153  1.00 109.33 ? 119 ASP A CG  1 
ATOM   634  O OD1 . ASP A 1 119 ? -15.672 10.526  -4.251  1.00 116.04 ? 119 ASP A OD1 1 
ATOM   635  O OD2 . ASP A 1 119 ? -14.578 12.307  -4.926  1.00 104.23 ? 119 ASP A OD2 1 
ATOM   636  N N   . SER A 1 120 ? -16.438 9.333   -9.192  1.00 90.12  ? 120 SER A N   1 
ATOM   637  C CA  . SER A 1 120 ? -17.390 9.079   -10.267 1.00 100.63 ? 120 SER A CA  1 
ATOM   638  C C   . SER A 1 120 ? -17.644 7.588   -10.495 1.00 105.32 ? 120 SER A C   1 
ATOM   639  O O   . SER A 1 120 ? -18.773 7.177   -10.766 1.00 106.62 ? 120 SER A O   1 
ATOM   640  C CB  . SER A 1 120 ? -16.890 9.721   -11.562 1.00 105.06 ? 120 SER A CB  1 
ATOM   641  O OG  . SER A 1 120 ? -15.531 9.390   -11.794 1.00 101.67 ? 120 SER A OG  1 
ATOM   642  N N   . TYR A 1 121 ? -16.589 6.787   -10.387 1.00 108.28 ? 121 TYR A N   1 
ATOM   643  C CA  . TYR A 1 121 ? -16.671 5.353   -10.649 1.00 112.97 ? 121 TYR A CA  1 
ATOM   644  C C   . TYR A 1 121 ? -17.166 4.580   -9.424  1.00 115.24 ? 121 TYR A C   1 
ATOM   645  O O   . TYR A 1 121 ? -16.700 4.815   -8.307  1.00 109.63 ? 121 TYR A O   1 
ATOM   646  C CB  . TYR A 1 121 ? -15.304 4.818   -11.084 1.00 118.03 ? 121 TYR A CB  1 
ATOM   647  C CG  . TYR A 1 121 ? -15.045 4.880   -12.575 1.00 125.11 ? 121 TYR A CG  1 
ATOM   648  C CD1 . TYR A 1 121 ? -13.948 4.230   -13.134 1.00 131.31 ? 121 TYR A CD1 1 
ATOM   649  C CD2 . TYR A 1 121 ? -15.897 5.581   -13.427 1.00 130.35 ? 121 TYR A CD2 1 
ATOM   650  C CE1 . TYR A 1 121 ? -13.702 4.279   -14.497 1.00 133.81 ? 121 TYR A CE1 1 
ATOM   651  C CE2 . TYR A 1 121 ? -15.660 5.635   -14.793 1.00 132.14 ? 121 TYR A CE2 1 
ATOM   652  C CZ  . TYR A 1 121 ? -14.561 4.982   -15.322 1.00 133.10 ? 121 TYR A CZ  1 
ATOM   653  O OH  . TYR A 1 121 ? -14.320 5.031   -16.676 1.00 125.06 ? 121 TYR A OH  1 
ATOM   654  N N   . PRO A 1 122 ? -18.114 3.648   -9.633  1.00 116.10 ? 122 PRO A N   1 
ATOM   655  C CA  . PRO A 1 122 ? -18.489 2.707   -8.577  1.00 110.14 ? 122 PRO A CA  1 
ATOM   656  C C   . PRO A 1 122 ? -17.357 1.731   -8.243  1.00 103.08 ? 122 PRO A C   1 
ATOM   657  O O   . PRO A 1 122 ? -17.075 1.489   -7.068  1.00 100.26 ? 122 PRO A O   1 
ATOM   658  C CB  . PRO A 1 122 ? -19.692 1.962   -9.173  1.00 108.63 ? 122 PRO A CB  1 
ATOM   659  C CG  . PRO A 1 122 ? -19.559 2.118   -10.648 1.00 113.33 ? 122 PRO A CG  1 
ATOM   660  C CD  . PRO A 1 122 ? -18.886 3.439   -10.873 1.00 118.26 ? 122 PRO A CD  1 
ATOM   661  N N   . GLU A 1 123 ? -16.707 1.189   -9.269  1.00 90.41  ? 123 GLU A N   1 
ATOM   662  C CA  . GLU A 1 123 ? -15.708 0.144   -9.074  1.00 84.03  ? 123 GLU A CA  1 
ATOM   663  C C   . GLU A 1 123 ? -14.302 0.706   -8.852  1.00 63.08  ? 123 GLU A C   1 
ATOM   664  O O   . GLU A 1 123 ? -13.902 1.670   -9.505  1.00 59.06  ? 123 GLU A O   1 
ATOM   665  C CB  . GLU A 1 123 ? -15.729 -0.852  -10.242 1.00 90.56  ? 123 GLU A CB  1 
ATOM   666  C CG  . GLU A 1 123 ? -16.387 -2.196  -9.911  1.00 101.24 ? 123 GLU A CG  1 
ATOM   667  C CD  . GLU A 1 123 ? -17.800 -2.049  -9.358  1.00 120.59 ? 123 GLU A CD  1 
ATOM   668  O OE1 . GLU A 1 123 ? -18.744 -1.878  -10.161 1.00 112.81 ? 123 GLU A OE1 1 
ATOM   669  O OE2 . GLU A 1 123 ? -17.968 -2.111  -8.120  1.00 108.04 ? 123 GLU A OE2 1 
ATOM   670  N N   . PRO A 1 124 ? -13.550 0.104   -7.918  1.00 45.43  ? 124 PRO A N   1 
ATOM   671  C CA  . PRO A 1 124 ? -12.142 0.443   -7.745  1.00 44.57  ? 124 PRO A CA  1 
ATOM   672  C C   . PRO A 1 124 ? -11.323 -0.057  -8.933  1.00 44.43  ? 124 PRO A C   1 
ATOM   673  O O   . PRO A 1 124 ? -11.691 -1.052  -9.563  1.00 46.82  ? 124 PRO A O   1 
ATOM   674  C CB  . PRO A 1 124 ? -11.756 -0.319  -6.479  1.00 48.35  ? 124 PRO A CB  1 
ATOM   675  C CG  . PRO A 1 124 ? -12.692 -1.464  -6.425  1.00 62.55  ? 124 PRO A CG  1 
ATOM   676  C CD  . PRO A 1 124 ? -13.983 -0.948  -6.984  1.00 53.46  ? 124 PRO A CD  1 
ATOM   677  N N   . THR A 1 125 ? -10.230 0.633   -9.242  1.00 34.34  ? 125 THR A N   1 
ATOM   678  C CA  . THR A 1 125 ? -9.336  0.202   -10.315 1.00 29.96  ? 125 THR A CA  1 
ATOM   679  C C   . THR A 1 125 ? -8.024  -0.311  -9.742  1.00 30.50  ? 125 THR A C   1 
ATOM   680  O O   . THR A 1 125 ? -7.360  0.395   -8.974  1.00 28.80  ? 125 THR A O   1 
ATOM   681  C CB  . THR A 1 125 ? -9.070  1.375   -11.282 1.00 38.63  ? 125 THR A CB  1 
ATOM   682  O OG1 . THR A 1 125 ? -10.318 1.895   -11.742 1.00 39.51  ? 125 THR A OG1 1 
ATOM   683  C CG2 . THR A 1 125 ? -8.245  0.936   -12.478 1.00 33.15  ? 125 THR A CG2 1 
ATOM   684  N N   . GLN A 1 126 ? -7.661  -1.542  -10.102 1.00 28.71  ? 126 GLN A N   1 
ATOM   685  C CA  . GLN A 1 126 ? -6.384  -2.125  -9.713  1.00 32.39  ? 126 GLN A CA  1 
ATOM   686  C C   . GLN A 1 126 ? -5.303  -1.506  -10.598 1.00 31.58  ? 126 GLN A C   1 
ATOM   687  O O   . GLN A 1 126 ? -5.332  -1.652  -11.821 1.00 33.34  ? 126 GLN A O   1 
ATOM   688  C CB  . GLN A 1 126 ? -6.407  -3.657  -9.880  1.00 31.74  ? 126 GLN A CB  1 
ATOM   689  C CG  . GLN A 1 126 ? -7.294  -4.343  -8.854  1.00 33.39  ? 126 GLN A CG  1 
ATOM   690  C CD  . GLN A 1 126 ? -7.402  -5.850  -9.021  1.00 57.30  ? 126 GLN A CD  1 
ATOM   691  O OE1 . GLN A 1 126 ? -8.355  -6.454  -8.540  1.00 57.59  ? 126 GLN A OE1 1 
ATOM   692  N NE2 . GLN A 1 126 ? -6.431  -6.464  -9.694  1.00 42.96  ? 126 GLN A NE2 1 
ATOM   693  N N   . LEU A 1 127 ? -4.358  -0.816  -9.965  1.00 29.85  ? 127 LEU A N   1 
ATOM   694  C CA  . LEU A 1 127 ? -3.272  -0.153  -10.671 1.00 22.11  ? 127 LEU A CA  1 
ATOM   695  C C   . LEU A 1 127 ? -2.059  -1.085  -10.814 1.00 25.74  ? 127 LEU A C   1 
ATOM   696  O O   . LEU A 1 127 ? -1.405  -1.127  -11.854 1.00 25.47  ? 127 LEU A O   1 
ATOM   697  C CB  . LEU A 1 127 ? -2.859  1.100   -9.882  1.00 22.40  ? 127 LEU A CB  1 
ATOM   698  C CG  . LEU A 1 127 ? -3.949  2.144   -9.623  1.00 28.86  ? 127 LEU A CG  1 
ATOM   699  C CD1 . LEU A 1 127 ? -3.301  3.344   -8.949  1.00 24.77  ? 127 LEU A CD1 1 
ATOM   700  C CD2 . LEU A 1 127 ? -4.621  2.589   -10.952 1.00 22.85  ? 127 LEU A CD2 1 
ATOM   701  N N   . LEU A 1 128 ? -1.775  -1.829  -9.754  1.00 22.34  ? 128 LEU A N   1 
ATOM   702  C CA  . LEU A 1 128 ? -0.523  -2.588  -9.622  1.00 25.68  ? 128 LEU A CA  1 
ATOM   703  C C   . LEU A 1 128 ? -0.817  -3.851  -8.846  1.00 33.20  ? 128 LEU A C   1 
ATOM   704  O O   . LEU A 1 128 ? -1.458  -3.786  -7.810  1.00 24.80  ? 128 LEU A O   1 
ATOM   705  C CB  . LEU A 1 128 ? 0.490   -1.789  -8.796  1.00 25.50  ? 128 LEU A CB  1 
ATOM   706  C CG  . LEU A 1 128 ? 1.097   -0.580  -9.493  1.00 28.92  ? 128 LEU A CG  1 
ATOM   707  C CD1 . LEU A 1 128 ? 1.904   0.279   -8.532  1.00 28.27  ? 128 LEU A CD1 1 
ATOM   708  C CD2 . LEU A 1 128 ? 1.968   -1.091  -10.636 1.00 29.06  ? 128 LEU A CD2 1 
ATOM   709  N N   . MET A 1 129 ? -0.324  -4.991  -9.313  1.00 27.39  ? 129 MET A N   1 
ATOM   710  C CA  . MET A 1 129 ? -0.505  -6.219  -8.557  1.00 29.10  ? 129 MET A CA  1 
ATOM   711  C C   . MET A 1 129 ? 0.776   -7.043  -8.535  1.00 23.07  ? 129 MET A C   1 
ATOM   712  O O   . MET A 1 129 ? 1.381   -7.305  -9.589  1.00 28.25  ? 129 MET A O   1 
ATOM   713  C CB  . MET A 1 129 ? -1.672  -7.053  -9.112  1.00 23.11  ? 129 MET A CB  1 
ATOM   714  C CG  . MET A 1 129 ? -1.686  -8.486  -8.542  1.00 29.27  ? 129 MET A CG  1 
ATOM   715  S SD  . MET A 1 129 ? -3.124  -9.478  -9.031  1.00 37.09  ? 129 MET A SD  1 
ATOM   716  C CE  . MET A 1 129 ? -4.473  -8.684  -8.185  1.00 37.61  ? 129 MET A CE  1 
ATOM   717  N N   . GLY A 1 130 ? 1.187   -7.451  -7.334  1.00 21.20  ? 130 GLY A N   1 
ATOM   718  C CA  . GLY A 1 130 ? 2.319   -8.371  -7.197  1.00 18.69  ? 130 GLY A CA  1 
ATOM   719  C C   . GLY A 1 130 ? 1.812   -9.609  -6.510  1.00 28.68  ? 130 GLY A C   1 
ATOM   720  O O   . GLY A 1 130 ? 1.322   -9.556  -5.383  1.00 26.83  ? 130 GLY A O   1 
ATOM   721  N N   . THR A 1 131 ? 1.888   -10.723 -7.207  1.00 23.13  ? 131 THR A N   1 
ATOM   722  C CA  . THR A 1 131 ? 1.330   -11.962 -6.680  1.00 29.60  ? 131 THR A CA  1 
ATOM   723  C C   . THR A 1 131 ? 2.350   -13.066 -6.876  1.00 32.00  ? 131 THR A C   1 
ATOM   724  O O   . THR A 1 131 ? 2.981   -13.181 -7.936  1.00 31.60  ? 131 THR A O   1 
ATOM   725  C CB  . THR A 1 131 ? -0.088  -12.277 -7.297  1.00 29.34  ? 131 THR A CB  1 
ATOM   726  O OG1 . THR A 1 131 ? -0.665  -13.418 -6.650  1.00 46.64  ? 131 THR A OG1 1 
ATOM   727  C CG2 . THR A 1 131 ? -0.007  -12.522 -8.802  1.00 31.38  ? 131 THR A CG2 1 
ATOM   728  N N   . LYS A 1 132 ? 2.559   -13.846 -5.829  1.00 34.10  ? 132 LYS A N   1 
ATOM   729  C CA  . LYS A 1 132 ? 3.610   -14.845 -5.849  1.00 29.77  ? 132 LYS A CA  1 
ATOM   730  C C   . LYS A 1 132 ? 3.070   -16.157 -5.265  1.00 43.67  ? 132 LYS A C   1 
ATOM   731  O O   . LYS A 1 132 ? 2.431   -16.137 -4.235  1.00 26.03  ? 132 LYS A O   1 
ATOM   732  C CB  . LYS A 1 132 ? 4.785   -14.368 -5.011  1.00 31.68  ? 132 LYS A CB  1 
ATOM   733  C CG  . LYS A 1 132 ? 5.971   -15.295 -5.083  1.00 63.97  ? 132 LYS A CG  1 
ATOM   734  C CD  . LYS A 1 132 ? 7.271   -14.561 -4.804  1.00 69.92  ? 132 LYS A CD  1 
ATOM   735  C CE  . LYS A 1 132 ? 8.443   -15.506 -4.979  1.00 94.42  ? 132 LYS A CE  1 
ATOM   736  N NZ  . LYS A 1 132 ? 8.163   -16.814 -4.320  1.00 56.47  ? 132 LYS A NZ  1 
ATOM   737  N N   . SER A 1 133 ? 3.310   -17.291 -5.922  1.00 29.04  ? 133 SER A N   1 
ATOM   738  C CA  A SER A 1 133 ? 2.929   -18.581 -5.327  1.00 38.61  ? 133 SER A CA  1 
ATOM   739  C C   . SER A 1 133 ? 3.909   -18.920 -4.213  1.00 34.31  ? 133 SER A C   1 
ATOM   740  O O   . SER A 1 133 ? 5.096   -18.627 -4.329  1.00 35.47  ? 133 SER A O   1 
ATOM   741  C CB  A SER A 1 133 ? 2.902   -19.686 -6.393  1.00 30.01  ? 133 SER A CB  1 
ATOM   742  O OG  A SER A 1 133 ? 4.128   -19.742 -7.088  1.00 24.90  ? 133 SER A OG  1 
ATOM   743  N N   . VAL A 1 134 ? 3.429   -19.495 -3.107  1.00 38.94  ? 134 VAL A N   1 
ATOM   744  C CA  . VAL A 1 134 ? 4.362   -19.810 -2.027  1.00 45.54  ? 134 VAL A CA  1 
ATOM   745  C C   . VAL A 1 134 ? 4.711   -21.292 -1.980  1.00 66.01  ? 134 VAL A C   1 
ATOM   746  O O   . VAL A 1 134 ? 3.823   -22.144 -1.936  1.00 50.04  ? 134 VAL A O   1 
ATOM   747  C CB  . VAL A 1 134 ? 3.976   -19.212 -0.639  1.00 53.41  ? 134 VAL A CB  1 
ATOM   748  C CG1 . VAL A 1 134 ? 2.501   -18.952 -0.536  1.00 47.33  ? 134 VAL A CG1 1 
ATOM   749  C CG2 . VAL A 1 134 ? 4.468   -20.097 0.518   1.00 62.42  ? 134 VAL A CG2 1 
ATOM   750  N N   . SER A 1 135 ? 6.014   -21.570 -2.018  1.00 77.96  ? 135 SER A N   1 
ATOM   751  C CA  . SER A 1 135 ? 6.533   -22.888 -2.386  1.00 93.69  ? 135 SER A CA  1 
ATOM   752  C C   . SER A 1 135 ? 6.729   -23.754 -1.155  1.00 97.84  ? 135 SER A C   1 
ATOM   753  O O   . SER A 1 135 ? 6.196   -24.860 -1.074  1.00 105.36 ? 135 SER A O   1 
ATOM   754  C CB  . SER A 1 135 ? 7.867   -22.754 -3.130  1.00 93.56  ? 135 SER A CB  1 
ATOM   755  O OG  . SER A 1 135 ? 8.135   -21.406 -3.471  1.00 79.10  ? 135 SER A OG  1 
ATOM   756  N N   . GLU A 1 136 ? 7.497   -23.239 -0.198  1.00 97.30  ? 136 GLU A N   1 
ATOM   757  C CA  . GLU A 1 136 ? 7.900   -24.014 0.967   1.00 107.85 ? 136 GLU A CA  1 
ATOM   758  C C   . GLU A 1 136 ? 6.777   -24.192 1.988   1.00 110.80 ? 136 GLU A C   1 
ATOM   759  O O   . GLU A 1 136 ? 6.005   -23.269 2.255   1.00 110.47 ? 136 GLU A O   1 
ATOM   760  C CB  . GLU A 1 136 ? 9.162   -23.430 1.614   1.00 104.88 ? 136 GLU A CB  1 
ATOM   761  C CG  . GLU A 1 136 ? 8.979   -22.083 2.294   1.00 106.30 ? 136 GLU A CG  1 
ATOM   762  C CD  . GLU A 1 136 ? 9.043   -20.915 1.323   1.00 112.90 ? 136 GLU A CD  1 
ATOM   763  O OE1 . GLU A 1 136 ? 10.138  -20.329 1.161   1.00 94.10  ? 136 GLU A OE1 1 
ATOM   764  O OE2 . GLU A 1 136 ? 7.997   -20.581 0.728   1.00 90.83  ? 136 GLU A OE2 1 
ATOM   765  N N   . VAL A 1 137 ? 6.690   -25.399 2.540   1.00 120.83 ? 137 VAL A N   1 
ATOM   766  C CA  . VAL A 1 137 ? 5.666   -25.746 3.522   1.00 124.25 ? 137 VAL A CA  1 
ATOM   767  C C   . VAL A 1 137 ? 6.177   -25.462 4.938   1.00 121.05 ? 137 VAL A C   1 
ATOM   768  O O   . VAL A 1 137 ? 7.379   -25.276 5.146   1.00 117.98 ? 137 VAL A O   1 
ATOM   769  C CB  . VAL A 1 137 ? 5.197   -27.230 3.355   1.00 126.18 ? 137 VAL A CB  1 
ATOM   770  C CG1 . VAL A 1 137 ? 6.198   -28.206 3.973   1.00 128.60 ? 137 VAL A CG1 1 
ATOM   771  C CG2 . VAL A 1 137 ? 3.791   -27.438 3.918   1.00 120.97 ? 137 VAL A CG2 1 
ATOM   772  N N   . GLY A 1 138 ? 5.262   -25.416 5.902   1.00 118.38 ? 138 GLY A N   1 
ATOM   773  C CA  . GLY A 1 138 ? 5.562   -24.896 7.230   1.00 116.35 ? 138 GLY A CA  1 
ATOM   774  C C   . GLY A 1 138 ? 4.841   -23.582 7.450   1.00 112.71 ? 138 GLY A C   1 
ATOM   775  O O   . GLY A 1 138 ? 3.631   -23.571 7.687   1.00 112.73 ? 138 GLY A O   1 
ATOM   776  N N   . SER A 1 139 ? 5.570   -22.469 7.387   1.00 100.58 ? 139 SER A N   1 
ATOM   777  C CA  . SER A 1 139 ? 6.978   -22.403 7.787   1.00 97.82  ? 139 SER A CA  1 
ATOM   778  C C   . SER A 1 139 ? 7.208   -21.075 8.500   1.00 91.21  ? 139 SER A C   1 
ATOM   779  O O   . SER A 1 139 ? 6.267   -20.302 8.695   1.00 98.50  ? 139 SER A O   1 
ATOM   780  C CB  . SER A 1 139 ? 7.897   -22.485 6.564   1.00 102.39 ? 139 SER A CB  1 
ATOM   781  O OG  . SER A 1 139 ? 9.259   -22.398 6.943   1.00 102.98 ? 139 SER A OG  1 
ATOM   782  N N   . ASN A 1 140 ? 8.451   -20.795 8.877   1.00 68.17  ? 140 ASN A N   1 
ATOM   783  C CA  . ASN A 1 140 ? 8.860   -19.402 9.017   1.00 72.50  ? 140 ASN A CA  1 
ATOM   784  C C   . ASN A 1 140 ? 9.628   -18.885 7.797   1.00 53.80  ? 140 ASN A C   1 
ATOM   785  O O   . ASN A 1 140 ? 10.745  -18.369 7.905   1.00 60.89  ? 140 ASN A O   1 
ATOM   786  C CB  . ASN A 1 140 ? 9.555   -19.112 10.358  1.00 68.54  ? 140 ASN A CB  1 
ATOM   787  C CG  . ASN A 1 140 ? 10.901  -19.792 10.489  1.00 83.70  ? 140 ASN A CG  1 
ATOM   788  O OD1 . ASN A 1 140 ? 10.996  -20.929 10.955  1.00 82.69  ? 140 ASN A OD1 1 
ATOM   789  N ND2 . ASN A 1 140 ? 11.956  -19.086 10.091  1.00 65.69  ? 140 ASN A ND2 1 
ATOM   790  N N   . TRP A 1 141 ? 9.009   -19.057 6.630   1.00 39.78  ? 141 TRP A N   1 
ATOM   791  C CA  . TRP A 1 141 ? 9.400   -18.342 5.429   1.00 35.47  ? 141 TRP A CA  1 
ATOM   792  C C   . TRP A 1 141 ? 9.099   -16.858 5.567   1.00 43.73  ? 141 TRP A C   1 
ATOM   793  O O   . TRP A 1 141 ? 8.220   -16.451 6.338   1.00 40.37  ? 141 TRP A O   1 
ATOM   794  C CB  . TRP A 1 141 ? 8.700   -18.923 4.199   1.00 32.47  ? 141 TRP A CB  1 
ATOM   795  C CG  . TRP A 1 141 ? 7.223   -18.830 4.234   1.00 49.62  ? 141 TRP A CG  1 
ATOM   796  C CD1 . TRP A 1 141 ? 6.349   -19.784 4.681   1.00 46.96  ? 141 TRP A CD1 1 
ATOM   797  C CD2 . TRP A 1 141 ? 6.424   -17.722 3.797   1.00 36.43  ? 141 TRP A CD2 1 
ATOM   798  N NE1 . TRP A 1 141 ? 5.054   -19.335 4.552   1.00 48.26  ? 141 TRP A NE1 1 
ATOM   799  C CE2 . TRP A 1 141 ? 5.072   -18.072 4.015   1.00 49.84  ? 141 TRP A CE2 1 
ATOM   800  C CE3 . TRP A 1 141 ? 6.719   -16.468 3.239   1.00 31.23  ? 141 TRP A CE3 1 
ATOM   801  C CZ2 . TRP A 1 141 ? 4.017   -17.213 3.700   1.00 44.47  ? 141 TRP A CZ2 1 
ATOM   802  C CZ3 . TRP A 1 141 ? 5.677   -15.614 2.937   1.00 26.85  ? 141 TRP A CZ3 1 
ATOM   803  C CH2 . TRP A 1 141 ? 4.335   -15.998 3.155   1.00 40.12  ? 141 TRP A CH2 1 
ATOM   804  N N   . PHE A 1 142 ? 9.835   -16.044 4.822   1.00 32.83  ? 142 PHE A N   1 
ATOM   805  C CA  . PHE A 1 142 ? 9.472   -14.641 4.671   1.00 31.61  ? 142 PHE A CA  1 
ATOM   806  C C   . PHE A 1 142 ? 9.925   -14.126 3.328   1.00 35.10  ? 142 PHE A C   1 
ATOM   807  O O   . PHE A 1 142 ? 10.916  -14.603 2.767   1.00 29.32  ? 142 PHE A O   1 
ATOM   808  C CB  . PHE A 1 142 ? 9.981   -13.754 5.817   1.00 37.92  ? 142 PHE A CB  1 
ATOM   809  C CG  . PHE A 1 142 ? 11.396  -14.030 6.233   1.00 33.42  ? 142 PHE A CG  1 
ATOM   810  C CD1 . PHE A 1 142 ? 11.669  -14.943 7.246   1.00 35.24  ? 142 PHE A CD1 1 
ATOM   811  C CD2 . PHE A 1 142 ? 12.451  -13.361 5.635   1.00 32.82  ? 142 PHE A CD2 1 
ATOM   812  C CE1 . PHE A 1 142 ? 12.981  -15.203 7.649   1.00 40.12  ? 142 PHE A CE1 1 
ATOM   813  C CE2 . PHE A 1 142 ? 13.772  -13.607 6.032   1.00 38.74  ? 142 PHE A CE2 1 
ATOM   814  C CZ  . PHE A 1 142 ? 14.035  -14.530 7.040   1.00 44.35  ? 142 PHE A CZ  1 
ATOM   815  N N   . GLN A 1 143 ? 9.165   -13.177 2.797   1.00 29.65  ? 143 GLN A N   1 
ATOM   816  C CA  A GLN A 1 143 ? 9.533   -12.540 1.551   1.00 33.28  ? 143 GLN A CA  1 
ATOM   817  C C   . GLN A 1 143 ? 8.736   -11.275 1.221   1.00 31.17  ? 143 GLN A C   1 
ATOM   818  O O   . GLN A 1 143 ? 7.554   -11.149 1.591   1.00 28.85  ? 143 GLN A O   1 
ATOM   819  C CB  A GLN A 1 143 ? 9.419   -13.541 0.426   1.00 29.07  ? 143 GLN A CB  1 
ATOM   820  C CG  A GLN A 1 143 ? 8.022   -13.964 0.135   1.00 28.51  ? 143 GLN A CG  1 
ATOM   821  C CD  A GLN A 1 143 ? 8.026   -15.093 -0.871  1.00 42.00  ? 143 GLN A CD  1 
ATOM   822  O OE1 A GLN A 1 143 ? 8.658   -14.984 -1.915  1.00 55.49  ? 143 GLN A OE1 1 
ATOM   823  N NE2 A GLN A 1 143 ? 7.347   -16.189 -0.552  1.00 58.86  ? 143 GLN A NE2 1 
ATOM   824  N N   . PRO A 1 144 ? 9.407   -10.313 0.563   1.00 28.54  ? 144 PRO A N   1 
ATOM   825  C CA  . PRO A 1 144 ? 8.807   -9.034  0.174   1.00 23.62  ? 144 PRO A CA  1 
ATOM   826  C C   . PRO A 1 144 ? 8.243   -9.088  -1.217  1.00 24.50  ? 144 PRO A C   1 
ATOM   827  O O   . PRO A 1 144 ? 8.764   -9.793  -2.081  1.00 24.81  ? 144 PRO A O   1 
ATOM   828  C CB  . PRO A 1 144 ? 9.988   -8.056  0.226   1.00 22.76  ? 144 PRO A CB  1 
ATOM   829  C CG  . PRO A 1 144 ? 11.219  -8.932  -0.086  1.00 26.36  ? 144 PRO A CG  1 
ATOM   830  C CD  . PRO A 1 144 ? 10.847  -10.388 0.230   1.00 24.90  ? 144 PRO A CD  1 
ATOM   831  N N   . ILE A 1 145 ? 7.155   -8.369  -1.427  1.00 20.89  ? 145 ILE A N   1 
ATOM   832  C CA  . ILE A 1 145 ? 6.689   -8.070  -2.774  1.00 23.49  ? 145 ILE A CA  1 
ATOM   833  C C   . ILE A 1 145 ? 6.759   -6.558  -2.899  1.00 28.85  ? 145 ILE A C   1 
ATOM   834  O O   . ILE A 1 145 ? 6.139   -5.857  -2.108  1.00 23.11  ? 145 ILE A O   1 
ATOM   835  C CB  . ILE A 1 145 ? 5.229   -8.564  -2.974  1.00 23.90  ? 145 ILE A CB  1 
ATOM   836  C CG1 . ILE A 1 145 ? 5.188   -10.108 -2.963  1.00 24.89  ? 145 ILE A CG1 1 
ATOM   837  C CG2 . ILE A 1 145 ? 4.674   -8.055  -4.297  1.00 22.81  ? 145 ILE A CG2 1 
ATOM   838  C CD1 . ILE A 1 145 ? 3.781   -10.684 -2.939  1.00 27.82  ? 145 ILE A CD1 1 
ATOM   839  N N   . TYR A 1 146 ? 7.533   -6.075  -3.876  1.00 24.87  ? 146 TYR A N   1 
ATOM   840  C CA  . TYR A 1 146 ? 7.679   -4.644  -4.151  1.00 24.33  ? 146 TYR A CA  1 
ATOM   841  C C   . TYR A 1 146 ? 7.059   -4.311  -5.518  1.00 24.22  ? 146 TYR A C   1 
ATOM   842  O O   . TYR A 1 146 ? 7.280   -5.022  -6.497  1.00 23.26  ? 146 TYR A O   1 
ATOM   843  C CB  . TYR A 1 146 ? 9.166   -4.231  -4.147  1.00 22.09  ? 146 TYR A CB  1 
ATOM   844  C CG  . TYR A 1 146 ? 9.338   -2.756  -4.421  1.00 23.81  ? 146 TYR A CG  1 
ATOM   845  C CD1 . TYR A 1 146 ? 9.434   -1.850  -3.368  1.00 19.85  ? 146 TYR A CD1 1 
ATOM   846  C CD2 . TYR A 1 146 ? 9.300   -2.258  -5.730  1.00 20.69  ? 146 TYR A CD2 1 
ATOM   847  C CE1 . TYR A 1 146 ? 9.519   -0.499  -3.608  1.00 22.03  ? 146 TYR A CE1 1 
ATOM   848  C CE2 . TYR A 1 146 ? 9.403   -0.910  -5.985  1.00 25.05  ? 146 TYR A CE2 1 
ATOM   849  C CZ  . TYR A 1 146 ? 9.524   -0.037  -4.914  1.00 24.01  ? 146 TYR A CZ  1 
ATOM   850  O OH  . TYR A 1 146 ? 9.626   1.289   -5.137  1.00 22.15  ? 146 TYR A OH  1 
ATOM   851  N N   . LEU A 1 147 ? 6.341   -3.192  -5.582  1.00 19.29  ? 147 LEU A N   1 
ATOM   852  C CA  . LEU A 1 147 ? 5.667   -2.718  -6.798  1.00 28.99  ? 147 LEU A CA  1 
ATOM   853  C C   . LEU A 1 147 ? 5.805   -1.203  -6.822  1.00 25.41  ? 147 LEU A C   1 
ATOM   854  O O   . LEU A 1 147 ? 5.670   -0.575  -5.786  1.00 25.05  ? 147 LEU A O   1 
ATOM   855  C CB  . LEU A 1 147 ? 4.144   -2.967  -6.657  1.00 36.36  ? 147 LEU A CB  1 
ATOM   856  C CG  . LEU A 1 147 ? 3.537   -4.353  -6.700  1.00 32.97  ? 147 LEU A CG  1 
ATOM   857  C CD1 . LEU A 1 147 ? 2.192   -4.405  -5.943  1.00 44.84  ? 147 LEU A CD1 1 
ATOM   858  C CD2 . LEU A 1 147 ? 3.347   -4.732  -8.172  1.00 28.90  ? 147 LEU A CD2 1 
ATOM   859  N N   . GLY A 1 148 ? 6.005   -0.615  -8.002  1.00 22.86  ? 148 GLY A N   1 
ATOM   860  C CA  . GLY A 1 148 ? 5.954   0.857   -8.158  1.00 21.85  ? 148 GLY A CA  1 
ATOM   861  C C   . GLY A 1 148 ? 5.793   1.246   -9.619  1.00 23.74  ? 148 GLY A C   1 
ATOM   862  O O   . GLY A 1 148 ? 6.394   0.632   -10.511 1.00 28.08  ? 148 GLY A O   1 
ATOM   863  N N   . ALA A 1 149 ? 4.989   2.257   -9.889  1.00 22.11  ? 149 ALA A N   1 
ATOM   864  C CA  . ALA A 1 149 ? 4.790   2.672   -11.279 1.00 24.18  ? 149 ALA A CA  1 
ATOM   865  C C   . ALA A 1 149 ? 4.145   4.051   -11.275 1.00 28.98  ? 149 ALA A C   1 
ATOM   866  O O   . ALA A 1 149 ? 3.731   4.547   -10.221 1.00 22.44  ? 149 ALA A O   1 
ATOM   867  C CB  . ALA A 1 149 ? 3.880   1.658   -12.032 1.00 20.35  ? 149 ALA A CB  1 
ATOM   868  N N   . MET A 1 150 ? 4.073   4.641   -12.460 1.00 24.46  ? 150 MET A N   1 
ATOM   869  C CA  . MET A 1 150 ? 3.499   5.971   -12.674 1.00 24.66  ? 150 MET A CA  1 
ATOM   870  C C   . MET A 1 150 ? 2.067   5.890   -13.224 1.00 24.56  ? 150 MET A C   1 
ATOM   871  O O   . MET A 1 150 ? 1.787   5.108   -14.142 1.00 22.72  ? 150 MET A O   1 
ATOM   872  C CB  . MET A 1 150 ? 4.389   6.749   -13.641 1.00 21.66  ? 150 MET A CB  1 
ATOM   873  C CG  . MET A 1 150 ? 3.728   8.022   -14.273 1.00 22.74  ? 150 MET A CG  1 
ATOM   874  S SD  . MET A 1 150 ? 4.891   8.735   -15.430 1.00 26.08  ? 150 MET A SD  1 
ATOM   875  C CE  . MET A 1 150 ? 5.075   7.453   -16.642 1.00 21.71  ? 150 MET A CE  1 
ATOM   876  N N   . PHE A 1 151 ? 1.162   6.687   -12.644 1.00 21.23  ? 151 PHE A N   1 
ATOM   877  C CA  . PHE A 1 151 ? -0.261  6.693   -13.038 1.00 24.16  ? 151 PHE A CA  1 
ATOM   878  C C   . PHE A 1 151 ? -0.761  8.126   -13.085 1.00 27.37  ? 151 PHE A C   1 
ATOM   879  O O   . PHE A 1 151 ? -0.314  8.967   -12.306 1.00 25.30  ? 151 PHE A O   1 
ATOM   880  C CB  . PHE A 1 151 ? -1.118  5.878   -12.040 1.00 22.66  ? 151 PHE A CB  1 
ATOM   881  C CG  . PHE A 1 151 ? -0.747  4.425   -12.005 1.00 25.60  ? 151 PHE A CG  1 
ATOM   882  C CD1 . PHE A 1 151 ? -1.265  3.546   -12.938 1.00 20.47  ? 151 PHE A CD1 1 
ATOM   883  C CD2 . PHE A 1 151 ? 0.187   3.960   -11.099 1.00 27.05  ? 151 PHE A CD2 1 
ATOM   884  C CE1 . PHE A 1 151 ? -0.876  2.211   -12.954 1.00 26.97  ? 151 PHE A CE1 1 
ATOM   885  C CE2 . PHE A 1 151 ? 0.553   2.630   -11.099 1.00 26.48  ? 151 PHE A CE2 1 
ATOM   886  C CZ  . PHE A 1 151 ? 0.042   1.771   -12.032 1.00 21.94  ? 151 PHE A CZ  1 
ATOM   887  N N   . SER A 1 152 ? -1.675  8.400   -14.013 1.00 32.22  ? 152 SER A N   1 
ATOM   888  C CA  A SER A 1 152 ? -2.346  9.698   -14.091 0.70 19.87  ? 152 SER A CA  1 
ATOM   889  C C   . SER A 1 152 ? -3.526  9.689   -13.129 1.00 28.27  ? 152 SER A C   1 
ATOM   890  O O   . SER A 1 152 ? -4.450  8.893   -13.281 1.00 33.29  ? 152 SER A O   1 
ATOM   891  C CB  A SER A 1 152 ? -2.856  9.952   -15.523 1.00 31.37  ? 152 SER A CB  1 
ATOM   892  O OG  A SER A 1 152 ? -1.763  10.015  -16.444 0.70 36.84  ? 152 SER A OG  1 
ATOM   893  N N   . LEU A 1 153 ? -3.506  10.577  -12.146 1.00 26.82  ? 153 LEU A N   1 
ATOM   894  C CA  . LEU A 1 153 ? -4.553  10.554  -11.124 1.00 27.41  ? 153 LEU A CA  1 
ATOM   895  C C   . LEU A 1 153 ? -5.325  11.874  -11.154 1.00 34.13  ? 153 LEU A C   1 
ATOM   896  O O   . LEU A 1 153 ? -4.789  12.891  -11.582 1.00 33.27  ? 153 LEU A O   1 
ATOM   897  C CB  . LEU A 1 153 ? -3.922  10.364  -9.729  1.00 27.41  ? 153 LEU A CB  1 
ATOM   898  C CG  . LEU A 1 153 ? -3.098  9.077   -9.560  1.00 26.94  ? 153 LEU A CG  1 
ATOM   899  C CD1 . LEU A 1 153 ? -2.376  9.019   -8.191  1.00 22.87  ? 153 LEU A CD1 1 
ATOM   900  C CD2 . LEU A 1 153 ? -3.987  7.886   -9.745  1.00 24.37  ? 153 LEU A CD2 1 
ATOM   901  N N   . GLN A 1 154 ? -6.569  11.845  -10.682 1.00 32.16  ? 154 GLN A N   1 
ATOM   902  C CA  . GLN A 1 154 ? -7.419  13.045  -10.585 1.00 35.76  ? 154 GLN A CA  1 
ATOM   903  C C   . GLN A 1 154 ? -7.479  13.498  -9.142  1.00 33.86  ? 154 GLN A C   1 
ATOM   904  O O   . GLN A 1 154 ? -7.555  12.667  -8.225  1.00 31.96  ? 154 GLN A O   1 
ATOM   905  C CB  . GLN A 1 154 ? -8.852  12.705  -11.012 1.00 30.78  ? 154 GLN A CB  1 
ATOM   906  C CG  . GLN A 1 154 ? -8.998  12.266  -12.450 1.00 65.80  ? 154 GLN A CG  1 
ATOM   907  C CD  . GLN A 1 154 ? -9.078  13.441  -13.394 1.00 77.83  ? 154 GLN A CD  1 
ATOM   908  O OE1 . GLN A 1 154 ? -8.087  13.818  -14.018 1.00 68.35  ? 154 GLN A OE1 1 
ATOM   909  N NE2 . GLN A 1 154 ? -10.261 14.038  -13.496 1.00 76.43  ? 154 GLN A NE2 1 
ATOM   910  N N   . GLU A 1 155 ? -7.508  14.811  -8.918  1.00 36.72  ? 155 GLU A N   1 
ATOM   911  C CA  . GLU A 1 155 ? -7.812  15.329  -7.585  1.00 33.55  ? 155 GLU A CA  1 
ATOM   912  C C   . GLU A 1 155 ? -9.041  14.614  -7.022  1.00 39.50  ? 155 GLU A C   1 
ATOM   913  O O   . GLU A 1 155 ? -9.991  14.358  -7.752  1.00 30.92  ? 155 GLU A O   1 
ATOM   914  C CB  . GLU A 1 155 ? -8.060  16.842  -7.636  1.00 47.88  ? 155 GLU A CB  1 
ATOM   915  C CG  . GLU A 1 155 ? -8.634  17.410  -6.349  1.00 40.87  ? 155 GLU A CG  1 
ATOM   916  C CD  . GLU A 1 155 ? -8.845  18.909  -6.400  1.00 59.76  ? 155 GLU A CD  1 
ATOM   917  O OE1 . GLU A 1 155 ? -8.942  19.466  -7.517  0.50 44.25  ? 155 GLU A OE1 1 
ATOM   918  O OE2 . GLU A 1 155 ? -8.904  19.531  -5.315  0.50 45.07  ? 155 GLU A OE2 1 
ATOM   919  N N   . GLY A 1 156 ? -9.009  14.272  -5.738  1.00 28.07  ? 156 GLY A N   1 
ATOM   920  C CA  . GLY A 1 156 ? -10.064 13.468  -5.144  1.00 35.47  ? 156 GLY A CA  1 
ATOM   921  C C   . GLY A 1 156 ? -9.936  11.955  -5.237  1.00 35.31  ? 156 GLY A C   1 
ATOM   922  O O   . GLY A 1 156 ? -10.639 11.231  -4.530  1.00 30.75  ? 156 GLY A O   1 
ATOM   923  N N   . ASP A 1 157 ? -9.041  11.448  -6.078  1.00 32.68  ? 157 ASP A N   1 
ATOM   924  C CA  . ASP A 1 157 ? -8.785  9.995   -6.084  1.00 29.09  ? 157 ASP A CA  1 
ATOM   925  C C   . ASP A 1 157 ? -8.236  9.531   -4.736  1.00 27.58  ? 157 ASP A C   1 
ATOM   926  O O   . ASP A 1 157 ? -7.590  10.288  -4.038  1.00 26.16  ? 157 ASP A O   1 
ATOM   927  C CB  . ASP A 1 157 ? -7.794  9.597   -7.182  1.00 28.49  ? 157 ASP A CB  1 
ATOM   928  C CG  . ASP A 1 157 ? -8.400  9.655   -8.565  1.00 45.99  ? 157 ASP A CG  1 
ATOM   929  O OD1 . ASP A 1 157 ? -9.634  9.826   -8.673  1.00 36.34  ? 157 ASP A OD1 1 
ATOM   930  O OD2 . ASP A 1 157 ? -7.642  9.512   -9.547  1.00 41.24  ? 157 ASP A OD2 1 
ATOM   931  N N   . LYS A 1 158 ? -8.504  8.279   -4.387  1.00 25.36  ? 158 LYS A N   1 
ATOM   932  C CA  . LYS A 1 158 ? -8.022  7.699   -3.132  1.00 28.36  ? 158 LYS A CA  1 
ATOM   933  C C   . LYS A 1 158 ? -7.252  6.414   -3.450  1.00 23.39  ? 158 LYS A C   1 
ATOM   934  O O   . LYS A 1 158 ? -7.719  5.590   -4.223  1.00 28.79  ? 158 LYS A O   1 
ATOM   935  C CB  . LYS A 1 158 ? -9.224  7.378   -2.230  1.00 32.14  ? 158 LYS A CB  1 
ATOM   936  C CG  . LYS A 1 158 ? -10.096 8.621   -1.926  1.00 37.42  ? 158 LYS A CG  1 
ATOM   937  C CD  . LYS A 1 158 ? -11.230 8.353   -0.924  1.00 44.09  ? 158 LYS A CD  1 
ATOM   938  C CE  . LYS A 1 158 ? -12.304 7.479   -1.522  1.00 56.30  ? 158 LYS A CE  1 
ATOM   939  N NZ  . LYS A 1 158 ? -13.367 7.163   -0.518  1.00 91.17  ? 158 LYS A NZ  1 
ATOM   940  N N   . LEU A 1 159 ? -6.069  6.265   -2.862  1.00 27.65  ? 159 LEU A N   1 
ATOM   941  C CA  . LEU A 1 159 ? -5.226  5.104   -3.100  1.00 23.10  ? 159 LEU A CA  1 
ATOM   942  C C   . LEU A 1 159 ? -5.186  4.229   -1.850  1.00 30.23  ? 159 LEU A C   1 
ATOM   943  O O   . LEU A 1 159 ? -4.994  4.739   -0.752  1.00 25.49  ? 159 LEU A O   1 
ATOM   944  C CB  . LEU A 1 159 ? -3.797  5.577   -3.423  1.00 23.10  ? 159 LEU A CB  1 
ATOM   945  C CG  . LEU A 1 159 ? -3.603  6.459   -4.657  1.00 24.34  ? 159 LEU A CG  1 
ATOM   946  C CD1 . LEU A 1 159 ? -2.123  6.802   -4.786  1.00 23.75  ? 159 LEU A CD1 1 
ATOM   947  C CD2 . LEU A 1 159 ? -4.118  5.753   -5.920  1.00 20.89  ? 159 LEU A CD2 1 
ATOM   948  N N   . MET A 1 160 ? -5.309  2.915   -2.017  1.00 28.23  ? 160 MET A N   1 
ATOM   949  C CA  . MET A 1 160 ? -5.094  2.011   -0.896  1.00 28.35  ? 160 MET A CA  1 
ATOM   950  C C   . MET A 1 160 ? -4.310  0.790   -1.297  1.00 29.35  ? 160 MET A C   1 
ATOM   951  O O   . MET A 1 160 ? -4.253  0.441   -2.474  1.00 25.98  ? 160 MET A O   1 
ATOM   952  C CB  . MET A 1 160 ? -6.436  1.558   -0.302  1.00 27.29  ? 160 MET A CB  1 
ATOM   953  C CG  . MET A 1 160 ? -7.358  0.891   -1.303  1.00 38.11  ? 160 MET A CG  1 
ATOM   954  S SD  . MET A 1 160 ? -8.876  0.265   -0.523  1.00 44.84  ? 160 MET A SD  1 
ATOM   955  C CE  . MET A 1 160 ? -8.841  1.101   1.062   1.00 67.09  ? 160 MET A CE  1 
ATOM   956  N N   . VAL A 1 161 ? -3.749  0.106   -0.302  1.00 23.49  ? 161 VAL A N   1 
ATOM   957  C CA  . VAL A 1 161 ? -3.025  -1.148  -0.560  1.00 25.67  ? 161 VAL A CA  1 
ATOM   958  C C   . VAL A 1 161 ? -3.828  -2.283  0.064   1.00 29.63  ? 161 VAL A C   1 
ATOM   959  O O   . VAL A 1 161 ? -4.140  -2.238  1.254   1.00 27.28  ? 161 VAL A O   1 
ATOM   960  C CB  . VAL A 1 161 ? -1.614  -1.113  0.050   1.00 27.05  ? 161 VAL A CB  1 
ATOM   961  C CG1 . VAL A 1 161 ? -0.885  -2.439  -0.161  1.00 23.66  ? 161 VAL A CG1 1 
ATOM   962  C CG2 . VAL A 1 161 ? -0.794  0.040   -0.554  1.00 26.78  ? 161 VAL A CG2 1 
ATOM   963  N N   . ASN A 1 162 ? -4.159  -3.282  -0.746  1.00 23.63  ? 162 ASN A N   1 
ATOM   964  C CA  . ASN A 1 162 ? -4.897  -4.471  -0.290  1.00 29.14  ? 162 ASN A CA  1 
ATOM   965  C C   . ASN A 1 162 ? -3.981  -5.687  -0.316  1.00 28.65  ? 162 ASN A C   1 
ATOM   966  O O   . ASN A 1 162 ? -3.109  -5.783  -1.190  1.00 26.48  ? 162 ASN A O   1 
ATOM   967  C CB  . ASN A 1 162 ? -6.084  -4.726  -1.217  1.00 27.18  ? 162 ASN A CB  1 
ATOM   968  C CG  . ASN A 1 162 ? -7.016  -3.544  -1.290  1.00 40.26  ? 162 ASN A CG  1 
ATOM   969  O OD1 . ASN A 1 162 ? -7.911  -3.398  -0.459  1.00 44.02  ? 162 ASN A OD1 1 
ATOM   970  N ND2 . ASN A 1 162 ? -6.800  -2.682  -2.272  1.00 36.91  ? 162 ASN A ND2 1 
ATOM   971  N N   . VAL A 1 163 ? -4.170  -6.603  0.642   1.00 27.01  ? 163 VAL A N   1 
ATOM   972  C CA  . VAL A 1 163 ? -3.376  -7.845  0.718   1.00 22.98  ? 163 VAL A CA  1 
ATOM   973  C C   . VAL A 1 163 ? -4.277  -9.091  0.780   1.00 31.03  ? 163 VAL A C   1 
ATOM   974  O O   . VAL A 1 163 ? -5.448  -9.015  1.164   1.00 29.26  ? 163 VAL A O   1 
ATOM   975  C CB  . VAL A 1 163 ? -2.344  -7.816  1.884   1.00 31.38  ? 163 VAL A CB  1 
ATOM   976  C CG1 . VAL A 1 163 ? -1.328  -6.645  1.677   1.00 27.93  ? 163 VAL A CG1 1 
ATOM   977  C CG2 . VAL A 1 163 ? -3.057  -7.649  3.233   1.00 24.47  ? 163 VAL A CG2 1 
ATOM   978  N N   . SER A 1 164 ? -3.746  -10.223 0.342   1.00 28.13  ? 164 SER A N   1 
ATOM   979  C CA  . SER A 1 164 ? -4.513  -11.468 0.323   1.00 38.56  ? 164 SER A CA  1 
ATOM   980  C C   . SER A 1 164 ? -4.768  -11.979 1.741   1.00 37.37  ? 164 SER A C   1 
ATOM   981  O O   . SER A 1 164 ? -5.796  -12.574 2.001   1.00 35.53  ? 164 SER A O   1 
ATOM   982  C CB  . SER A 1 164 ? -3.732  -12.522 -0.426  1.00 31.20  ? 164 SER A CB  1 
ATOM   983  O OG  . SER A 1 164 ? -2.416  -12.582 0.098   1.00 29.34  ? 164 SER A OG  1 
ATOM   984  N N   . ASP A 1 165 ? -3.828  -11.735 2.647   1.00 33.96  ? 165 ASP A N   1 
ATOM   985  C CA  . ASP A 1 165 ? -3.918  -12.244 4.028   1.00 33.68  ? 165 ASP A CA  1 
ATOM   986  C C   . ASP A 1 165 ? -3.243  -11.270 4.982   1.00 28.76  ? 165 ASP A C   1 
ATOM   987  O O   . ASP A 1 165 ? -2.018  -11.182 5.040   1.00 32.07  ? 165 ASP A O   1 
ATOM   988  C CB  . ASP A 1 165 ? -3.279  -13.642 4.115   1.00 36.58  ? 165 ASP A CB  1 
ATOM   989  C CG  . ASP A 1 165 ? -3.624  -14.397 5.426   1.00 40.48  ? 165 ASP A CG  1 
ATOM   990  O OD1 . ASP A 1 165 ? -3.964  -13.767 6.449   1.00 37.57  ? 165 ASP A OD1 1 
ATOM   991  O OD2 . ASP A 1 165 ? -3.533  -15.641 5.424   1.00 49.62  ? 165 ASP A OD2 1 
ATOM   992  N N   . ILE A 1 166 ? -4.046  -10.538 5.744   1.00 28.63  ? 166 ILE A N   1 
ATOM   993  C CA  . ILE A 1 166 ? -3.515  -9.565  6.693   1.00 29.67  ? 166 ILE A CA  1 
ATOM   994  C C   . ILE A 1 166 ? -2.605  -10.234 7.727   1.00 32.26  ? 166 ILE A C   1 
ATOM   995  O O   . ILE A 1 166 ? -1.639  -9.640  8.206   1.00 33.66  ? 166 ILE A O   1 
ATOM   996  C CB  . ILE A 1 166 ? -4.663  -8.839  7.436   1.00 44.07  ? 166 ILE A CB  1 
ATOM   997  C CG1 . ILE A 1 166 ? -5.393  -7.897  6.485   1.00 52.68  ? 166 ILE A CG1 1 
ATOM   998  C CG2 . ILE A 1 166 ? -4.127  -8.056  8.628   1.00 52.05  ? 166 ILE A CG2 1 
ATOM   999  C CD1 . ILE A 1 166 ? -4.734  -6.564  6.317   1.00 52.65  ? 166 ILE A CD1 1 
ATOM   1000 N N   . SER A 1 167 ? -2.908  -11.474 8.089   1.00 29.71  ? 167 SER A N   1 
ATOM   1001 C CA  . SER A 1 167 ? -2.162  -12.098 9.189   1.00 34.33  ? 167 SER A CA  1 
ATOM   1002 C C   . SER A 1 167 ? -0.748  -12.466 8.771   1.00 35.60  ? 167 SER A C   1 
ATOM   1003 O O   . SER A 1 167 ? 0.112   -12.716 9.616   1.00 31.71  ? 167 SER A O   1 
ATOM   1004 C CB  . SER A 1 167 ? -2.888  -13.336 9.701   1.00 37.70  ? 167 SER A CB  1 
ATOM   1005 O OG  . SER A 1 167 ? -2.827  -14.376 8.747   1.00 35.24  ? 167 SER A OG  1 
ATOM   1006 N N   . LEU A 1 168 ? -0.492  -12.482 7.465   1.00 22.96  ? 168 LEU A N   1 
ATOM   1007 C CA  . LEU A 1 168 ? 0.858   -12.803 6.972   1.00 26.44  ? 168 LEU A CA  1 
ATOM   1008 C C   . LEU A 1 168 ? 1.753   -11.576 6.796   1.00 33.53  ? 168 LEU A C   1 
ATOM   1009 O O   . LEU A 1 168 ? 2.932   -11.704 6.498   1.00 31.45  ? 168 LEU A O   1 
ATOM   1010 C CB  . LEU A 1 168 ? 0.780   -13.553 5.648   1.00 28.99  ? 168 LEU A CB  1 
ATOM   1011 C CG  . LEU A 1 168 ? 0.063   -14.906 5.651   1.00 39.39  ? 168 LEU A CG  1 
ATOM   1012 C CD1 . LEU A 1 168 ? 0.033   -15.431 4.237   1.00 37.88  ? 168 LEU A CD1 1 
ATOM   1013 C CD2 . LEU A 1 168 ? 0.792   -15.886 6.578   1.00 39.15  ? 168 LEU A CD2 1 
ATOM   1014 N N   . VAL A 1 169 ? 1.195   -10.387 6.972   1.00 30.19  ? 169 VAL A N   1 
ATOM   1015 C CA  . VAL A 1 169 ? 1.965   -9.161  6.786   1.00 28.61  ? 169 VAL A CA  1 
ATOM   1016 C C   . VAL A 1 169 ? 2.927   -8.917  7.947   1.00 30.40  ? 169 VAL A C   1 
ATOM   1017 O O   . VAL A 1 169 ? 2.534   -8.960  9.115   1.00 27.42  ? 169 VAL A O   1 
ATOM   1018 C CB  . VAL A 1 169 ? 1.034   -7.942  6.580   1.00 35.71  ? 169 VAL A CB  1 
ATOM   1019 C CG1 . VAL A 1 169 ? 1.839   -6.608  6.595   1.00 23.42  ? 169 VAL A CG1 1 
ATOM   1020 C CG2 . VAL A 1 169 ? 0.290   -8.097  5.270   1.00 27.11  ? 169 VAL A CG2 1 
ATOM   1021 N N   . ASP A 1 170 ? 4.204   -8.692  7.629   1.00 24.28  ? 170 ASP A N   1 
ATOM   1022 C CA  . ASP A 1 170 ? 5.178   -8.386  8.658   1.00 22.97  ? 170 ASP A CA  1 
ATOM   1023 C C   . ASP A 1 170 ? 5.034   -6.906  9.001   1.00 34.90  ? 170 ASP A C   1 
ATOM   1024 O O   . ASP A 1 170 ? 5.316   -6.049  8.166   1.00 27.99  ? 170 ASP A O   1 
ATOM   1025 C CB  . ASP A 1 170 ? 6.608   -8.690  8.172   1.00 24.34  ? 170 ASP A CB  1 
ATOM   1026 C CG  . ASP A 1 170 ? 7.651   -8.501  9.267   1.00 26.95  ? 170 ASP A CG  1 
ATOM   1027 O OD1 . ASP A 1 170 ? 7.339   -7.848  10.281  1.00 31.33  ? 170 ASP A OD1 1 
ATOM   1028 O OD2 . ASP A 1 170 ? 8.798   -8.976  9.117   1.00 36.21  ? 170 ASP A OD2 1 
ATOM   1029 N N   . TYR A 1 171 ? 4.611   -6.625  10.228  1.00 30.15  ? 171 TYR A N   1 
ATOM   1030 C CA  . TYR A 1 171 ? 4.302   -5.262  10.680  1.00 28.76  ? 171 TYR A CA  1 
ATOM   1031 C C   . TYR A 1 171 ? 5.351   -4.743  11.648  1.00 29.35  ? 171 TYR A C   1 
ATOM   1032 O O   . TYR A 1 171 ? 5.195   -3.656  12.212  1.00 30.79  ? 171 TYR A O   1 
ATOM   1033 C CB  . TYR A 1 171 ? 2.912   -5.228  11.348  1.00 32.52  ? 171 TYR A CB  1 
ATOM   1034 C CG  . TYR A 1 171 ? 2.830   -6.138  12.552  1.00 29.88  ? 171 TYR A CG  1 
ATOM   1035 C CD1 . TYR A 1 171 ? 3.357   -5.744  13.786  1.00 35.34  ? 171 TYR A CD1 1 
ATOM   1036 C CD2 . TYR A 1 171 ? 2.265   -7.408  12.452  1.00 30.56  ? 171 TYR A CD2 1 
ATOM   1037 C CE1 . TYR A 1 171 ? 3.308   -6.595  14.892  1.00 53.76  ? 171 TYR A CE1 1 
ATOM   1038 C CE2 . TYR A 1 171 ? 2.216   -8.261  13.542  1.00 54.15  ? 171 TYR A CE2 1 
ATOM   1039 C CZ  . TYR A 1 171 ? 2.735   -7.848  14.757  1.00 61.82  ? 171 TYR A CZ  1 
ATOM   1040 O OH  . TYR A 1 171 ? 2.678   -8.697  15.837  1.00 73.09  ? 171 TYR A OH  1 
ATOM   1041 N N   . THR A 1 172 ? 6.429   -5.507  11.829  1.00 28.97  ? 172 THR A N   1 
ATOM   1042 C CA  . THR A 1 172 ? 7.373   -5.266  12.934  1.00 34.51  ? 172 THR A CA  1 
ATOM   1043 C C   . THR A 1 172 ? 8.252   -4.024  12.782  1.00 42.42  ? 172 THR A C   1 
ATOM   1044 O O   . THR A 1 172 ? 8.726   -3.486  13.774  1.00 36.90  ? 172 THR A O   1 
ATOM   1045 C CB  . THR A 1 172 ? 8.309   -6.475  13.189  1.00 29.69  ? 172 THR A CB  1 
ATOM   1046 O OG1 . THR A 1 172 ? 8.978   -6.847  11.976  1.00 42.99  ? 172 THR A OG1 1 
ATOM   1047 C CG2 . THR A 1 172 ? 7.505   -7.678  13.701  1.00 49.10  ? 172 THR A CG2 1 
ATOM   1048 N N   . LYS A 1 173 ? 8.489   -3.585  11.546  1.00 32.72  ? 173 LYS A N   1 
ATOM   1049 C CA  . LYS A 1 173 ? 9.523   -2.580  11.267  1.00 28.15  ? 173 LYS A CA  1 
ATOM   1050 C C   . LYS A 1 173 ? 9.092   -1.678  10.132  1.00 25.50  ? 173 LYS A C   1 
ATOM   1051 O O   . LYS A 1 173 ? 8.608   -2.167  9.109   1.00 28.05  ? 173 LYS A O   1 
ATOM   1052 C CB  . LYS A 1 173 ? 10.832  -3.285  10.833  1.00 24.42  ? 173 LYS A CB  1 
ATOM   1053 C CG  . LYS A 1 173 ? 11.532  -4.061  11.947  1.00 56.18  ? 173 LYS A CG  1 
ATOM   1054 C CD  . LYS A 1 173 ? 12.184  -3.108  12.948  1.00 71.76  ? 173 LYS A CD  1 
ATOM   1055 C CE  . LYS A 1 173 ? 12.082  -3.638  14.378  1.00 92.32  ? 173 LYS A CE  1 
ATOM   1056 N NZ  . LYS A 1 173 ? 13.304  -4.375  14.810  1.00 65.97  ? 173 LYS A NZ  1 
ATOM   1057 N N   . GLU A 1 174 ? 9.307   -0.373  10.287  1.00 25.99  ? 174 GLU A N   1 
ATOM   1058 C CA  . GLU A 1 174 ? 8.877   0.615   9.283   1.00 27.44  ? 174 GLU A CA  1 
ATOM   1059 C C   . GLU A 1 174 ? 9.621   0.473   7.944   1.00 25.62  ? 174 GLU A C   1 
ATOM   1060 O O   . GLU A 1 174 ? 9.171   0.987   6.920   1.00 29.02  ? 174 GLU A O   1 
ATOM   1061 C CB  . GLU A 1 174 ? 9.071   2.040   9.831   1.00 25.29  ? 174 GLU A CB  1 
ATOM   1062 C CG  . GLU A 1 174 ? 10.530  2.345   10.171  1.00 24.43  ? 174 GLU A CG  1 
ATOM   1063 C CD  . GLU A 1 174 ? 10.781  3.766   10.648  1.00 32.64  ? 174 GLU A CD  1 
ATOM   1064 O OE1 . GLU A 1 174 ? 9.894   4.658   10.517  1.00 32.40  ? 174 GLU A OE1 1 
ATOM   1065 O OE2 . GLU A 1 174 ? 11.902  3.990   11.139  1.00 28.62  ? 174 GLU A OE2 1 
ATOM   1066 N N   . ASP A 1 175 ? 10.764  -0.211  7.955   1.00 21.88  ? 175 ASP A N   1 
ATOM   1067 C CA  . ASP A 1 175 ? 11.572  -0.355  6.744   1.00 23.03  ? 175 ASP A CA  1 
ATOM   1068 C C   . ASP A 1 175 ? 11.222  -1.578  5.902   1.00 26.37  ? 175 ASP A C   1 
ATOM   1069 O O   . ASP A 1 175 ? 11.733  -1.745  4.784   1.00 28.19  ? 175 ASP A O   1 
ATOM   1070 C CB  . ASP A 1 175 ? 13.079  -0.287  7.052   1.00 23.89  ? 175 ASP A CB  1 
ATOM   1071 C CG  . ASP A 1 175 ? 13.547  -1.383  8.012   1.00 39.91  ? 175 ASP A CG  1 
ATOM   1072 O OD1 . ASP A 1 175 ? 12.732  -1.930  8.761   1.00 34.45  ? 175 ASP A OD1 1 
ATOM   1073 O OD2 . ASP A 1 175 ? 14.743  -1.705  8.014   1.00 34.30  ? 175 ASP A OD2 1 
ATOM   1074 N N   . LYS A 1 176 ? 10.332  -2.426  6.409   1.00 22.10  ? 176 LYS A N   1 
ATOM   1075 C CA  . LYS A 1 176 ? 10.007  -3.659  5.688   1.00 20.04  ? 176 LYS A CA  1 
ATOM   1076 C C   . LYS A 1 176 ? 8.694   -3.634  4.915   1.00 24.96  ? 176 LYS A C   1 
ATOM   1077 O O   . LYS A 1 176 ? 8.526   -4.375  3.948   1.00 21.69  ? 176 LYS A O   1 
ATOM   1078 C CB  . LYS A 1 176 ? 9.960   -4.839  6.647   1.00 24.67  ? 176 LYS A CB  1 
ATOM   1079 C CG  . LYS A 1 176 ? 11.353  -5.322  7.095   1.00 30.41  ? 176 LYS A CG  1 
ATOM   1080 C CD  . LYS A 1 176 ? 11.227  -6.709  7.716   1.00 36.57  ? 176 LYS A CD  1 
ATOM   1081 C CE  . LYS A 1 176 ? 11.322  -6.670  9.218   1.00 43.01  ? 176 LYS A CE  1 
ATOM   1082 N NZ  . LYS A 1 176 ? 11.201  -8.057  9.797   1.00 43.77  ? 176 LYS A NZ  1 
ATOM   1083 N N   . THR A 1 177 ? 7.743   -2.826  5.363   1.00 21.71  ? 177 THR A N   1 
ATOM   1084 C CA  . THR A 1 177 ? 6.428   -2.764  4.703   1.00 16.53  ? 177 THR A CA  1 
ATOM   1085 C C   . THR A 1 177 ? 6.041   -1.281  4.691   1.00 24.68  ? 177 THR A C   1 
ATOM   1086 O O   . THR A 1 177 ? 6.065   -0.627  5.728   1.00 22.70  ? 177 THR A O   1 
ATOM   1087 C CB  . THR A 1 177 ? 5.373   -3.606  5.445   1.00 26.38  ? 177 THR A CB  1 
ATOM   1088 O OG1 . THR A 1 177 ? 5.755   -4.980  5.410   1.00 23.47  ? 177 THR A OG1 1 
ATOM   1089 C CG2 . THR A 1 177 ? 3.973   -3.487  4.795   1.00 20.79  ? 177 THR A CG2 1 
ATOM   1090 N N   . PHE A 1 178 ? 5.735   -0.753  3.510   1.00 24.13  ? 178 PHE A N   1 
ATOM   1091 C CA  . PHE A 1 178 ? 5.585   0.699   3.315   1.00 20.09  ? 178 PHE A CA  1 
ATOM   1092 C C   . PHE A 1 178 ? 4.821   0.967   2.036   1.00 23.09  ? 178 PHE A C   1 
ATOM   1093 O O   . PHE A 1 178 ? 4.605   0.054   1.224   1.00 20.73  ? 178 PHE A O   1 
ATOM   1094 C CB  . PHE A 1 178 ? 6.948   1.429   3.282   1.00 19.63  ? 178 PHE A CB  1 
ATOM   1095 C CG  . PHE A 1 178 ? 7.955   0.809   2.348   1.00 24.67  ? 178 PHE A CG  1 
ATOM   1096 C CD1 . PHE A 1 178 ? 7.929   1.087   0.992   1.00 20.75  ? 178 PHE A CD1 1 
ATOM   1097 C CD2 . PHE A 1 178 ? 8.931   -0.037  2.840   1.00 26.65  ? 178 PHE A CD2 1 
ATOM   1098 C CE1 . PHE A 1 178 ? 8.856   0.514   0.131   1.00 20.23  ? 178 PHE A CE1 1 
ATOM   1099 C CE2 . PHE A 1 178 ? 9.865   -0.616  1.996   1.00 21.49  ? 178 PHE A CE2 1 
ATOM   1100 C CZ  . PHE A 1 178 ? 9.826   -0.341  0.637   1.00 19.50  ? 178 PHE A CZ  1 
ATOM   1101 N N   . PHE A 1 179 ? 4.400   2.214   1.861   1.00 23.80  ? 179 PHE A N   1 
ATOM   1102 C CA  . PHE A 1 179 ? 3.460   2.587   0.794   1.00 20.08  ? 179 PHE A CA  1 
ATOM   1103 C C   . PHE A 1 179 ? 3.676   4.088   0.589   1.00 25.49  ? 179 PHE A C   1 
ATOM   1104 O O   . PHE A 1 179 ? 3.609   4.852   1.545   1.00 21.96  ? 179 PHE A O   1 
ATOM   1105 C CB  . PHE A 1 179 ? 2.026   2.296   1.266   1.00 25.12  ? 179 PHE A CB  1 
ATOM   1106 C CG  . PHE A 1 179 ? 0.909   2.871   0.377   1.00 22.91  ? 179 PHE A CG  1 
ATOM   1107 C CD1 . PHE A 1 179 ? 1.015   2.898   -1.014  1.00 26.60  ? 179 PHE A CD1 1 
ATOM   1108 C CD2 . PHE A 1 179 ? -0.279  3.316   0.958   1.00 28.20  ? 179 PHE A CD2 1 
ATOM   1109 C CE1 . PHE A 1 179 ? -0.034  3.395   -1.813  1.00 24.96  ? 179 PHE A CE1 1 
ATOM   1110 C CE2 . PHE A 1 179 ? -1.337  3.830   0.170   1.00 27.25  ? 179 PHE A CE2 1 
ATOM   1111 C CZ  . PHE A 1 179 ? -1.206  3.876   -1.214  1.00 30.76  ? 179 PHE A CZ  1 
ATOM   1112 N N   . GLY A 1 180 ? 3.971   4.512   -0.637  1.00 20.73  ? 180 GLY A N   1 
ATOM   1113 C CA  . GLY A 1 180 ? 4.240   5.940   -0.873  1.00 18.28  ? 180 GLY A CA  1 
ATOM   1114 C C   . GLY A 1 180 ? 3.766   6.426   -2.235  1.00 24.40  ? 180 GLY A C   1 
ATOM   1115 O O   . GLY A 1 180 ? 3.410   5.623   -3.096  1.00 23.28  ? 180 GLY A O   1 
ATOM   1116 N N   . ALA A 1 181 ? 3.742   7.746   -2.417  1.00 24.55  ? 181 ALA A N   1 
ATOM   1117 C CA  . ALA A 1 181 ? 3.291   8.359   -3.672  1.00 24.04  ? 181 ALA A CA  1 
ATOM   1118 C C   . ALA A 1 181 ? 3.857   9.769   -3.764  1.00 27.11  ? 181 ALA A C   1 
ATOM   1119 O O   . ALA A 1 181 ? 3.901   10.502  -2.770  1.00 25.17  ? 181 ALA A O   1 
ATOM   1120 C CB  . ALA A 1 181 ? 1.746   8.415   -3.742  1.00 23.27  ? 181 ALA A CB  1 
ATOM   1121 N N   . PHE A 1 182 ? 4.263   10.167  -4.957  1.00 22.01  ? 182 PHE A N   1 
ATOM   1122 C CA  . PHE A 1 182 ? 4.649   11.570  -5.162  1.00 21.45  ? 182 PHE A CA  1 
ATOM   1123 C C   . PHE A 1 182 ? 4.256   12.098  -6.534  1.00 22.49  ? 182 PHE A C   1 
ATOM   1124 O O   . PHE A 1 182 ? 4.353   11.388  -7.544  1.00 22.89  ? 182 PHE A O   1 
ATOM   1125 C CB  . PHE A 1 182 ? 6.142   11.797  -4.903  1.00 23.56  ? 182 PHE A CB  1 
ATOM   1126 C CG  . PHE A 1 182 ? 7.059   10.804  -5.578  1.00 27.58  ? 182 PHE A CG  1 
ATOM   1127 C CD1 . PHE A 1 182 ? 7.691   11.118  -6.784  1.00 23.59  ? 182 PHE A CD1 1 
ATOM   1128 C CD2 . PHE A 1 182 ? 7.351   9.586   -4.970  1.00 24.82  ? 182 PHE A CD2 1 
ATOM   1129 C CE1 . PHE A 1 182 ? 8.593   10.213  -7.386  1.00 23.07  ? 182 PHE A CE1 1 
ATOM   1130 C CE2 . PHE A 1 182 ? 8.243   8.664   -5.569  1.00 21.41  ? 182 PHE A CE2 1 
ATOM   1131 C CZ  . PHE A 1 182 ? 8.861   8.973   -6.773  1.00 23.91  ? 182 PHE A CZ  1 
ATOM   1132 N N   . LEU A 1 183 ? 3.793   13.346  -6.566  1.00 27.37  ? 183 LEU A N   1 
ATOM   1133 C CA  . LEU A 1 183 ? 3.526   13.998  -7.838  1.00 23.91  ? 183 LEU A CA  1 
ATOM   1134 C C   . LEU A 1 183 ? 4.865   14.199  -8.572  1.00 21.99  ? 183 LEU A C   1 
ATOM   1135 O O   . LEU A 1 183 ? 5.814   14.704  -7.989  1.00 24.71  ? 183 LEU A O   1 
ATOM   1136 C CB  . LEU A 1 183 ? 2.836   15.356  -7.605  1.00 25.82  ? 183 LEU A CB  1 
ATOM   1137 C CG  . LEU A 1 183 ? 2.590   16.187  -8.871  1.00 23.54  ? 183 LEU A CG  1 
ATOM   1138 C CD1 . LEU A 1 183 ? 1.461   15.556  -9.673  1.00 21.66  ? 183 LEU A CD1 1 
ATOM   1139 C CD2 . LEU A 1 183 ? 2.222   17.660  -8.524  1.00 32.02  ? 183 LEU A CD2 1 
ATOM   1140 N N   . LEU A 1 184 ? 4.933   13.819  -9.849  1.00 24.97  ? 184 LEU A N   1 
ATOM   1141 C CA  . LEU A 1 184 ? 6.201   13.889  -10.570 1.00 29.09  ? 184 LEU A CA  1 
ATOM   1142 C C   . LEU A 1 184 ? 6.566   15.326  -10.925 1.00 52.73  ? 184 LEU A C   1 
ATOM   1143 O O   . LEU A 1 184 ? 5.698   16.094  -11.315 1.00 34.68  ? 184 LEU A O   1 
ATOM   1144 C CB  . LEU A 1 184 ? 6.147   13.040  -11.832 1.00 29.09  ? 184 LEU A CB  1 
ATOM   1145 C CG  . LEU A 1 184 ? 5.972   11.561  -11.482 1.00 24.96  ? 184 LEU A CG  1 
ATOM   1146 C CD1 . LEU A 1 184 ? 5.779   10.751  -12.744 1.00 26.45  ? 184 LEU A CD1 1 
ATOM   1147 C CD2 . LEU A 1 184 ? 7.187   11.070  -10.713 1.00 20.55  ? 184 LEU A CD2 1 
ATOM   1148 O OXT . LEU A 1 184 ? 7.719   15.749  -10.830 1.00 46.63  ? 184 LEU A OXT 1 
HETATM 1149 O O   . HOH B 2 .   ? -7.063  -11.264 6.020   1.00 42.99  ? 185 HOH A O   1 
HETATM 1150 O O   . HOH B 2 .   ? 8.131   11.430  10.050  1.00 37.87  ? 186 HOH A O   1 
HETATM 1151 O O   . HOH B 2 .   ? 13.749  -4.343  9.471   1.00 44.30  ? 187 HOH A O   1 
HETATM 1152 O O   . HOH B 2 .   ? -0.931  -6.993  12.037  1.00 38.74  ? 188 HOH A O   1 
HETATM 1153 O O   . HOH B 2 .   ? 12.205  -7.955  -4.077  1.00 31.14  ? 189 HOH A O   1 
HETATM 1154 O O   . HOH B 2 .   ? -0.042  4.521   13.397  1.00 34.68  ? 190 HOH A O   1 
HETATM 1155 O O   . HOH B 2 .   ? 0.475   8.181   13.821  1.00 29.10  ? 191 HOH A O   1 
HETATM 1156 O O   . HOH B 2 .   ? -2.667  6.185   -15.470 1.00 26.13  ? 192 HOH A O   1 
HETATM 1157 O O   . HOH B 2 .   ? -4.723  6.157   -13.314 1.00 36.88  ? 193 HOH A O   1 
HETATM 1158 O O   . HOH B 2 .   ? -4.251  13.479  -14.157 1.00 42.43  ? 194 HOH A O   1 
HETATM 1159 O O   . HOH B 2 .   ? 6.635   13.302  9.747   1.00 42.17  ? 195 HOH A O   1 
HETATM 1160 O O   . HOH B 2 .   ? 3.732   15.773  -12.642 1.00 53.47  ? 196 HOH A O   1 
HETATM 1161 O O   . HOH B 2 .   ? -7.231  -5.642  9.367   1.00 51.83  ? 197 HOH A O   1 
HETATM 1162 O O   . HOH B 2 .   ? 3.135   20.187  3.900   1.00 39.60  ? 198 HOH A O   1 
HETATM 1163 O O   . HOH B 2 .   ? -6.941  9.532   -14.151 1.00 47.07  ? 199 HOH A O   1 
HETATM 1164 O O   . HOH B 2 .   ? 11.009  -10.142 -5.741  0.33 38.18  ? 200 HOH A O   1 
HETATM 1165 O O   . HOH B 2 .   ? -7.681  -12.816 4.070   1.00 58.37  ? 201 HOH A O   1 
HETATM 1166 O O   . HOH B 2 .   ? -8.913  4.255   -14.185 1.00 55.60  ? 202 HOH A O   1 
HETATM 1167 O O   . HOH B 2 .   ? 9.940   -11.272 8.283   1.00 55.41  ? 203 HOH A O   1 
HETATM 1168 O O   . HOH B 2 .   ? 13.704  -0.347  11.432  1.00 46.59  ? 204 HOH A O   1 
HETATM 1169 O O   . HOH B 2 .   ? 7.565   -4.981  9.084   1.00 51.04  ? 205 HOH A O   1 
HETATM 1170 O O   . HOH B 2 .   ? -9.016  -4.305  -5.226  1.00 62.90  ? 206 HOH A O   1 
HETATM 1171 O O   . HOH B 2 .   ? 9.233   14.534  -8.686  1.00 31.39  ? 207 HOH A O   1 
HETATM 1172 O O   . HOH B 2 .   ? 10.499  2.990   5.281   1.00 23.61  ? 208 HOH A O   1 
HETATM 1173 O O   . HOH B 2 .   ? -4.019  1.065   2.465   1.00 22.92  ? 209 HOH A O   1 
HETATM 1174 O O   . HOH B 2 .   ? 7.392   5.006   10.776  1.00 25.30  ? 210 HOH A O   1 
HETATM 1175 O O   . HOH B 2 .   ? 2.203   -9.914  -10.117 1.00 27.14  ? 211 HOH A O   1 
HETATM 1176 O O   . HOH B 2 .   ? 12.137  -6.246  -1.976  1.00 27.84  ? 212 HOH A O   1 
HETATM 1177 O O   . HOH B 2 .   ? -1.189  6.980   10.974  1.00 25.24  ? 213 HOH A O   1 
HETATM 1178 O O   . HOH B 2 .   ? -3.408  3.772   10.889  1.00 26.85  ? 214 HOH A O   1 
HETATM 1179 O O   . HOH B 2 .   ? -6.153  13.316  7.816   1.00 27.18  ? 215 HOH A O   1 
HETATM 1180 O O   . HOH B 2 .   ? -6.767  -2.703  -13.791 1.00 27.49  ? 216 HOH A O   1 
HETATM 1181 O O   . HOH B 2 .   ? -0.613  4.859   -15.803 1.00 31.41  ? 217 HOH A O   1 
HETATM 1182 O O   . HOH B 2 .   ? -8.398  8.555   -11.914 1.00 36.60  ? 218 HOH A O   1 
HETATM 1183 O O   . HOH B 2 .   ? -2.042  13.541  -15.628 1.00 33.14  ? 219 HOH A O   1 
HETATM 1184 O O   . HOH B 2 .   ? 2.246   13.425  8.368   1.00 36.80  ? 220 HOH A O   1 
HETATM 1185 O O   . HOH B 2 .   ? 0.055   -8.906  10.200  1.00 31.51  ? 221 HOH A O   1 
HETATM 1186 O O   . HOH B 2 .   ? -3.181  20.237  -11.952 1.00 69.99  ? 222 HOH A O   1 
HETATM 1187 O O   . HOH B 2 .   ? 8.693   10.194  15.174  1.00 44.90  ? 223 HOH A O   1 
HETATM 1188 O O   . HOH B 2 .   ? -6.033  19.403  -9.568  1.00 37.84  ? 224 HOH A O   1 
HETATM 1189 O O   . HOH B 2 .   ? 7.859   14.975  -6.293  1.00 34.34  ? 225 HOH A O   1 
HETATM 1190 O O   . HOH B 2 .   ? -2.149  -14.996 1.161   1.00 34.70  ? 226 HOH A O   1 
HETATM 1191 O O   . HOH B 2 .   ? -0.297  18.693  -11.509 1.00 44.01  ? 227 HOH A O   1 
HETATM 1192 O O   . HOH B 2 .   ? -2.936  -14.417 -3.111  1.00 36.06  ? 228 HOH A O   1 
HETATM 1193 O O   . HOH B 2 .   ? -0.064  19.403  4.150   1.00 41.59  ? 229 HOH A O   1 
HETATM 1194 O O   . HOH B 2 .   ? 2.411   -1.086  15.382  1.00 40.99  ? 230 HOH A O   1 
HETATM 1195 O O   . HOH B 2 .   ? 12.736  6.323   12.187  1.00 34.85  ? 231 HOH A O   1 
HETATM 1196 O O   . HOH B 2 .   ? -11.278 2.789   4.649   1.00 49.05  ? 232 HOH A O   1 
HETATM 1197 O O   . HOH B 2 .   ? -3.665  -19.011 -4.705  1.00 60.14  ? 233 HOH A O   1 
HETATM 1198 O O   . HOH B 2 .   ? -9.187  -2.861  -12.302 1.00 39.38  ? 234 HOH A O   1 
HETATM 1199 O O   . HOH B 2 .   ? 10.663  12.692  -10.111 0.33 28.29  ? 235 HOH A O   1 
HETATM 1200 O O   . HOH B 2 .   ? -5.871  -3.547  8.093   1.00 38.19  ? 236 HOH A O   1 
HETATM 1201 O O   . HOH B 2 .   ? 1.571   16.013  -13.819 1.00 36.58  ? 237 HOH A O   1 
HETATM 1202 O O   . HOH B 2 .   ? -6.980  16.069  -15.222 1.00 60.18  ? 238 HOH A O   1 
HETATM 1203 O O   . HOH B 2 .   ? 5.613   2.592   11.694  1.00 38.08  ? 239 HOH A O   1 
HETATM 1204 O O   . HOH B 2 .   ? 8.091   20.611  -0.728  1.00 46.61  ? 240 HOH A O   1 
HETATM 1205 O O   . HOH B 2 .   ? -5.317  15.346  -0.421  1.00 37.06  ? 241 HOH A O   1 
HETATM 1206 O O   . HOH B 2 .   ? 6.170   -1.038  12.577  1.00 50.91  ? 242 HOH A O   1 
HETATM 1207 O O   . HOH B 2 .   ? -11.634 11.353  -8.023  1.00 51.68  ? 243 HOH A O   1 
HETATM 1208 O O   . HOH B 2 .   ? 0.021   16.858  4.182   1.00 37.50  ? 244 HOH A O   1 
HETATM 1209 O O   . HOH B 2 .   ? 5.073   16.575  7.033   1.00 49.34  ? 245 HOH A O   1 
HETATM 1210 O O   . HOH B 2 .   ? -2.846  -14.263 -8.088  1.00 46.77  ? 246 HOH A O   1 
HETATM 1211 O O   . HOH B 2 .   ? -12.557 12.117  -2.792  1.00 48.52  ? 247 HOH A O   1 
HETATM 1212 O O   . HOH B 2 .   ? -14.509 4.479   -0.584  1.00 67.01  ? 248 HOH A O   1 
HETATM 1213 O O   . HOH B 2 .   ? 4.171   3.712   14.187  1.00 40.25  ? 249 HOH A O   1 
HETATM 1214 O O   . HOH B 2 .   ? -3.757  -16.579 2.536   1.00 61.50  ? 250 HOH A O   1 
HETATM 1215 O O   . HOH B 2 .   ? 9.966   0.427   12.833  1.00 44.01  ? 251 HOH A O   1 
HETATM 1216 O O   . HOH B 2 .   ? -11.496 3.893   -10.269 1.00 50.61  ? 252 HOH A O   1 
HETATM 1217 O O   . HOH B 2 .   ? -13.536 1.725   -0.976  1.00 56.58  ? 253 HOH A O   1 
HETATM 1218 O O   . HOH B 2 .   ? -12.283 9.031   -4.456  1.00 51.09  ? 254 HOH A O   1 
HETATM 1219 O O   . HOH B 2 .   ? 8.586   12.131  12.338  1.00 50.02  ? 255 HOH A O   1 
HETATM 1220 O O   . HOH B 2 .   ? 6.231   4.409   15.957  1.00 50.68  ? 256 HOH A O   1 
# 
loop_
_pdbx_poly_seq_scheme.asym_id 
_pdbx_poly_seq_scheme.entity_id 
_pdbx_poly_seq_scheme.seq_id 
_pdbx_poly_seq_scheme.mon_id 
_pdbx_poly_seq_scheme.ndb_seq_num 
_pdbx_poly_seq_scheme.pdb_seq_num 
_pdbx_poly_seq_scheme.auth_seq_num 
_pdbx_poly_seq_scheme.pdb_mon_id 
_pdbx_poly_seq_scheme.auth_mon_id 
_pdbx_poly_seq_scheme.pdb_strand_id 
_pdbx_poly_seq_scheme.pdb_ins_code 
_pdbx_poly_seq_scheme.hetero 
A 1 1   GLY 1   1   ?   ?   ?   A . n 
A 1 2   SER 2   2   ?   ?   ?   A . n 
A 1 3   HIS 3   3   ?   ?   ?   A . n 
A 1 4   MET 4   4   ?   ?   ?   A . n 
A 1 5   LEU 5   5   ?   ?   ?   A . n 
A 1 6   LYS 6   6   ?   ?   ?   A . n 
A 1 7   GLY 7   7   ?   ?   ?   A . n 
A 1 8   GLN 8   8   ?   ?   ?   A . n 
A 1 9   GLU 9   9   ?   ?   ?   A . n 
A 1 10  PHE 10  10  ?   ?   ?   A . n 
A 1 11  ALA 11  11  ?   ?   ?   A . n 
A 1 12  PRO 12  12  ?   ?   ?   A . n 
A 1 13  SER 13  13  ?   ?   ?   A . n 
A 1 14  HIS 14  14  ?   ?   ?   A . n 
A 1 15  GLN 15  15  ?   ?   ?   A . n 
A 1 16  GLN 16  16  ?   ?   ?   A . n 
A 1 17  VAL 17  17  ?   ?   ?   A . n 
A 1 18  TYR 18  18  ?   ?   ?   A . n 
A 1 19  ALA 19  19  ?   ?   ?   A . n 
A 1 20  PRO 20  20  ?   ?   ?   A . n 
A 1 21  LEU 21  21  ?   ?   ?   A . n 
A 1 22  ARG 22  22  ?   ?   ?   A . n 
A 1 23  ALA 23  23  ?   ?   ?   A . n 
A 1 24  ASP 24  24  ?   ?   ?   A . n 
A 1 25  GLY 25  25  25  GLY GLY A . n 
A 1 26  ASP 26  26  26  ASP ASP A . n 
A 1 27  LYS 27  27  27  LYS LYS A . n 
A 1 28  PRO 28  28  28  PRO PRO A . n 
A 1 29  ARG 29  29  29  ARG ARG A . n 
A 1 30  ALA 30  30  30  ALA ALA A . n 
A 1 31  HIS 31  31  31  HIS HIS A . n 
A 1 32  LEU 32  32  32  LEU LEU A . n 
A 1 33  THR 33  33  33  THR THR A . n 
A 1 34  VAL 34  34  34  VAL VAL A . n 
A 1 35  VAL 35  35  35  VAL VAL A . n 
A 1 36  ARG 36  36  36  ARG ARG A . n 
A 1 37  GLN 37  37  37  GLN GLN A . n 
A 1 38  THR 38  38  38  THR THR A . n 
A 1 39  PRO 39  39  39  PRO PRO A . n 
A 1 40  THR 40  40  40  THR THR A . n 
A 1 41  GLN 41  41  ?   ?   ?   A . n 
A 1 42  HIS 42  42  ?   ?   ?   A . n 
A 1 43  PHE 43  43  ?   ?   ?   A . n 
A 1 44  LYS 44  44  ?   ?   ?   A . n 
A 1 45  ASN 45  45  ?   ?   ?   A . n 
A 1 46  GLN 46  46  46  GLN GLN A . n 
A 1 47  PHE 47  47  47  PHE PHE A . n 
A 1 48  PRO 48  48  48  PRO PRO A . n 
A 1 49  ALA 49  49  49  ALA ALA A . n 
A 1 50  LEU 50  50  50  LEU LEU A . n 
A 1 51  HIS 51  51  51  HIS HIS A . n 
A 1 52  TRP 52  52  52  TRP TRP A . n 
A 1 53  GLU 53  53  53  GLU GLU A . n 
A 1 54  HIS 54  54  54  HIS HIS A . n 
A 1 55  GLU 55  55  55  GLU GLU A . n 
A 1 56  LEU 56  56  56  LEU LEU A . n 
A 1 57  GLY 57  57  57  GLY GLY A . n 
A 1 58  LEU 58  58  58  LEU LEU A . n 
A 1 59  ALA 59  59  59  ALA ALA A . n 
A 1 60  PHE 60  60  60  PHE PHE A . n 
A 1 61  THR 61  61  61  THR THR A . n 
A 1 62  LYS 62  62  62  LYS LYS A . n 
A 1 63  ASN 63  63  63  ASN ASN A . n 
A 1 64  ARG 64  64  64  ARG ARG A . n 
A 1 65  MET 65  65  65  MET MET A . n 
A 1 66  ASN 66  66  66  ASN ASN A . n 
A 1 67  TYR 67  67  67  TYR TYR A . n 
A 1 68  THR 68  68  68  THR THR A . n 
A 1 69  ASN 69  69  69  ASN ASN A . n 
A 1 70  LYS 70  70  70  LYS LYS A . n 
A 1 71  PHE 71  71  71  PHE PHE A . n 
A 1 72  LEU 72  72  72  LEU LEU A . n 
A 1 73  LEU 73  73  73  LEU LEU A . n 
A 1 74  ILE 74  74  74  ILE ILE A . n 
A 1 75  PRO 75  75  75  PRO PRO A . n 
A 1 76  GLU 76  76  76  GLU GLU A . n 
A 1 77  SER 77  77  77  SER SER A . n 
A 1 78  GLY 78  78  78  GLY GLY A . n 
A 1 79  ASP 79  79  79  ASP ASP A . n 
A 1 80  TYR 80  80  80  TYR TYR A . n 
A 1 81  PHE 81  81  81  PHE PHE A . n 
A 1 82  ILE 82  82  82  ILE ILE A . n 
A 1 83  TYR 83  83  83  TYR TYR A . n 
A 1 84  SER 84  84  84  SER SER A . n 
A 1 85  GLN 85  85  85  GLN GLN A . n 
A 1 86  VAL 86  86  86  VAL VAL A . n 
A 1 87  THR 87  87  87  THR THR A . n 
A 1 88  PHE 88  88  88  PHE PHE A . n 
A 1 89  ARG 89  89  89  ARG ARG A . n 
A 1 90  GLY 90  90  90  GLY GLY A . n 
A 1 91  MET 91  91  91  MET MET A . n 
A 1 92  THR 92  92  ?   ?   ?   A . n 
A 1 93  SER 93  93  ?   ?   ?   A . n 
A 1 94  GLU 94  94  ?   ?   ?   A . n 
A 1 95  SER 95  95  ?   ?   ?   A . n 
A 1 96  SER 96  96  ?   ?   ?   A . n 
A 1 97  GLU 97  97  ?   ?   ?   A . n 
A 1 98  ILE 98  98  ?   ?   ?   A . n 
A 1 99  ARG 99  99  ?   ?   ?   A . n 
A 1 100 GLN 100 100 ?   ?   ?   A . n 
A 1 101 ALA 101 101 ?   ?   ?   A . n 
A 1 102 GLY 102 102 ?   ?   ?   A . n 
A 1 103 ARG 103 103 ?   ?   ?   A . n 
A 1 104 PRO 104 104 ?   ?   ?   A . n 
A 1 105 ASN 105 105 ?   ?   ?   A . n 
A 1 106 LYS 106 106 106 LYS LYS A . n 
A 1 107 PRO 107 107 107 PRO PRO A . n 
A 1 108 ASP 108 108 108 ASP ASP A . n 
A 1 109 SER 109 109 109 SER SER A . n 
A 1 110 ILE 110 110 110 ILE ILE A . n 
A 1 111 THR 111 111 111 THR THR A . n 
A 1 112 VAL 112 112 112 VAL VAL A . n 
A 1 113 VAL 113 113 113 VAL VAL A . n 
A 1 114 ILE 114 114 114 ILE ILE A . n 
A 1 115 THR 115 115 115 THR THR A . n 
A 1 116 LYS 116 116 116 LYS LYS A . n 
A 1 117 VAL 117 117 117 VAL VAL A . n 
A 1 118 THR 118 118 118 THR THR A . n 
A 1 119 ASP 119 119 119 ASP ASP A . n 
A 1 120 SER 120 120 120 SER SER A . n 
A 1 121 TYR 121 121 121 TYR TYR A . n 
A 1 122 PRO 122 122 122 PRO PRO A . n 
A 1 123 GLU 123 123 123 GLU GLU A . n 
A 1 124 PRO 124 124 124 PRO PRO A . n 
A 1 125 THR 125 125 125 THR THR A . n 
A 1 126 GLN 126 126 126 GLN GLN A . n 
A 1 127 LEU 127 127 127 LEU LEU A . n 
A 1 128 LEU 128 128 128 LEU LEU A . n 
A 1 129 MET 129 129 129 MET MET A . n 
A 1 130 GLY 130 130 130 GLY GLY A . n 
A 1 131 THR 131 131 131 THR THR A . n 
A 1 132 LYS 132 132 132 LYS LYS A . n 
A 1 133 SER 133 133 133 SER SER A . n 
A 1 134 VAL 134 134 134 VAL VAL A . n 
A 1 135 SER 135 135 135 SER SER A . n 
A 1 136 GLU 136 136 136 GLU GLU A . n 
A 1 137 VAL 137 137 137 VAL VAL A . n 
A 1 138 GLY 138 138 138 GLY GLY A . n 
A 1 139 SER 139 139 139 SER SER A . n 
A 1 140 ASN 140 140 140 ASN ASN A . n 
A 1 141 TRP 141 141 141 TRP TRP A . n 
A 1 142 PHE 142 142 142 PHE PHE A . n 
A 1 143 GLN 143 143 143 GLN GLN A . n 
A 1 144 PRO 144 144 144 PRO PRO A . n 
A 1 145 ILE 145 145 145 ILE ILE A . n 
A 1 146 TYR 146 146 146 TYR TYR A . n 
A 1 147 LEU 147 147 147 LEU LEU A . n 
A 1 148 GLY 148 148 148 GLY GLY A . n 
A 1 149 ALA 149 149 149 ALA ALA A . n 
A 1 150 MET 150 150 150 MET MET A . n 
A 1 151 PHE 151 151 151 PHE PHE A . n 
A 1 152 SER 152 152 152 SER SER A . n 
A 1 153 LEU 153 153 153 LEU LEU A . n 
A 1 154 GLN 154 154 154 GLN GLN A . n 
A 1 155 GLU 155 155 155 GLU GLU A . n 
A 1 156 GLY 156 156 156 GLY GLY A . n 
A 1 157 ASP 157 157 157 ASP ASP A . n 
A 1 158 LYS 158 158 158 LYS LYS A . n 
A 1 159 LEU 159 159 159 LEU LEU A . n 
A 1 160 MET 160 160 160 MET MET A . n 
A 1 161 VAL 161 161 161 VAL VAL A . n 
A 1 162 ASN 162 162 162 ASN ASN A . n 
A 1 163 VAL 163 163 163 VAL VAL A . n 
A 1 164 SER 164 164 164 SER SER A . n 
A 1 165 ASP 165 165 165 ASP ASP A . n 
A 1 166 ILE 166 166 166 ILE ILE A . n 
A 1 167 SER 167 167 167 SER SER A . n 
A 1 168 LEU 168 168 168 LEU LEU A . n 
A 1 169 VAL 169 169 169 VAL VAL A . n 
A 1 170 ASP 170 170 170 ASP ASP A . n 
A 1 171 TYR 171 171 171 TYR TYR A . n 
A 1 172 THR 172 172 172 THR THR A . n 
A 1 173 LYS 173 173 173 LYS LYS A . n 
A 1 174 GLU 174 174 174 GLU GLU A . n 
A 1 175 ASP 175 175 175 ASP ASP A . n 
A 1 176 LYS 176 176 176 LYS LYS A . n 
A 1 177 THR 177 177 177 THR THR A . n 
A 1 178 PHE 178 178 178 PHE PHE A . n 
A 1 179 PHE 179 179 179 PHE PHE A . n 
A 1 180 GLY 180 180 180 GLY GLY A . n 
A 1 181 ALA 181 181 181 ALA ALA A . n 
A 1 182 PHE 182 182 182 PHE PHE A . n 
A 1 183 LEU 183 183 183 LEU LEU A . n 
A 1 184 LEU 184 184 184 LEU LEU A . n 
# 
loop_
_pdbx_nonpoly_scheme.asym_id 
_pdbx_nonpoly_scheme.entity_id 
_pdbx_nonpoly_scheme.mon_id 
_pdbx_nonpoly_scheme.ndb_seq_num 
_pdbx_nonpoly_scheme.pdb_seq_num 
_pdbx_nonpoly_scheme.auth_seq_num 
_pdbx_nonpoly_scheme.pdb_mon_id 
_pdbx_nonpoly_scheme.auth_mon_id 
_pdbx_nonpoly_scheme.pdb_strand_id 
_pdbx_nonpoly_scheme.pdb_ins_code 
B 2 HOH 1  185 185 HOH HOH A . 
B 2 HOH 2  186 186 HOH HOH A . 
B 2 HOH 3  187 187 HOH HOH A . 
B 2 HOH 4  188 188 HOH HOH A . 
B 2 HOH 5  189 189 HOH HOH A . 
B 2 HOH 6  190 190 HOH HOH A . 
B 2 HOH 7  191 191 HOH HOH A . 
B 2 HOH 8  192 192 HOH HOH A . 
B 2 HOH 9  193 193 HOH HOH A . 
B 2 HOH 10 194 194 HOH HOH A . 
B 2 HOH 11 195 195 HOH HOH A . 
B 2 HOH 12 196 196 HOH HOH A . 
B 2 HOH 13 197 197 HOH HOH A . 
B 2 HOH 14 198 198 HOH HOH A . 
B 2 HOH 15 199 199 HOH HOH A . 
B 2 HOH 16 200 200 HOH HOH A . 
B 2 HOH 17 201 201 HOH HOH A . 
B 2 HOH 18 202 202 HOH HOH A . 
B 2 HOH 19 203 203 HOH HOH A . 
B 2 HOH 20 204 204 HOH HOH A . 
B 2 HOH 21 205 205 HOH HOH A . 
B 2 HOH 22 206 206 HOH HOH A . 
B 2 HOH 23 207 207 HOH HOH A . 
B 2 HOH 24 208 208 HOH HOH A . 
B 2 HOH 25 209 209 HOH HOH A . 
B 2 HOH 26 210 210 HOH HOH A . 
B 2 HOH 27 211 211 HOH HOH A . 
B 2 HOH 28 212 212 HOH HOH A . 
B 2 HOH 29 213 213 HOH HOH A . 
B 2 HOH 30 214 214 HOH HOH A . 
B 2 HOH 31 215 215 HOH HOH A . 
B 2 HOH 32 216 216 HOH HOH A . 
B 2 HOH 33 217 217 HOH HOH A . 
B 2 HOH 34 218 218 HOH HOH A . 
B 2 HOH 35 219 219 HOH HOH A . 
B 2 HOH 36 220 220 HOH HOH A . 
B 2 HOH 37 221 221 HOH HOH A . 
B 2 HOH 38 222 222 HOH HOH A . 
B 2 HOH 39 223 223 HOH HOH A . 
B 2 HOH 40 224 224 HOH HOH A . 
B 2 HOH 41 225 225 HOH HOH A . 
B 2 HOH 42 226 226 HOH HOH A . 
B 2 HOH 43 227 227 HOH HOH A . 
B 2 HOH 44 228 228 HOH HOH A . 
B 2 HOH 45 229 229 HOH HOH A . 
B 2 HOH 46 230 230 HOH HOH A . 
B 2 HOH 47 231 231 HOH HOH A . 
B 2 HOH 48 232 232 HOH HOH A . 
B 2 HOH 49 233 233 HOH HOH A . 
B 2 HOH 50 234 234 HOH HOH A . 
B 2 HOH 51 235 235 HOH HOH A . 
B 2 HOH 52 236 236 HOH HOH A . 
B 2 HOH 53 237 237 HOH HOH A . 
B 2 HOH 54 238 238 HOH HOH A . 
B 2 HOH 55 239 239 HOH HOH A . 
B 2 HOH 56 240 240 HOH HOH A . 
B 2 HOH 57 241 241 HOH HOH A . 
B 2 HOH 58 242 242 HOH HOH A . 
B 2 HOH 59 243 243 HOH HOH A . 
B 2 HOH 60 244 244 HOH HOH A . 
B 2 HOH 61 245 245 HOH HOH A . 
B 2 HOH 62 246 246 HOH HOH A . 
B 2 HOH 63 247 247 HOH HOH A . 
B 2 HOH 64 248 248 HOH HOH A . 
B 2 HOH 65 249 249 HOH HOH A . 
B 2 HOH 66 250 250 HOH HOH A . 
B 2 HOH 67 251 251 HOH HOH A . 
B 2 HOH 68 252 252 HOH HOH A . 
B 2 HOH 69 253 253 HOH HOH A . 
B 2 HOH 70 254 254 HOH HOH A . 
B 2 HOH 71 255 255 HOH HOH A . 
B 2 HOH 72 256 256 HOH HOH A . 
# 
_pdbx_struct_assembly.id                   1 
_pdbx_struct_assembly.details              author_and_software_defined_assembly 
_pdbx_struct_assembly.method_details       PISA 
_pdbx_struct_assembly.oligomeric_details   trimeric 
_pdbx_struct_assembly.oligomeric_count     3 
# 
_pdbx_struct_assembly_gen.assembly_id       1 
_pdbx_struct_assembly_gen.oper_expression   1,2,3 
_pdbx_struct_assembly_gen.asym_id_list      A,B 
# 
_pdbx_struct_assembly_prop.biol_id   1 
_pdbx_struct_assembly_prop.type      'ABSA (A^2)' 
_pdbx_struct_assembly_prop.value     5600 
_pdbx_struct_assembly_prop.details   ? 
# 
loop_
_pdbx_struct_oper_list.id 
_pdbx_struct_oper_list.type 
_pdbx_struct_oper_list.name 
_pdbx_struct_oper_list.symmetry_operation 
_pdbx_struct_oper_list.matrix[1][1] 
_pdbx_struct_oper_list.matrix[1][2] 
_pdbx_struct_oper_list.matrix[1][3] 
_pdbx_struct_oper_list.vector[1] 
_pdbx_struct_oper_list.matrix[2][1] 
_pdbx_struct_oper_list.matrix[2][2] 
_pdbx_struct_oper_list.matrix[2][3] 
_pdbx_struct_oper_list.vector[2] 
_pdbx_struct_oper_list.matrix[3][1] 
_pdbx_struct_oper_list.matrix[3][2] 
_pdbx_struct_oper_list.matrix[3][3] 
_pdbx_struct_oper_list.vector[3] 
1 'identity operation'         1_555  x,y,z           1.0000000000  0.0000000000  0.0000000000  0.0000000000  0.0000000000  1.0000000000 0.0000000000  0.0000000000  0.0000000000  0.0000000000  1.0000000000  0.0000000000   
2 'crystal symmetry operation' 8_544  -z,x-1/2,-y-1/2 -0.4996729437 -0.1845442430 -0.8463275795 9.7704831421  0.1410405574  0.9466702125 -0.2896947875 -3.7559511869 0.8546546148  -0.2641191608 -0.4469972689 -20.3900560203 
3 'crystal symmetry operation' 11_545 y+1/2,-z-1/2,-x -0.4996729437 0.1410405574  0.8546546148  22.8382429946 -0.1845442430 0.9466702125 -0.2641191608 -0.0266709611 -0.8463275795 -0.2896947875 -0.4469972689 -1.9333494861   
# 
loop_
_pdbx_struct_special_symmetry.id 
_pdbx_struct_special_symmetry.PDB_model_num 
_pdbx_struct_special_symmetry.auth_asym_id 
_pdbx_struct_special_symmetry.auth_comp_id 
_pdbx_struct_special_symmetry.auth_seq_id 
_pdbx_struct_special_symmetry.PDB_ins_code 
_pdbx_struct_special_symmetry.label_asym_id 
_pdbx_struct_special_symmetry.label_comp_id 
_pdbx_struct_special_symmetry.label_seq_id 
1 1 A HOH 200 ? B HOH . 
2 1 A HOH 235 ? B HOH . 
# 
loop_
_pdbx_audit_revision_history.ordinal 
_pdbx_audit_revision_history.data_content_type 
_pdbx_audit_revision_history.major_revision 
_pdbx_audit_revision_history.minor_revision 
_pdbx_audit_revision_history.revision_date 
1 'Structure model' 1 0 2008-08-26 
2 'Structure model' 1 1 2011-07-13 
3 'Structure model' 1 2 2021-10-20 
4 'Structure model' 1 3 2023-08-30 
# 
_pdbx_audit_revision_details.ordinal             1 
_pdbx_audit_revision_details.revision_ordinal    1 
_pdbx_audit_revision_details.data_content_type   'Structure model' 
_pdbx_audit_revision_details.provider            repository 
_pdbx_audit_revision_details.type                'Initial release' 
_pdbx_audit_revision_details.description         ? 
_pdbx_audit_revision_details.details             ? 
# 
loop_
_pdbx_audit_revision_group.ordinal 
_pdbx_audit_revision_group.revision_ordinal 
_pdbx_audit_revision_group.data_content_type 
_pdbx_audit_revision_group.group 
1 2 'Structure model' 'Version format compliance' 
2 3 'Structure model' 'Database references'       
3 4 'Structure model' 'Data collection'           
4 4 'Structure model' 'Refinement description'    
# 
loop_
_pdbx_audit_revision_category.ordinal 
_pdbx_audit_revision_category.revision_ordinal 
_pdbx_audit_revision_category.data_content_type 
_pdbx_audit_revision_category.category 
1 3 'Structure model' database_2                    
2 3 'Structure model' struct_ref_seq_dif            
3 4 'Structure model' chem_comp_atom                
4 4 'Structure model' chem_comp_bond                
5 4 'Structure model' pdbx_initial_refinement_model 
# 
loop_
_pdbx_audit_revision_item.ordinal 
_pdbx_audit_revision_item.revision_ordinal 
_pdbx_audit_revision_item.data_content_type 
_pdbx_audit_revision_item.item 
1 3 'Structure model' '_database_2.pdbx_DOI'                
2 3 'Structure model' '_database_2.pdbx_database_accession' 
3 3 'Structure model' '_struct_ref_seq_dif.details'         
# 
loop_
_software.name 
_software.classification 
_software.version 
_software.citation_id 
_software.pdbx_ordinal 
PHASER   phasing          .        ? 1 
REFMAC   refinement       5.3.0034 ? 2 
HKL-2000 'data reduction' .        ? 3 
HKL-2000 'data scaling'   .        ? 4 
# 
loop_
_pdbx_validate_torsion.id 
_pdbx_validate_torsion.PDB_model_num 
_pdbx_validate_torsion.auth_comp_id 
_pdbx_validate_torsion.auth_asym_id 
_pdbx_validate_torsion.auth_seq_id 
_pdbx_validate_torsion.PDB_ins_code 
_pdbx_validate_torsion.label_alt_id 
_pdbx_validate_torsion.phi 
_pdbx_validate_torsion.psi 
1 1 GLU A 55  ? ? -140.08 -25.76 
2 1 ARG A 64  ? ? 87.22   -6.28  
3 1 ASN A 140 ? ? -98.92  53.29  
# 
_pdbx_validate_peptide_omega.id               1 
_pdbx_validate_peptide_omega.PDB_model_num    1 
_pdbx_validate_peptide_omega.auth_comp_id_1   GLY 
_pdbx_validate_peptide_omega.auth_asym_id_1   A 
_pdbx_validate_peptide_omega.auth_seq_id_1    138 
_pdbx_validate_peptide_omega.PDB_ins_code_1   ? 
_pdbx_validate_peptide_omega.label_alt_id_1   ? 
_pdbx_validate_peptide_omega.auth_comp_id_2   SER 
_pdbx_validate_peptide_omega.auth_asym_id_2   A 
_pdbx_validate_peptide_omega.auth_seq_id_2    139 
_pdbx_validate_peptide_omega.PDB_ins_code_2   ? 
_pdbx_validate_peptide_omega.label_alt_id_2   ? 
_pdbx_validate_peptide_omega.omega            -31.83 
# 
loop_
_pdbx_unobs_or_zero_occ_residues.id 
_pdbx_unobs_or_zero_occ_residues.PDB_model_num 
_pdbx_unobs_or_zero_occ_residues.polymer_flag 
_pdbx_unobs_or_zero_occ_residues.occupancy_flag 
_pdbx_unobs_or_zero_occ_residues.auth_asym_id 
_pdbx_unobs_or_zero_occ_residues.auth_comp_id 
_pdbx_unobs_or_zero_occ_residues.auth_seq_id 
_pdbx_unobs_or_zero_occ_residues.PDB_ins_code 
_pdbx_unobs_or_zero_occ_residues.label_asym_id 
_pdbx_unobs_or_zero_occ_residues.label_comp_id 
_pdbx_unobs_or_zero_occ_residues.label_seq_id 
1  1 Y 1 A GLY 1   ? A GLY 1   
2  1 Y 1 A SER 2   ? A SER 2   
3  1 Y 1 A HIS 3   ? A HIS 3   
4  1 Y 1 A MET 4   ? A MET 4   
5  1 Y 1 A LEU 5   ? A LEU 5   
6  1 Y 1 A LYS 6   ? A LYS 6   
7  1 Y 1 A GLY 7   ? A GLY 7   
8  1 Y 1 A GLN 8   ? A GLN 8   
9  1 Y 1 A GLU 9   ? A GLU 9   
10 1 Y 1 A PHE 10  ? A PHE 10  
11 1 Y 1 A ALA 11  ? A ALA 11  
12 1 Y 1 A PRO 12  ? A PRO 12  
13 1 Y 1 A SER 13  ? A SER 13  
14 1 Y 1 A HIS 14  ? A HIS 14  
15 1 Y 1 A GLN 15  ? A GLN 15  
16 1 Y 1 A GLN 16  ? A GLN 16  
17 1 Y 1 A VAL 17  ? A VAL 17  
18 1 Y 1 A TYR 18  ? A TYR 18  
19 1 Y 1 A ALA 19  ? A ALA 19  
20 1 Y 1 A PRO 20  ? A PRO 20  
21 1 Y 1 A LEU 21  ? A LEU 21  
22 1 Y 1 A ARG 22  ? A ARG 22  
23 1 Y 1 A ALA 23  ? A ALA 23  
24 1 Y 1 A ASP 24  ? A ASP 24  
25 1 Y 1 A GLN 41  ? A GLN 41  
26 1 Y 1 A HIS 42  ? A HIS 42  
27 1 Y 1 A PHE 43  ? A PHE 43  
28 1 Y 1 A LYS 44  ? A LYS 44  
29 1 Y 1 A ASN 45  ? A ASN 45  
30 1 Y 1 A THR 92  ? A THR 92  
31 1 Y 1 A SER 93  ? A SER 93  
32 1 Y 1 A GLU 94  ? A GLU 94  
33 1 Y 1 A SER 95  ? A SER 95  
34 1 Y 1 A SER 96  ? A SER 96  
35 1 Y 1 A GLU 97  ? A GLU 97  
36 1 Y 1 A ILE 98  ? A ILE 98  
37 1 Y 1 A ARG 99  ? A ARG 99  
38 1 Y 1 A GLN 100 ? A GLN 100 
39 1 Y 1 A ALA 101 ? A ALA 101 
40 1 Y 1 A GLY 102 ? A GLY 102 
41 1 Y 1 A ARG 103 ? A ARG 103 
42 1 Y 1 A PRO 104 ? A PRO 104 
43 1 Y 1 A ASN 105 ? A ASN 105 
# 
loop_
_chem_comp_atom.comp_id 
_chem_comp_atom.atom_id 
_chem_comp_atom.type_symbol 
_chem_comp_atom.pdbx_aromatic_flag 
_chem_comp_atom.pdbx_stereo_config 
_chem_comp_atom.pdbx_ordinal 
ALA N    N N N 1   
ALA CA   C N S 2   
ALA C    C N N 3   
ALA O    O N N 4   
ALA CB   C N N 5   
ALA OXT  O N N 6   
ALA H    H N N 7   
ALA H2   H N N 8   
ALA HA   H N N 9   
ALA HB1  H N N 10  
ALA HB2  H N N 11  
ALA HB3  H N N 12  
ALA HXT  H N N 13  
ARG N    N N N 14  
ARG CA   C N S 15  
ARG C    C N N 16  
ARG O    O N N 17  
ARG CB   C N N 18  
ARG CG   C N N 19  
ARG CD   C N N 20  
ARG NE   N N N 21  
ARG CZ   C N N 22  
ARG NH1  N N N 23  
ARG NH2  N N N 24  
ARG OXT  O N N 25  
ARG H    H N N 26  
ARG H2   H N N 27  
ARG HA   H N N 28  
ARG HB2  H N N 29  
ARG HB3  H N N 30  
ARG HG2  H N N 31  
ARG HG3  H N N 32  
ARG HD2  H N N 33  
ARG HD3  H N N 34  
ARG HE   H N N 35  
ARG HH11 H N N 36  
ARG HH12 H N N 37  
ARG HH21 H N N 38  
ARG HH22 H N N 39  
ARG HXT  H N N 40  
ASN N    N N N 41  
ASN CA   C N S 42  
ASN C    C N N 43  
ASN O    O N N 44  
ASN CB   C N N 45  
ASN CG   C N N 46  
ASN OD1  O N N 47  
ASN ND2  N N N 48  
ASN OXT  O N N 49  
ASN H    H N N 50  
ASN H2   H N N 51  
ASN HA   H N N 52  
ASN HB2  H N N 53  
ASN HB3  H N N 54  
ASN HD21 H N N 55  
ASN HD22 H N N 56  
ASN HXT  H N N 57  
ASP N    N N N 58  
ASP CA   C N S 59  
ASP C    C N N 60  
ASP O    O N N 61  
ASP CB   C N N 62  
ASP CG   C N N 63  
ASP OD1  O N N 64  
ASP OD2  O N N 65  
ASP OXT  O N N 66  
ASP H    H N N 67  
ASP H2   H N N 68  
ASP HA   H N N 69  
ASP HB2  H N N 70  
ASP HB3  H N N 71  
ASP HD2  H N N 72  
ASP HXT  H N N 73  
CYS N    N N N 74  
CYS CA   C N R 75  
CYS C    C N N 76  
CYS O    O N N 77  
CYS CB   C N N 78  
CYS SG   S N N 79  
CYS OXT  O N N 80  
CYS H    H N N 81  
CYS H2   H N N 82  
CYS HA   H N N 83  
CYS HB2  H N N 84  
CYS HB3  H N N 85  
CYS HG   H N N 86  
CYS HXT  H N N 87  
GLN N    N N N 88  
GLN CA   C N S 89  
GLN C    C N N 90  
GLN O    O N N 91  
GLN CB   C N N 92  
GLN CG   C N N 93  
GLN CD   C N N 94  
GLN OE1  O N N 95  
GLN NE2  N N N 96  
GLN OXT  O N N 97  
GLN H    H N N 98  
GLN H2   H N N 99  
GLN HA   H N N 100 
GLN HB2  H N N 101 
GLN HB3  H N N 102 
GLN HG2  H N N 103 
GLN HG3  H N N 104 
GLN HE21 H N N 105 
GLN HE22 H N N 106 
GLN HXT  H N N 107 
GLU N    N N N 108 
GLU CA   C N S 109 
GLU C    C N N 110 
GLU O    O N N 111 
GLU CB   C N N 112 
GLU CG   C N N 113 
GLU CD   C N N 114 
GLU OE1  O N N 115 
GLU OE2  O N N 116 
GLU OXT  O N N 117 
GLU H    H N N 118 
GLU H2   H N N 119 
GLU HA   H N N 120 
GLU HB2  H N N 121 
GLU HB3  H N N 122 
GLU HG2  H N N 123 
GLU HG3  H N N 124 
GLU HE2  H N N 125 
GLU HXT  H N N 126 
GLY N    N N N 127 
GLY CA   C N N 128 
GLY C    C N N 129 
GLY O    O N N 130 
GLY OXT  O N N 131 
GLY H    H N N 132 
GLY H2   H N N 133 
GLY HA2  H N N 134 
GLY HA3  H N N 135 
GLY HXT  H N N 136 
HIS N    N N N 137 
HIS CA   C N S 138 
HIS C    C N N 139 
HIS O    O N N 140 
HIS CB   C N N 141 
HIS CG   C Y N 142 
HIS ND1  N Y N 143 
HIS CD2  C Y N 144 
HIS CE1  C Y N 145 
HIS NE2  N Y N 146 
HIS OXT  O N N 147 
HIS H    H N N 148 
HIS H2   H N N 149 
HIS HA   H N N 150 
HIS HB2  H N N 151 
HIS HB3  H N N 152 
HIS HD1  H N N 153 
HIS HD2  H N N 154 
HIS HE1  H N N 155 
HIS HE2  H N N 156 
HIS HXT  H N N 157 
HOH O    O N N 158 
HOH H1   H N N 159 
HOH H2   H N N 160 
ILE N    N N N 161 
ILE CA   C N S 162 
ILE C    C N N 163 
ILE O    O N N 164 
ILE CB   C N S 165 
ILE CG1  C N N 166 
ILE CG2  C N N 167 
ILE CD1  C N N 168 
ILE OXT  O N N 169 
ILE H    H N N 170 
ILE H2   H N N 171 
ILE HA   H N N 172 
ILE HB   H N N 173 
ILE HG12 H N N 174 
ILE HG13 H N N 175 
ILE HG21 H N N 176 
ILE HG22 H N N 177 
ILE HG23 H N N 178 
ILE HD11 H N N 179 
ILE HD12 H N N 180 
ILE HD13 H N N 181 
ILE HXT  H N N 182 
LEU N    N N N 183 
LEU CA   C N S 184 
LEU C    C N N 185 
LEU O    O N N 186 
LEU CB   C N N 187 
LEU CG   C N N 188 
LEU CD1  C N N 189 
LEU CD2  C N N 190 
LEU OXT  O N N 191 
LEU H    H N N 192 
LEU H2   H N N 193 
LEU HA   H N N 194 
LEU HB2  H N N 195 
LEU HB3  H N N 196 
LEU HG   H N N 197 
LEU HD11 H N N 198 
LEU HD12 H N N 199 
LEU HD13 H N N 200 
LEU HD21 H N N 201 
LEU HD22 H N N 202 
LEU HD23 H N N 203 
LEU HXT  H N N 204 
LYS N    N N N 205 
LYS CA   C N S 206 
LYS C    C N N 207 
LYS O    O N N 208 
LYS CB   C N N 209 
LYS CG   C N N 210 
LYS CD   C N N 211 
LYS CE   C N N 212 
LYS NZ   N N N 213 
LYS OXT  O N N 214 
LYS H    H N N 215 
LYS H2   H N N 216 
LYS HA   H N N 217 
LYS HB2  H N N 218 
LYS HB3  H N N 219 
LYS HG2  H N N 220 
LYS HG3  H N N 221 
LYS HD2  H N N 222 
LYS HD3  H N N 223 
LYS HE2  H N N 224 
LYS HE3  H N N 225 
LYS HZ1  H N N 226 
LYS HZ2  H N N 227 
LYS HZ3  H N N 228 
LYS HXT  H N N 229 
MET N    N N N 230 
MET CA   C N S 231 
MET C    C N N 232 
MET O    O N N 233 
MET CB   C N N 234 
MET CG   C N N 235 
MET SD   S N N 236 
MET CE   C N N 237 
MET OXT  O N N 238 
MET H    H N N 239 
MET H2   H N N 240 
MET HA   H N N 241 
MET HB2  H N N 242 
MET HB3  H N N 243 
MET HG2  H N N 244 
MET HG3  H N N 245 
MET HE1  H N N 246 
MET HE2  H N N 247 
MET HE3  H N N 248 
MET HXT  H N N 249 
PHE N    N N N 250 
PHE CA   C N S 251 
PHE C    C N N 252 
PHE O    O N N 253 
PHE CB   C N N 254 
PHE CG   C Y N 255 
PHE CD1  C Y N 256 
PHE CD2  C Y N 257 
PHE CE1  C Y N 258 
PHE CE2  C Y N 259 
PHE CZ   C Y N 260 
PHE OXT  O N N 261 
PHE H    H N N 262 
PHE H2   H N N 263 
PHE HA   H N N 264 
PHE HB2  H N N 265 
PHE HB3  H N N 266 
PHE HD1  H N N 267 
PHE HD2  H N N 268 
PHE HE1  H N N 269 
PHE HE2  H N N 270 
PHE HZ   H N N 271 
PHE HXT  H N N 272 
PRO N    N N N 273 
PRO CA   C N S 274 
PRO C    C N N 275 
PRO O    O N N 276 
PRO CB   C N N 277 
PRO CG   C N N 278 
PRO CD   C N N 279 
PRO OXT  O N N 280 
PRO H    H N N 281 
PRO HA   H N N 282 
PRO HB2  H N N 283 
PRO HB3  H N N 284 
PRO HG2  H N N 285 
PRO HG3  H N N 286 
PRO HD2  H N N 287 
PRO HD3  H N N 288 
PRO HXT  H N N 289 
SER N    N N N 290 
SER CA   C N S 291 
SER C    C N N 292 
SER O    O N N 293 
SER CB   C N N 294 
SER OG   O N N 295 
SER OXT  O N N 296 
SER H    H N N 297 
SER H2   H N N 298 
SER HA   H N N 299 
SER HB2  H N N 300 
SER HB3  H N N 301 
SER HG   H N N 302 
SER HXT  H N N 303 
THR N    N N N 304 
THR CA   C N S 305 
THR C    C N N 306 
THR O    O N N 307 
THR CB   C N R 308 
THR OG1  O N N 309 
THR CG2  C N N 310 
THR OXT  O N N 311 
THR H    H N N 312 
THR H2   H N N 313 
THR HA   H N N 314 
THR HB   H N N 315 
THR HG1  H N N 316 
THR HG21 H N N 317 
THR HG22 H N N 318 
THR HG23 H N N 319 
THR HXT  H N N 320 
TRP N    N N N 321 
TRP CA   C N S 322 
TRP C    C N N 323 
TRP O    O N N 324 
TRP CB   C N N 325 
TRP CG   C Y N 326 
TRP CD1  C Y N 327 
TRP CD2  C Y N 328 
TRP NE1  N Y N 329 
TRP CE2  C Y N 330 
TRP CE3  C Y N 331 
TRP CZ2  C Y N 332 
TRP CZ3  C Y N 333 
TRP CH2  C Y N 334 
TRP OXT  O N N 335 
TRP H    H N N 336 
TRP H2   H N N 337 
TRP HA   H N N 338 
TRP HB2  H N N 339 
TRP HB3  H N N 340 
TRP HD1  H N N 341 
TRP HE1  H N N 342 
TRP HE3  H N N 343 
TRP HZ2  H N N 344 
TRP HZ3  H N N 345 
TRP HH2  H N N 346 
TRP HXT  H N N 347 
TYR N    N N N 348 
TYR CA   C N S 349 
TYR C    C N N 350 
TYR O    O N N 351 
TYR CB   C N N 352 
TYR CG   C Y N 353 
TYR CD1  C Y N 354 
TYR CD2  C Y N 355 
TYR CE1  C Y N 356 
TYR CE2  C Y N 357 
TYR CZ   C Y N 358 
TYR OH   O N N 359 
TYR OXT  O N N 360 
TYR H    H N N 361 
TYR H2   H N N 362 
TYR HA   H N N 363 
TYR HB2  H N N 364 
TYR HB3  H N N 365 
TYR HD1  H N N 366 
TYR HD2  H N N 367 
TYR HE1  H N N 368 
TYR HE2  H N N 369 
TYR HH   H N N 370 
TYR HXT  H N N 371 
VAL N    N N N 372 
VAL CA   C N S 373 
VAL C    C N N 374 
VAL O    O N N 375 
VAL CB   C N N 376 
VAL CG1  C N N 377 
VAL CG2  C N N 378 
VAL OXT  O N N 379 
VAL H    H N N 380 
VAL H2   H N N 381 
VAL HA   H N N 382 
VAL HB   H N N 383 
VAL HG11 H N N 384 
VAL HG12 H N N 385 
VAL HG13 H N N 386 
VAL HG21 H N N 387 
VAL HG22 H N N 388 
VAL HG23 H N N 389 
VAL HXT  H N N 390 
# 
loop_
_chem_comp_bond.comp_id 
_chem_comp_bond.atom_id_1 
_chem_comp_bond.atom_id_2 
_chem_comp_bond.value_order 
_chem_comp_bond.pdbx_aromatic_flag 
_chem_comp_bond.pdbx_stereo_config 
_chem_comp_bond.pdbx_ordinal 
ALA N   CA   sing N N 1   
ALA N   H    sing N N 2   
ALA N   H2   sing N N 3   
ALA CA  C    sing N N 4   
ALA CA  CB   sing N N 5   
ALA CA  HA   sing N N 6   
ALA C   O    doub N N 7   
ALA C   OXT  sing N N 8   
ALA CB  HB1  sing N N 9   
ALA CB  HB2  sing N N 10  
ALA CB  HB3  sing N N 11  
ALA OXT HXT  sing N N 12  
ARG N   CA   sing N N 13  
ARG N   H    sing N N 14  
ARG N   H2   sing N N 15  
ARG CA  C    sing N N 16  
ARG CA  CB   sing N N 17  
ARG CA  HA   sing N N 18  
ARG C   O    doub N N 19  
ARG C   OXT  sing N N 20  
ARG CB  CG   sing N N 21  
ARG CB  HB2  sing N N 22  
ARG CB  HB3  sing N N 23  
ARG CG  CD   sing N N 24  
ARG CG  HG2  sing N N 25  
ARG CG  HG3  sing N N 26  
ARG CD  NE   sing N N 27  
ARG CD  HD2  sing N N 28  
ARG CD  HD3  sing N N 29  
ARG NE  CZ   sing N N 30  
ARG NE  HE   sing N N 31  
ARG CZ  NH1  sing N N 32  
ARG CZ  NH2  doub N N 33  
ARG NH1 HH11 sing N N 34  
ARG NH1 HH12 sing N N 35  
ARG NH2 HH21 sing N N 36  
ARG NH2 HH22 sing N N 37  
ARG OXT HXT  sing N N 38  
ASN N   CA   sing N N 39  
ASN N   H    sing N N 40  
ASN N   H2   sing N N 41  
ASN CA  C    sing N N 42  
ASN CA  CB   sing N N 43  
ASN CA  HA   sing N N 44  
ASN C   O    doub N N 45  
ASN C   OXT  sing N N 46  
ASN CB  CG   sing N N 47  
ASN CB  HB2  sing N N 48  
ASN CB  HB3  sing N N 49  
ASN CG  OD1  doub N N 50  
ASN CG  ND2  sing N N 51  
ASN ND2 HD21 sing N N 52  
ASN ND2 HD22 sing N N 53  
ASN OXT HXT  sing N N 54  
ASP N   CA   sing N N 55  
ASP N   H    sing N N 56  
ASP N   H2   sing N N 57  
ASP CA  C    sing N N 58  
ASP CA  CB   sing N N 59  
ASP CA  HA   sing N N 60  
ASP C   O    doub N N 61  
ASP C   OXT  sing N N 62  
ASP CB  CG   sing N N 63  
ASP CB  HB2  sing N N 64  
ASP CB  HB3  sing N N 65  
ASP CG  OD1  doub N N 66  
ASP CG  OD2  sing N N 67  
ASP OD2 HD2  sing N N 68  
ASP OXT HXT  sing N N 69  
CYS N   CA   sing N N 70  
CYS N   H    sing N N 71  
CYS N   H2   sing N N 72  
CYS CA  C    sing N N 73  
CYS CA  CB   sing N N 74  
CYS CA  HA   sing N N 75  
CYS C   O    doub N N 76  
CYS C   OXT  sing N N 77  
CYS CB  SG   sing N N 78  
CYS CB  HB2  sing N N 79  
CYS CB  HB3  sing N N 80  
CYS SG  HG   sing N N 81  
CYS OXT HXT  sing N N 82  
GLN N   CA   sing N N 83  
GLN N   H    sing N N 84  
GLN N   H2   sing N N 85  
GLN CA  C    sing N N 86  
GLN CA  CB   sing N N 87  
GLN CA  HA   sing N N 88  
GLN C   O    doub N N 89  
GLN C   OXT  sing N N 90  
GLN CB  CG   sing N N 91  
GLN CB  HB2  sing N N 92  
GLN CB  HB3  sing N N 93  
GLN CG  CD   sing N N 94  
GLN CG  HG2  sing N N 95  
GLN CG  HG3  sing N N 96  
GLN CD  OE1  doub N N 97  
GLN CD  NE2  sing N N 98  
GLN NE2 HE21 sing N N 99  
GLN NE2 HE22 sing N N 100 
GLN OXT HXT  sing N N 101 
GLU N   CA   sing N N 102 
GLU N   H    sing N N 103 
GLU N   H2   sing N N 104 
GLU CA  C    sing N N 105 
GLU CA  CB   sing N N 106 
GLU CA  HA   sing N N 107 
GLU C   O    doub N N 108 
GLU C   OXT  sing N N 109 
GLU CB  CG   sing N N 110 
GLU CB  HB2  sing N N 111 
GLU CB  HB3  sing N N 112 
GLU CG  CD   sing N N 113 
GLU CG  HG2  sing N N 114 
GLU CG  HG3  sing N N 115 
GLU CD  OE1  doub N N 116 
GLU CD  OE2  sing N N 117 
GLU OE2 HE2  sing N N 118 
GLU OXT HXT  sing N N 119 
GLY N   CA   sing N N 120 
GLY N   H    sing N N 121 
GLY N   H2   sing N N 122 
GLY CA  C    sing N N 123 
GLY CA  HA2  sing N N 124 
GLY CA  HA3  sing N N 125 
GLY C   O    doub N N 126 
GLY C   OXT  sing N N 127 
GLY OXT HXT  sing N N 128 
HIS N   CA   sing N N 129 
HIS N   H    sing N N 130 
HIS N   H2   sing N N 131 
HIS CA  C    sing N N 132 
HIS CA  CB   sing N N 133 
HIS CA  HA   sing N N 134 
HIS C   O    doub N N 135 
HIS C   OXT  sing N N 136 
HIS CB  CG   sing N N 137 
HIS CB  HB2  sing N N 138 
HIS CB  HB3  sing N N 139 
HIS CG  ND1  sing Y N 140 
HIS CG  CD2  doub Y N 141 
HIS ND1 CE1  doub Y N 142 
HIS ND1 HD1  sing N N 143 
HIS CD2 NE2  sing Y N 144 
HIS CD2 HD2  sing N N 145 
HIS CE1 NE2  sing Y N 146 
HIS CE1 HE1  sing N N 147 
HIS NE2 HE2  sing N N 148 
HIS OXT HXT  sing N N 149 
HOH O   H1   sing N N 150 
HOH O   H2   sing N N 151 
ILE N   CA   sing N N 152 
ILE N   H    sing N N 153 
ILE N   H2   sing N N 154 
ILE CA  C    sing N N 155 
ILE CA  CB   sing N N 156 
ILE CA  HA   sing N N 157 
ILE C   O    doub N N 158 
ILE C   OXT  sing N N 159 
ILE CB  CG1  sing N N 160 
ILE CB  CG2  sing N N 161 
ILE CB  HB   sing N N 162 
ILE CG1 CD1  sing N N 163 
ILE CG1 HG12 sing N N 164 
ILE CG1 HG13 sing N N 165 
ILE CG2 HG21 sing N N 166 
ILE CG2 HG22 sing N N 167 
ILE CG2 HG23 sing N N 168 
ILE CD1 HD11 sing N N 169 
ILE CD1 HD12 sing N N 170 
ILE CD1 HD13 sing N N 171 
ILE OXT HXT  sing N N 172 
LEU N   CA   sing N N 173 
LEU N   H    sing N N 174 
LEU N   H2   sing N N 175 
LEU CA  C    sing N N 176 
LEU CA  CB   sing N N 177 
LEU CA  HA   sing N N 178 
LEU C   O    doub N N 179 
LEU C   OXT  sing N N 180 
LEU CB  CG   sing N N 181 
LEU CB  HB2  sing N N 182 
LEU CB  HB3  sing N N 183 
LEU CG  CD1  sing N N 184 
LEU CG  CD2  sing N N 185 
LEU CG  HG   sing N N 186 
LEU CD1 HD11 sing N N 187 
LEU CD1 HD12 sing N N 188 
LEU CD1 HD13 sing N N 189 
LEU CD2 HD21 sing N N 190 
LEU CD2 HD22 sing N N 191 
LEU CD2 HD23 sing N N 192 
LEU OXT HXT  sing N N 193 
LYS N   CA   sing N N 194 
LYS N   H    sing N N 195 
LYS N   H2   sing N N 196 
LYS CA  C    sing N N 197 
LYS CA  CB   sing N N 198 
LYS CA  HA   sing N N 199 
LYS C   O    doub N N 200 
LYS C   OXT  sing N N 201 
LYS CB  CG   sing N N 202 
LYS CB  HB2  sing N N 203 
LYS CB  HB3  sing N N 204 
LYS CG  CD   sing N N 205 
LYS CG  HG2  sing N N 206 
LYS CG  HG3  sing N N 207 
LYS CD  CE   sing N N 208 
LYS CD  HD2  sing N N 209 
LYS CD  HD3  sing N N 210 
LYS CE  NZ   sing N N 211 
LYS CE  HE2  sing N N 212 
LYS CE  HE3  sing N N 213 
LYS NZ  HZ1  sing N N 214 
LYS NZ  HZ2  sing N N 215 
LYS NZ  HZ3  sing N N 216 
LYS OXT HXT  sing N N 217 
MET N   CA   sing N N 218 
MET N   H    sing N N 219 
MET N   H2   sing N N 220 
MET CA  C    sing N N 221 
MET CA  CB   sing N N 222 
MET CA  HA   sing N N 223 
MET C   O    doub N N 224 
MET C   OXT  sing N N 225 
MET CB  CG   sing N N 226 
MET CB  HB2  sing N N 227 
MET CB  HB3  sing N N 228 
MET CG  SD   sing N N 229 
MET CG  HG2  sing N N 230 
MET CG  HG3  sing N N 231 
MET SD  CE   sing N N 232 
MET CE  HE1  sing N N 233 
MET CE  HE2  sing N N 234 
MET CE  HE3  sing N N 235 
MET OXT HXT  sing N N 236 
PHE N   CA   sing N N 237 
PHE N   H    sing N N 238 
PHE N   H2   sing N N 239 
PHE CA  C    sing N N 240 
PHE CA  CB   sing N N 241 
PHE CA  HA   sing N N 242 
PHE C   O    doub N N 243 
PHE C   OXT  sing N N 244 
PHE CB  CG   sing N N 245 
PHE CB  HB2  sing N N 246 
PHE CB  HB3  sing N N 247 
PHE CG  CD1  doub Y N 248 
PHE CG  CD2  sing Y N 249 
PHE CD1 CE1  sing Y N 250 
PHE CD1 HD1  sing N N 251 
PHE CD2 CE2  doub Y N 252 
PHE CD2 HD2  sing N N 253 
PHE CE1 CZ   doub Y N 254 
PHE CE1 HE1  sing N N 255 
PHE CE2 CZ   sing Y N 256 
PHE CE2 HE2  sing N N 257 
PHE CZ  HZ   sing N N 258 
PHE OXT HXT  sing N N 259 
PRO N   CA   sing N N 260 
PRO N   CD   sing N N 261 
PRO N   H    sing N N 262 
PRO CA  C    sing N N 263 
PRO CA  CB   sing N N 264 
PRO CA  HA   sing N N 265 
PRO C   O    doub N N 266 
PRO C   OXT  sing N N 267 
PRO CB  CG   sing N N 268 
PRO CB  HB2  sing N N 269 
PRO CB  HB3  sing N N 270 
PRO CG  CD   sing N N 271 
PRO CG  HG2  sing N N 272 
PRO CG  HG3  sing N N 273 
PRO CD  HD2  sing N N 274 
PRO CD  HD3  sing N N 275 
PRO OXT HXT  sing N N 276 
SER N   CA   sing N N 277 
SER N   H    sing N N 278 
SER N   H2   sing N N 279 
SER CA  C    sing N N 280 
SER CA  CB   sing N N 281 
SER CA  HA   sing N N 282 
SER C   O    doub N N 283 
SER C   OXT  sing N N 284 
SER CB  OG   sing N N 285 
SER CB  HB2  sing N N 286 
SER CB  HB3  sing N N 287 
SER OG  HG   sing N N 288 
SER OXT HXT  sing N N 289 
THR N   CA   sing N N 290 
THR N   H    sing N N 291 
THR N   H2   sing N N 292 
THR CA  C    sing N N 293 
THR CA  CB   sing N N 294 
THR CA  HA   sing N N 295 
THR C   O    doub N N 296 
THR C   OXT  sing N N 297 
THR CB  OG1  sing N N 298 
THR CB  CG2  sing N N 299 
THR CB  HB   sing N N 300 
THR OG1 HG1  sing N N 301 
THR CG2 HG21 sing N N 302 
THR CG2 HG22 sing N N 303 
THR CG2 HG23 sing N N 304 
THR OXT HXT  sing N N 305 
TRP N   CA   sing N N 306 
TRP N   H    sing N N 307 
TRP N   H2   sing N N 308 
TRP CA  C    sing N N 309 
TRP CA  CB   sing N N 310 
TRP CA  HA   sing N N 311 
TRP C   O    doub N N 312 
TRP C   OXT  sing N N 313 
TRP CB  CG   sing N N 314 
TRP CB  HB2  sing N N 315 
TRP CB  HB3  sing N N 316 
TRP CG  CD1  doub Y N 317 
TRP CG  CD2  sing Y N 318 
TRP CD1 NE1  sing Y N 319 
TRP CD1 HD1  sing N N 320 
TRP CD2 CE2  doub Y N 321 
TRP CD2 CE3  sing Y N 322 
TRP NE1 CE2  sing Y N 323 
TRP NE1 HE1  sing N N 324 
TRP CE2 CZ2  sing Y N 325 
TRP CE3 CZ3  doub Y N 326 
TRP CE3 HE3  sing N N 327 
TRP CZ2 CH2  doub Y N 328 
TRP CZ2 HZ2  sing N N 329 
TRP CZ3 CH2  sing Y N 330 
TRP CZ3 HZ3  sing N N 331 
TRP CH2 HH2  sing N N 332 
TRP OXT HXT  sing N N 333 
TYR N   CA   sing N N 334 
TYR N   H    sing N N 335 
TYR N   H2   sing N N 336 
TYR CA  C    sing N N 337 
TYR CA  CB   sing N N 338 
TYR CA  HA   sing N N 339 
TYR C   O    doub N N 340 
TYR C   OXT  sing N N 341 
TYR CB  CG   sing N N 342 
TYR CB  HB2  sing N N 343 
TYR CB  HB3  sing N N 344 
TYR CG  CD1  doub Y N 345 
TYR CG  CD2  sing Y N 346 
TYR CD1 CE1  sing Y N 347 
TYR CD1 HD1  sing N N 348 
TYR CD2 CE2  doub Y N 349 
TYR CD2 HD2  sing N N 350 
TYR CE1 CZ   doub Y N 351 
TYR CE1 HE1  sing N N 352 
TYR CE2 CZ   sing Y N 353 
TYR CE2 HE2  sing N N 354 
TYR CZ  OH   sing N N 355 
TYR OH  HH   sing N N 356 
TYR OXT HXT  sing N N 357 
VAL N   CA   sing N N 358 
VAL N   H    sing N N 359 
VAL N   H2   sing N N 360 
VAL CA  C    sing N N 361 
VAL CA  CB   sing N N 362 
VAL CA  HA   sing N N 363 
VAL C   O    doub N N 364 
VAL C   OXT  sing N N 365 
VAL CB  CG1  sing N N 366 
VAL CB  CG2  sing N N 367 
VAL CB  HB   sing N N 368 
VAL CG1 HG11 sing N N 369 
VAL CG1 HG12 sing N N 370 
VAL CG1 HG13 sing N N 371 
VAL CG2 HG21 sing N N 372 
VAL CG2 HG22 sing N N 373 
VAL CG2 HG23 sing N N 374 
VAL OXT HXT  sing N N 375 
# 
_pdbx_entity_nonpoly.entity_id   2 
_pdbx_entity_nonpoly.name        water 
_pdbx_entity_nonpoly.comp_id     HOH 
# 
_pdbx_initial_refinement_model.id               1 
_pdbx_initial_refinement_model.entity_id_list   ? 
_pdbx_initial_refinement_model.type             'experimental model' 
_pdbx_initial_refinement_model.source_name      PDB 
_pdbx_initial_refinement_model.accession_code   2QE3 
_pdbx_initial_refinement_model.details          'PDB ENTRY 2QE3' 
# 
